data_1FLP
# 
_entry.id   1FLP 
# 
_audit_conform.dict_name       mmcif_pdbx.dic 
_audit_conform.dict_version    5.385 
_audit_conform.dict_location   http://mmcif.pdb.org/dictionaries/ascii/mmcif_pdbx.dic 
# 
loop_
_database_2.database_id 
_database_2.database_code 
_database_2.pdbx_database_accession 
_database_2.pdbx_DOI 
PDB   1FLP         pdb_00001flp 10.2210/pdb1flp/pdb 
WWPDB D_1000173333 ?            ?                   
# 
loop_
_pdbx_audit_revision_history.ordinal 
_pdbx_audit_revision_history.data_content_type 
_pdbx_audit_revision_history.major_revision 
_pdbx_audit_revision_history.minor_revision 
_pdbx_audit_revision_history.revision_date 
1 'Structure model' 1 0 1994-07-31 
2 'Structure model' 1 1 2008-03-24 
3 'Structure model' 1 2 2011-07-13 
4 'Structure model' 1 3 2024-02-07 
# 
_pdbx_audit_revision_details.ordinal             1 
_pdbx_audit_revision_details.revision_ordinal    1 
_pdbx_audit_revision_details.data_content_type   'Structure model' 
_pdbx_audit_revision_details.provider            repository 
_pdbx_audit_revision_details.type                'Initial release' 
_pdbx_audit_revision_details.description         ? 
_pdbx_audit_revision_details.details             ? 
# 
loop_
_pdbx_audit_revision_group.ordinal 
_pdbx_audit_revision_group.revision_ordinal 
_pdbx_audit_revision_group.data_content_type 
_pdbx_audit_revision_group.group 
1 2 'Structure model' 'Version format compliance' 
2 3 'Structure model' 'Version format compliance' 
3 4 'Structure model' 'Data collection'           
4 4 'Structure model' 'Database references'       
5 4 'Structure model' 'Derived calculations'      
# 
loop_
_pdbx_audit_revision_category.ordinal 
_pdbx_audit_revision_category.revision_ordinal 
_pdbx_audit_revision_category.data_content_type 
_pdbx_audit_revision_category.category 
1 4 'Structure model' chem_comp_atom 
2 4 'Structure model' chem_comp_bond 
3 4 'Structure model' database_2     
4 4 'Structure model' struct_conn    
5 4 'Structure model' struct_site    
# 
loop_
_pdbx_audit_revision_item.ordinal 
_pdbx_audit_revision_item.revision_ordinal 
_pdbx_audit_revision_item.data_content_type 
_pdbx_audit_revision_item.item 
1  4 'Structure model' '_database_2.pdbx_DOI'                
2  4 'Structure model' '_database_2.pdbx_database_accession' 
3  4 'Structure model' '_struct_conn.ptnr1_auth_comp_id'     
4  4 'Structure model' '_struct_conn.ptnr1_auth_seq_id'      
5  4 'Structure model' '_struct_conn.ptnr1_label_asym_id'    
6  4 'Structure model' '_struct_conn.ptnr1_label_atom_id'    
7  4 'Structure model' '_struct_conn.ptnr1_label_comp_id'    
8  4 'Structure model' '_struct_conn.ptnr1_label_seq_id'     
9  4 'Structure model' '_struct_conn.ptnr2_auth_comp_id'     
10 4 'Structure model' '_struct_conn.ptnr2_auth_seq_id'      
11 4 'Structure model' '_struct_conn.ptnr2_label_asym_id'    
12 4 'Structure model' '_struct_conn.ptnr2_label_atom_id'    
13 4 'Structure model' '_struct_conn.ptnr2_label_comp_id'    
14 4 'Structure model' '_struct_conn.ptnr2_label_seq_id'     
15 4 'Structure model' '_struct_site.pdbx_auth_asym_id'      
16 4 'Structure model' '_struct_site.pdbx_auth_comp_id'      
17 4 'Structure model' '_struct_site.pdbx_auth_seq_id'       
# 
_pdbx_database_status.status_code                     REL 
_pdbx_database_status.entry_id                        1FLP 
_pdbx_database_status.recvd_initial_deposition_date   1994-05-16 
_pdbx_database_status.deposit_site                    ? 
_pdbx_database_status.process_site                    BNL 
_pdbx_database_status.status_code_sf                  REL 
_pdbx_database_status.status_code_mr                  ? 
_pdbx_database_status.SG_entry                        ? 
_pdbx_database_status.pdb_format_compatible           Y 
_pdbx_database_status.status_code_cs                  ? 
_pdbx_database_status.status_code_nmr_data            ? 
_pdbx_database_status.methods_development_category    ? 
# 
loop_
_audit_author.name 
_audit_author.pdbx_ordinal 
'Rizzi, M.'        1 
'Wittenberg, J.B.' 2 
'Ascenzi, P.'      3 
'Fasano, M.'       4 
'Coda, A.'         5 
'Bolognesi, M.'    6 
# 
loop_
_citation.id 
_citation.title 
_citation.journal_abbrev 
_citation.journal_volume 
_citation.page_first 
_citation.page_last 
_citation.year 
_citation.journal_id_ASTM 
_citation.country 
_citation.journal_id_ISSN 
_citation.journal_id_CSD 
_citation.book_publisher 
_citation.pdbx_database_id_PubMed 
_citation.pdbx_database_id_DOI 
primary 
'Structure of the sulfide-reactive hemoglobin from the clam Lucina pectinata. Crystallographic analysis at 1.5 A resolution.' 
J.Mol.Biol.  244 86    99 1994 JMOBAK UK 0022-2836 0070 ? 7966324 10.1006/jmbi.1994.1706 
1       'Crystallization and Preliminary Data for the Ferric Form of Lucina Pectinata Hemoglobin I' J.Mol.Biol.  222 447   ?  1991 
JMOBAK UK 0022-2836 0070 ? ?       ?                      
2       
;Hemoglobins of the Lucina Pectinata(Slash)Bacteria Symbiosis. I. Molecular Properties, Kinetics and Equilibria of Reactions with Ligands
;
J.Biol.Chem. 265 16043 ?  1990 JBCHA3 US 0021-9258 0071 ? ?       ?                      
# 
loop_
_citation_author.citation_id 
_citation_author.name 
_citation_author.ordinal 
_citation_author.identifier_ORCID 
primary 'Rizzi, M.'        1  ? 
primary 'Wittenberg, J.B.' 2  ? 
primary 'Coda, A.'         3  ? 
primary 'Fasano, M.'       4  ? 
primary 'Ascenzi, P.'      5  ? 
primary 'Bolognesi, M.'    6  ? 
1       'Casale, E.'       7  ? 
1       'Lionetti, C.'     8  ? 
1       'Coda, A.'         9  ? 
1       'Merli, A.'        10 ? 
1       'Ascenzi, P.'      11 ? 
1       'Wittenberg, J.B.' 12 ? 
1       'Bolognesi, M.'    13 ? 
2       'Kraus, D.W.'      14 ? 
2       'Wittenberg, J.B.' 15 ? 
# 
loop_
_entity.id 
_entity.type 
_entity.src_method 
_entity.pdbx_description 
_entity.formula_weight 
_entity.pdbx_number_of_molecules 
_entity.pdbx_ec 
_entity.pdbx_mutation 
_entity.pdbx_fragment 
_entity.details 
1 polymer     man 'HEMOGLOBIN I (AQUO MET)'         14759.440 1   ? ? ? ? 
2 non-polymer syn 'PROTOPORPHYRIN IX CONTAINING FE' 616.487   1   ? ? ? ? 
3 water       nat water                             18.015    131 ? ? ? ? 
# 
_entity_poly.entity_id                      1 
_entity_poly.type                           'polypeptide(L)' 
_entity_poly.nstd_linkage                   no 
_entity_poly.nstd_monomer                   no 
_entity_poly.pdbx_seq_one_letter_code       
;SLEAAQKSNVTSSWAKASAAWGTAGPEFFMALFDAHDDVFAKFSGLFSGAAKGTVKNTPEMAAQAQSFKGLVSNWVDNLD
NAGALEGQCKTFAANHKARGISAGQLEAAFKVLSGFMKSYGGDEGAWTAVAGALMGEIEPDM
;
_entity_poly.pdbx_seq_one_letter_code_can   
;SLEAAQKSNVTSSWAKASAAWGTAGPEFFMALFDAHDDVFAKFSGLFSGAAKGTVKNTPEMAAQAQSFKGLVSNWVDNLD
NAGALEGQCKTFAANHKARGISAGQLEAAFKVLSGFMKSYGGDEGAWTAVAGALMGEIEPDM
;
_entity_poly.pdbx_strand_id                 A 
_entity_poly.pdbx_target_identifier         ? 
# 
loop_
_pdbx_entity_nonpoly.entity_id 
_pdbx_entity_nonpoly.name 
_pdbx_entity_nonpoly.comp_id 
2 'PROTOPORPHYRIN IX CONTAINING FE' HEM 
3 water                             HOH 
# 
loop_
_entity_poly_seq.entity_id 
_entity_poly_seq.num 
_entity_poly_seq.mon_id 
_entity_poly_seq.hetero 
1 1   SER n 
1 2   LEU n 
1 3   GLU n 
1 4   ALA n 
1 5   ALA n 
1 6   GLN n 
1 7   LYS n 
1 8   SER n 
1 9   ASN n 
1 10  VAL n 
1 11  THR n 
1 12  SER n 
1 13  SER n 
1 14  TRP n 
1 15  ALA n 
1 16  LYS n 
1 17  ALA n 
1 18  SER n 
1 19  ALA n 
1 20  ALA n 
1 21  TRP n 
1 22  GLY n 
1 23  THR n 
1 24  ALA n 
1 25  GLY n 
1 26  PRO n 
1 27  GLU n 
1 28  PHE n 
1 29  PHE n 
1 30  MET n 
1 31  ALA n 
1 32  LEU n 
1 33  PHE n 
1 34  ASP n 
1 35  ALA n 
1 36  HIS n 
1 37  ASP n 
1 38  ASP n 
1 39  VAL n 
1 40  PHE n 
1 41  ALA n 
1 42  LYS n 
1 43  PHE n 
1 44  SER n 
1 45  GLY n 
1 46  LEU n 
1 47  PHE n 
1 48  SER n 
1 49  GLY n 
1 50  ALA n 
1 51  ALA n 
1 52  LYS n 
1 53  GLY n 
1 54  THR n 
1 55  VAL n 
1 56  LYS n 
1 57  ASN n 
1 58  THR n 
1 59  PRO n 
1 60  GLU n 
1 61  MET n 
1 62  ALA n 
1 63  ALA n 
1 64  GLN n 
1 65  ALA n 
1 66  GLN n 
1 67  SER n 
1 68  PHE n 
1 69  LYS n 
1 70  GLY n 
1 71  LEU n 
1 72  VAL n 
1 73  SER n 
1 74  ASN n 
1 75  TRP n 
1 76  VAL n 
1 77  ASP n 
1 78  ASN n 
1 79  LEU n 
1 80  ASP n 
1 81  ASN n 
1 82  ALA n 
1 83  GLY n 
1 84  ALA n 
1 85  LEU n 
1 86  GLU n 
1 87  GLY n 
1 88  GLN n 
1 89  CYS n 
1 90  LYS n 
1 91  THR n 
1 92  PHE n 
1 93  ALA n 
1 94  ALA n 
1 95  ASN n 
1 96  HIS n 
1 97  LYS n 
1 98  ALA n 
1 99  ARG n 
1 100 GLY n 
1 101 ILE n 
1 102 SER n 
1 103 ALA n 
1 104 GLY n 
1 105 GLN n 
1 106 LEU n 
1 107 GLU n 
1 108 ALA n 
1 109 ALA n 
1 110 PHE n 
1 111 LYS n 
1 112 VAL n 
1 113 LEU n 
1 114 SER n 
1 115 GLY n 
1 116 PHE n 
1 117 MET n 
1 118 LYS n 
1 119 SER n 
1 120 TYR n 
1 121 GLY n 
1 122 GLY n 
1 123 ASP n 
1 124 GLU n 
1 125 GLY n 
1 126 ALA n 
1 127 TRP n 
1 128 THR n 
1 129 ALA n 
1 130 VAL n 
1 131 ALA n 
1 132 GLY n 
1 133 ALA n 
1 134 LEU n 
1 135 MET n 
1 136 GLY n 
1 137 GLU n 
1 138 ILE n 
1 139 GLU n 
1 140 PRO n 
1 141 ASP n 
1 142 MET n 
# 
_entity_src_gen.entity_id                          1 
_entity_src_gen.pdbx_src_id                        1 
_entity_src_gen.pdbx_alt_source_flag               sample 
_entity_src_gen.pdbx_seq_type                      ? 
_entity_src_gen.pdbx_beg_seq_num                   ? 
_entity_src_gen.pdbx_end_seq_num                   ? 
_entity_src_gen.gene_src_common_name               ? 
_entity_src_gen.gene_src_genus                     Lucina 
_entity_src_gen.pdbx_gene_src_gene                 ? 
_entity_src_gen.gene_src_species                   ? 
_entity_src_gen.gene_src_strain                    ? 
_entity_src_gen.gene_src_tissue                    ? 
_entity_src_gen.gene_src_tissue_fraction           ? 
_entity_src_gen.gene_src_details                   ? 
_entity_src_gen.pdbx_gene_src_fragment             ? 
_entity_src_gen.pdbx_gene_src_scientific_name      'Lucina pectinata' 
_entity_src_gen.pdbx_gene_src_ncbi_taxonomy_id     29163 
_entity_src_gen.pdbx_gene_src_variant              ? 
_entity_src_gen.pdbx_gene_src_cell_line            ? 
_entity_src_gen.pdbx_gene_src_atcc                 ? 
_entity_src_gen.pdbx_gene_src_organ                ? 
_entity_src_gen.pdbx_gene_src_organelle            ? 
_entity_src_gen.pdbx_gene_src_cell                 ? 
_entity_src_gen.pdbx_gene_src_cellular_location    ? 
_entity_src_gen.host_org_common_name               ? 
_entity_src_gen.pdbx_host_org_scientific_name      ? 
_entity_src_gen.pdbx_host_org_ncbi_taxonomy_id     ? 
_entity_src_gen.host_org_genus                     ? 
_entity_src_gen.pdbx_host_org_gene                 ? 
_entity_src_gen.pdbx_host_org_organ                ? 
_entity_src_gen.host_org_species                   ? 
_entity_src_gen.pdbx_host_org_tissue               ? 
_entity_src_gen.pdbx_host_org_tissue_fraction      ? 
_entity_src_gen.pdbx_host_org_strain               ? 
_entity_src_gen.pdbx_host_org_variant              ? 
_entity_src_gen.pdbx_host_org_cell_line            ? 
_entity_src_gen.pdbx_host_org_atcc                 ? 
_entity_src_gen.pdbx_host_org_culture_collection   ? 
_entity_src_gen.pdbx_host_org_cell                 ? 
_entity_src_gen.pdbx_host_org_organelle            ? 
_entity_src_gen.pdbx_host_org_cellular_location    ? 
_entity_src_gen.pdbx_host_org_vector_type          ? 
_entity_src_gen.pdbx_host_org_vector               ? 
_entity_src_gen.host_org_details                   ? 
_entity_src_gen.expression_system_id               ? 
_entity_src_gen.plasmid_name                       ? 
_entity_src_gen.plasmid_details                    ? 
_entity_src_gen.pdbx_description                   ? 
# 
loop_
_chem_comp.id 
_chem_comp.type 
_chem_comp.mon_nstd_flag 
_chem_comp.name 
_chem_comp.pdbx_synonyms 
_chem_comp.formula 
_chem_comp.formula_weight 
ALA 'L-peptide linking' y ALANINE                           ?    'C3 H7 N O2'       89.093  
ARG 'L-peptide linking' y ARGININE                          ?    'C6 H15 N4 O2 1'   175.209 
ASN 'L-peptide linking' y ASPARAGINE                        ?    'C4 H8 N2 O3'      132.118 
ASP 'L-peptide linking' y 'ASPARTIC ACID'                   ?    'C4 H7 N O4'       133.103 
CYS 'L-peptide linking' y CYSTEINE                          ?    'C3 H7 N O2 S'     121.158 
GLN 'L-peptide linking' y GLUTAMINE                         ?    'C5 H10 N2 O3'     146.144 
GLU 'L-peptide linking' y 'GLUTAMIC ACID'                   ?    'C5 H9 N O4'       147.129 
GLY 'peptide linking'   y GLYCINE                           ?    'C2 H5 N O2'       75.067  
HEM non-polymer         . 'PROTOPORPHYRIN IX CONTAINING FE' HEME 'C34 H32 Fe N4 O4' 616.487 
HIS 'L-peptide linking' y HISTIDINE                         ?    'C6 H10 N3 O2 1'   156.162 
HOH non-polymer         . WATER                             ?    'H2 O'             18.015  
ILE 'L-peptide linking' y ISOLEUCINE                        ?    'C6 H13 N O2'      131.173 
LEU 'L-peptide linking' y LEUCINE                           ?    'C6 H13 N O2'      131.173 
LYS 'L-peptide linking' y LYSINE                            ?    'C6 H15 N2 O2 1'   147.195 
MET 'L-peptide linking' y METHIONINE                        ?    'C5 H11 N O2 S'    149.211 
PHE 'L-peptide linking' y PHENYLALANINE                     ?    'C9 H11 N O2'      165.189 
PRO 'L-peptide linking' y PROLINE                           ?    'C5 H9 N O2'       115.130 
SER 'L-peptide linking' y SERINE                            ?    'C3 H7 N O3'       105.093 
THR 'L-peptide linking' y THREONINE                         ?    'C4 H9 N O3'       119.119 
TRP 'L-peptide linking' y TRYPTOPHAN                        ?    'C11 H12 N2 O2'    204.225 
TYR 'L-peptide linking' y TYROSINE                          ?    'C9 H11 N O3'      181.189 
VAL 'L-peptide linking' y VALINE                            ?    'C5 H11 N O2'      117.146 
# 
loop_
_pdbx_poly_seq_scheme.asym_id 
_pdbx_poly_seq_scheme.entity_id 
_pdbx_poly_seq_scheme.seq_id 
_pdbx_poly_seq_scheme.mon_id 
_pdbx_poly_seq_scheme.ndb_seq_num 
_pdbx_poly_seq_scheme.pdb_seq_num 
_pdbx_poly_seq_scheme.auth_seq_num 
_pdbx_poly_seq_scheme.pdb_mon_id 
_pdbx_poly_seq_scheme.auth_mon_id 
_pdbx_poly_seq_scheme.pdb_strand_id 
_pdbx_poly_seq_scheme.pdb_ins_code 
_pdbx_poly_seq_scheme.hetero 
A 1 1   SER 1   1   1   SER SER A . n 
A 1 2   LEU 2   2   2   LEU LEU A . n 
A 1 3   GLU 3   3   3   GLU GLU A . n 
A 1 4   ALA 4   4   4   ALA ALA A . n 
A 1 5   ALA 5   5   5   ALA ALA A . n 
A 1 6   GLN 6   6   6   GLN GLN A . n 
A 1 7   LYS 7   7   7   LYS LYS A . n 
A 1 8   SER 8   8   8   SER SER A . n 
A 1 9   ASN 9   9   9   ASN ASN A . n 
A 1 10  VAL 10  10  10  VAL VAL A . n 
A 1 11  THR 11  11  11  THR THR A . n 
A 1 12  SER 12  12  12  SER SER A . n 
A 1 13  SER 13  13  13  SER SER A . n 
A 1 14  TRP 14  14  14  TRP TRP A . n 
A 1 15  ALA 15  15  15  ALA ALA A . n 
A 1 16  LYS 16  16  16  LYS LYS A . n 
A 1 17  ALA 17  17  17  ALA ALA A . n 
A 1 18  SER 18  18  18  SER SER A . n 
A 1 19  ALA 19  19  19  ALA ALA A . n 
A 1 20  ALA 20  20  20  ALA ALA A . n 
A 1 21  TRP 21  21  21  TRP TRP A . n 
A 1 22  GLY 22  22  22  GLY GLY A . n 
A 1 23  THR 23  23  23  THR THR A . n 
A 1 24  ALA 24  24  24  ALA ALA A . n 
A 1 25  GLY 25  25  25  GLY GLY A . n 
A 1 26  PRO 26  26  26  PRO PRO A . n 
A 1 27  GLU 27  27  27  GLU GLU A . n 
A 1 28  PHE 28  28  28  PHE PHE A . n 
A 1 29  PHE 29  29  29  PHE PHE A . n 
A 1 30  MET 30  30  30  MET MET A . n 
A 1 31  ALA 31  31  31  ALA ALA A . n 
A 1 32  LEU 32  32  32  LEU LEU A . n 
A 1 33  PHE 33  33  33  PHE PHE A . n 
A 1 34  ASP 34  34  34  ASP ASP A . n 
A 1 35  ALA 35  35  35  ALA ALA A . n 
A 1 36  HIS 36  36  36  HIS HIS A . n 
A 1 37  ASP 37  37  37  ASP ASP A . n 
A 1 38  ASP 38  38  38  ASP ASP A . n 
A 1 39  VAL 39  39  39  VAL VAL A . n 
A 1 40  PHE 40  40  40  PHE PHE A . n 
A 1 41  ALA 41  41  41  ALA ALA A . n 
A 1 42  LYS 42  42  42  LYS LYS A . n 
A 1 43  PHE 43  43  43  PHE PHE A . n 
A 1 44  SER 44  44  44  SER SER A . n 
A 1 45  GLY 45  45  45  GLY GLY A . n 
A 1 46  LEU 46  46  46  LEU LEU A . n 
A 1 47  PHE 47  47  47  PHE PHE A . n 
A 1 48  SER 48  48  48  SER SER A . n 
A 1 49  GLY 49  49  49  GLY GLY A . n 
A 1 50  ALA 50  50  50  ALA ALA A . n 
A 1 51  ALA 51  51  51  ALA ALA A . n 
A 1 52  LYS 52  52  52  LYS LYS A . n 
A 1 53  GLY 53  53  53  GLY GLY A . n 
A 1 54  THR 54  54  54  THR THR A . n 
A 1 55  VAL 55  55  55  VAL VAL A . n 
A 1 56  LYS 56  56  56  LYS LYS A . n 
A 1 57  ASN 57  57  57  ASN ASN A . n 
A 1 58  THR 58  58  58  THR THR A . n 
A 1 59  PRO 59  59  59  PRO PRO A . n 
A 1 60  GLU 60  60  60  GLU GLU A . n 
A 1 61  MET 61  61  61  MET MET A . n 
A 1 62  ALA 62  62  62  ALA ALA A . n 
A 1 63  ALA 63  63  63  ALA ALA A . n 
A 1 64  GLN 64  64  64  GLN GLN A . n 
A 1 65  ALA 65  65  65  ALA ALA A . n 
A 1 66  GLN 66  66  66  GLN GLN A . n 
A 1 67  SER 67  67  67  SER SER A . n 
A 1 68  PHE 68  68  68  PHE PHE A . n 
A 1 69  LYS 69  69  69  LYS LYS A . n 
A 1 70  GLY 70  70  70  GLY GLY A . n 
A 1 71  LEU 71  71  71  LEU LEU A . n 
A 1 72  VAL 72  72  72  VAL VAL A . n 
A 1 73  SER 73  73  73  SER SER A . n 
A 1 74  ASN 74  74  74  ASN ASN A . n 
A 1 75  TRP 75  75  75  TRP TRP A . n 
A 1 76  VAL 76  76  76  VAL VAL A . n 
A 1 77  ASP 77  77  77  ASP ASP A . n 
A 1 78  ASN 78  78  78  ASN ASN A . n 
A 1 79  LEU 79  79  79  LEU LEU A . n 
A 1 80  ASP 80  80  80  ASP ASP A . n 
A 1 81  ASN 81  81  81  ASN ASN A . n 
A 1 82  ALA 82  82  82  ALA ALA A . n 
A 1 83  GLY 83  83  83  GLY GLY A . n 
A 1 84  ALA 84  84  84  ALA ALA A . n 
A 1 85  LEU 85  85  85  LEU LEU A . n 
A 1 86  GLU 86  86  86  GLU GLU A . n 
A 1 87  GLY 87  87  87  GLY GLY A . n 
A 1 88  GLN 88  88  88  GLN GLN A . n 
A 1 89  CYS 89  89  89  CYS CYS A . n 
A 1 90  LYS 90  90  90  LYS LYS A . n 
A 1 91  THR 91  91  91  THR THR A . n 
A 1 92  PHE 92  92  92  PHE PHE A . n 
A 1 93  ALA 93  93  93  ALA ALA A . n 
A 1 94  ALA 94  94  94  ALA ALA A . n 
A 1 95  ASN 95  95  95  ASN ASN A . n 
A 1 96  HIS 96  96  96  HIS HIS A . n 
A 1 97  LYS 97  97  97  LYS LYS A . n 
A 1 98  ALA 98  98  98  ALA ALA A . n 
A 1 99  ARG 99  99  99  ARG ARG A . n 
A 1 100 GLY 100 100 100 GLY GLY A . n 
A 1 101 ILE 101 101 101 ILE ILE A . n 
A 1 102 SER 102 102 102 SER SER A . n 
A 1 103 ALA 103 103 103 ALA ALA A . n 
A 1 104 GLY 104 104 104 GLY GLY A . n 
A 1 105 GLN 105 105 105 GLN GLN A . n 
A 1 106 LEU 106 106 106 LEU LEU A . n 
A 1 107 GLU 107 107 107 GLU GLU A . n 
A 1 108 ALA 108 108 108 ALA ALA A . n 
A 1 109 ALA 109 109 109 ALA ALA A . n 
A 1 110 PHE 110 110 110 PHE PHE A . n 
A 1 111 LYS 111 111 111 LYS LYS A . n 
A 1 112 VAL 112 112 112 VAL VAL A . n 
A 1 113 LEU 113 113 113 LEU LEU A . n 
A 1 114 SER 114 114 114 SER SER A . n 
A 1 115 GLY 115 115 115 GLY GLY A . n 
A 1 116 PHE 116 116 116 PHE PHE A . n 
A 1 117 MET 117 117 117 MET MET A . n 
A 1 118 LYS 118 118 118 LYS LYS A . n 
A 1 119 SER 119 119 119 SER SER A . n 
A 1 120 TYR 120 120 120 TYR TYR A . n 
A 1 121 GLY 121 121 121 GLY GLY A . n 
A 1 122 GLY 122 122 122 GLY GLY A . n 
A 1 123 ASP 123 123 123 ASP ASP A . n 
A 1 124 GLU 124 124 124 GLU GLU A . n 
A 1 125 GLY 125 125 125 GLY GLY A . n 
A 1 126 ALA 126 126 126 ALA ALA A . n 
A 1 127 TRP 127 127 127 TRP TRP A . n 
A 1 128 THR 128 128 128 THR THR A . n 
A 1 129 ALA 129 129 129 ALA ALA A . n 
A 1 130 VAL 130 130 130 VAL VAL A . n 
A 1 131 ALA 131 131 131 ALA ALA A . n 
A 1 132 GLY 132 132 132 GLY GLY A . n 
A 1 133 ALA 133 133 133 ALA ALA A . n 
A 1 134 LEU 134 134 134 LEU LEU A . n 
A 1 135 MET 135 135 135 MET MET A . n 
A 1 136 GLY 136 136 136 GLY GLY A . n 
A 1 137 GLU 137 137 137 GLU GLU A . n 
A 1 138 ILE 138 138 138 ILE ILE A . n 
A 1 139 GLU 139 139 139 GLU GLU A . n 
A 1 140 PRO 140 140 140 PRO PRO A . n 
A 1 141 ASP 141 141 141 ASP ASP A . n 
A 1 142 MET 142 142 142 MET MET A . n 
# 
loop_
_pdbx_nonpoly_scheme.asym_id 
_pdbx_nonpoly_scheme.entity_id 
_pdbx_nonpoly_scheme.mon_id 
_pdbx_nonpoly_scheme.ndb_seq_num 
_pdbx_nonpoly_scheme.pdb_seq_num 
_pdbx_nonpoly_scheme.auth_seq_num 
_pdbx_nonpoly_scheme.pdb_mon_id 
_pdbx_nonpoly_scheme.auth_mon_id 
_pdbx_nonpoly_scheme.pdb_strand_id 
_pdbx_nonpoly_scheme.pdb_ins_code 
B 2 HEM 1   143 143 HEM HEM A . 
C 3 HOH 1   202 202 HOH HOH A . 
C 3 HOH 2   203 203 HOH HOH A . 
C 3 HOH 3   204 204 HOH HOH A . 
C 3 HOH 4   205 205 HOH HOH A . 
C 3 HOH 5   207 207 HOH HOH A . 
C 3 HOH 6   208 208 HOH HOH A . 
C 3 HOH 7   210 210 HOH HOH A . 
C 3 HOH 8   211 211 HOH HOH A . 
C 3 HOH 9   212 212 HOH HOH A . 
C 3 HOH 10  213 213 HOH HOH A . 
C 3 HOH 11  214 214 HOH HOH A . 
C 3 HOH 12  215 215 HOH HOH A . 
C 3 HOH 13  216 216 HOH HOH A . 
C 3 HOH 14  219 219 HOH HOH A . 
C 3 HOH 15  220 220 HOH HOH A . 
C 3 HOH 16  221 221 HOH HOH A . 
C 3 HOH 17  222 222 HOH HOH A . 
C 3 HOH 18  226 226 HOH HOH A . 
C 3 HOH 19  228 228 HOH HOH A . 
C 3 HOH 20  229 229 HOH HOH A . 
C 3 HOH 21  230 230 HOH HOH A . 
C 3 HOH 22  231 231 HOH HOH A . 
C 3 HOH 23  232 232 HOH HOH A . 
C 3 HOH 24  233 233 HOH HOH A . 
C 3 HOH 25  235 235 HOH HOH A . 
C 3 HOH 26  236 236 HOH HOH A . 
C 3 HOH 27  237 237 HOH HOH A . 
C 3 HOH 28  239 239 HOH HOH A . 
C 3 HOH 29  240 240 HOH HOH A . 
C 3 HOH 30  243 243 HOH HOH A . 
C 3 HOH 31  245 245 HOH HOH A . 
C 3 HOH 32  247 247 HOH HOH A . 
C 3 HOH 33  248 248 HOH HOH A . 
C 3 HOH 34  250 250 HOH HOH A . 
C 3 HOH 35  251 251 HOH HOH A . 
C 3 HOH 36  254 254 HOH HOH A . 
C 3 HOH 37  255 255 HOH HOH A . 
C 3 HOH 38  257 257 HOH HOH A . 
C 3 HOH 39  258 258 HOH HOH A . 
C 3 HOH 40  260 260 HOH HOH A . 
C 3 HOH 41  262 262 HOH HOH A . 
C 3 HOH 42  263 263 HOH HOH A . 
C 3 HOH 43  265 265 HOH HOH A . 
C 3 HOH 44  266 266 HOH HOH A . 
C 3 HOH 45  267 267 HOH HOH A . 
C 3 HOH 46  268 268 HOH HOH A . 
C 3 HOH 47  270 270 HOH HOH A . 
C 3 HOH 48  272 272 HOH HOH A . 
C 3 HOH 49  273 273 HOH HOH A . 
C 3 HOH 50  274 274 HOH HOH A . 
C 3 HOH 51  275 275 HOH HOH A . 
C 3 HOH 52  276 276 HOH HOH A . 
C 3 HOH 53  277 277 HOH HOH A . 
C 3 HOH 54  278 278 HOH HOH A . 
C 3 HOH 55  280 280 HOH HOH A . 
C 3 HOH 56  281 281 HOH HOH A . 
C 3 HOH 57  284 284 HOH HOH A . 
C 3 HOH 58  286 286 HOH HOH A . 
C 3 HOH 59  287 287 HOH HOH A . 
C 3 HOH 60  292 292 HOH HOH A . 
C 3 HOH 61  293 293 HOH HOH A . 
C 3 HOH 62  294 294 HOH HOH A . 
C 3 HOH 63  295 295 HOH HOH A . 
C 3 HOH 64  298 298 HOH HOH A . 
C 3 HOH 65  299 299 HOH HOH A . 
C 3 HOH 66  300 300 HOH HOH A . 
C 3 HOH 67  301 301 HOH HOH A . 
C 3 HOH 68  302 302 HOH HOH A . 
C 3 HOH 69  307 307 HOH HOH A . 
C 3 HOH 70  308 308 HOH HOH A . 
C 3 HOH 71  310 310 HOH HOH A . 
C 3 HOH 72  311 311 HOH HOH A . 
C 3 HOH 73  312 312 HOH HOH A . 
C 3 HOH 74  313 313 HOH HOH A . 
C 3 HOH 75  314 314 HOH HOH A . 
C 3 HOH 76  315 315 HOH HOH A . 
C 3 HOH 77  317 317 HOH HOH A . 
C 3 HOH 78  318 318 HOH HOH A . 
C 3 HOH 79  319 319 HOH HOH A . 
C 3 HOH 80  320 320 HOH HOH A . 
C 3 HOH 81  321 321 HOH HOH A . 
C 3 HOH 82  322 322 HOH HOH A . 
C 3 HOH 83  325 325 HOH HOH A . 
C 3 HOH 84  326 326 HOH HOH A . 
C 3 HOH 85  327 327 HOH HOH A . 
C 3 HOH 86  328 328 HOH HOH A . 
C 3 HOH 87  330 330 HOH HOH A . 
C 3 HOH 88  332 332 HOH HOH A . 
C 3 HOH 89  336 336 HOH HOH A . 
C 3 HOH 90  337 337 HOH HOH A . 
C 3 HOH 91  338 338 HOH HOH A . 
C 3 HOH 92  339 339 HOH HOH A . 
C 3 HOH 93  340 340 HOH HOH A . 
C 3 HOH 94  342 342 HOH HOH A . 
C 3 HOH 95  345 345 HOH HOH A . 
C 3 HOH 96  346 346 HOH HOH A . 
C 3 HOH 97  347 347 HOH HOH A . 
C 3 HOH 98  349 349 HOH HOH A . 
C 3 HOH 99  350 350 HOH HOH A . 
C 3 HOH 100 351 351 HOH HOH A . 
C 3 HOH 101 352 352 HOH HOH A . 
C 3 HOH 102 354 354 HOH HOH A . 
C 3 HOH 103 355 355 HOH HOH A . 
C 3 HOH 104 356 356 HOH HOH A . 
C 3 HOH 105 357 357 HOH HOH A . 
C 3 HOH 106 358 358 HOH HOH A . 
C 3 HOH 107 359 359 HOH HOH A . 
C 3 HOH 108 360 360 HOH HOH A . 
C 3 HOH 109 361 361 HOH HOH A . 
C 3 HOH 110 362 362 HOH HOH A . 
C 3 HOH 111 363 363 HOH HOH A . 
C 3 HOH 112 364 364 HOH HOH A . 
C 3 HOH 113 365 365 HOH HOH A . 
C 3 HOH 114 366 366 HOH HOH A . 
C 3 HOH 115 367 367 HOH HOH A . 
C 3 HOH 116 369 369 HOH HOH A . 
C 3 HOH 117 370 370 HOH HOH A . 
C 3 HOH 118 371 371 HOH HOH A . 
C 3 HOH 119 372 372 HOH HOH A . 
C 3 HOH 120 373 373 HOH HOH A . 
C 3 HOH 121 374 374 HOH HOH A . 
C 3 HOH 122 375 375 HOH HOH A . 
C 3 HOH 123 376 376 HOH HOH A . 
C 3 HOH 124 378 378 HOH HOH A . 
C 3 HOH 125 379 379 HOH HOH A . 
C 3 HOH 126 380 380 HOH HOH A . 
C 3 HOH 127 381 381 HOH HOH A . 
C 3 HOH 128 382 382 HOH HOH A . 
C 3 HOH 129 383 383 HOH HOH A . 
C 3 HOH 130 384 384 HOH HOH A . 
C 3 HOH 131 385 385 HOH HOH A . 
# 
loop_
_pdbx_unobs_or_zero_occ_atoms.id 
_pdbx_unobs_or_zero_occ_atoms.PDB_model_num 
_pdbx_unobs_or_zero_occ_atoms.polymer_flag 
_pdbx_unobs_or_zero_occ_atoms.occupancy_flag 
_pdbx_unobs_or_zero_occ_atoms.auth_asym_id 
_pdbx_unobs_or_zero_occ_atoms.auth_comp_id 
_pdbx_unobs_or_zero_occ_atoms.auth_seq_id 
_pdbx_unobs_or_zero_occ_atoms.PDB_ins_code 
_pdbx_unobs_or_zero_occ_atoms.auth_atom_id 
_pdbx_unobs_or_zero_occ_atoms.label_alt_id 
_pdbx_unobs_or_zero_occ_atoms.label_asym_id 
_pdbx_unobs_or_zero_occ_atoms.label_comp_id 
_pdbx_unobs_or_zero_occ_atoms.label_seq_id 
_pdbx_unobs_or_zero_occ_atoms.label_atom_id 
1  1 Y 0 A LYS 16  ? CE  ? A LYS 16  CE  
2  1 Y 0 A LYS 16  ? NZ  ? A LYS 16  NZ  
3  1 Y 0 A GLU 86  ? OE1 ? A GLU 86  OE1 
4  1 Y 0 A GLU 86  ? OE2 ? A GLU 86  OE2 
5  1 Y 0 A LYS 90  ? CD  ? A LYS 90  CD  
6  1 Y 0 A LYS 90  ? CE  ? A LYS 90  CE  
7  1 Y 0 A LYS 90  ? NZ  ? A LYS 90  NZ  
8  1 Y 0 A LYS 111 ? CD  ? A LYS 111 CD  
9  1 Y 0 A LYS 111 ? CE  ? A LYS 111 CE  
10 1 Y 0 A LYS 111 ? NZ  ? A LYS 111 NZ  
# 
loop_
_software.name 
_software.classification 
_software.version 
_software.citation_id 
_software.pdbx_ordinal 
ARP/wARP 'model building' . ? 1 
X-PLOR   'model building' . ? 2 
TNT      refinement       . ? 3 
X-PLOR   refinement       . ? 4 
X-PLOR   phasing          . ? 5 
# 
_cell.entry_id           1FLP 
_cell.length_a           37.970 
_cell.length_b           38.390 
_cell.length_c           42.650 
_cell.angle_alpha        90.00 
_cell.angle_beta         97.40 
_cell.angle_gamma        90.00 
_cell.Z_PDB              2 
_cell.pdbx_unique_axis   ? 
# 
_symmetry.entry_id                         1FLP 
_symmetry.space_group_name_H-M             'P 1 21 1' 
_symmetry.pdbx_full_space_group_name_H-M   ? 
_symmetry.cell_setting                     ? 
_symmetry.Int_Tables_number                4 
# 
_exptl.entry_id          1FLP 
_exptl.method            'X-RAY DIFFRACTION' 
_exptl.crystals_number   ? 
# 
_exptl_crystal.id                    1 
_exptl_crystal.density_meas          ? 
_exptl_crystal.density_Matthews      2.09 
_exptl_crystal.density_percent_sol   41.10 
_exptl_crystal.description           ? 
# 
_diffrn.id                     1 
_diffrn.ambient_temp           ? 
_diffrn.ambient_temp_details   ? 
_diffrn.crystal_id             1 
# 
_diffrn_radiation.diffrn_id                        1 
_diffrn_radiation.wavelength_id                    1 
_diffrn_radiation.pdbx_monochromatic_or_laue_m_l   ? 
_diffrn_radiation.monochromator                    ? 
_diffrn_radiation.pdbx_diffrn_protocol             ? 
_diffrn_radiation.pdbx_scattering_type             x-ray 
# 
_diffrn_radiation_wavelength.id           1 
_diffrn_radiation_wavelength.wavelength   . 
_diffrn_radiation_wavelength.wt           1.0 
# 
_refine.entry_id                                 1FLP 
_refine.ls_number_reflns_obs                     17354 
_refine.ls_number_reflns_all                     ? 
_refine.pdbx_ls_sigma_I                          ? 
_refine.pdbx_ls_sigma_F                          0.0 
_refine.pdbx_data_cutoff_high_absF               ? 
_refine.pdbx_data_cutoff_low_absF                ? 
_refine.pdbx_data_cutoff_high_rms_absF           ? 
_refine.ls_d_res_low                             15.0 
_refine.ls_d_res_high                            1.5 
_refine.ls_percent_reflns_obs                    ? 
_refine.ls_R_factor_obs                          0.1700000 
_refine.ls_R_factor_all                          ? 
_refine.ls_R_factor_R_work                       ? 
_refine.ls_R_factor_R_free                       ? 
_refine.ls_R_factor_R_free_error                 ? 
_refine.ls_R_factor_R_free_error_details         ? 
_refine.ls_percent_reflns_R_free                 ? 
_refine.ls_number_reflns_R_free                  ? 
_refine.ls_number_parameters                     ? 
_refine.ls_number_restraints                     ? 
_refine.occupancy_min                            ? 
_refine.occupancy_max                            ? 
_refine.B_iso_mean                               ? 
_refine.aniso_B[1][1]                            ? 
_refine.aniso_B[2][2]                            ? 
_refine.aniso_B[3][3]                            ? 
_refine.aniso_B[1][2]                            ? 
_refine.aniso_B[1][3]                            ? 
_refine.aniso_B[2][3]                            ? 
_refine.solvent_model_details                    ? 
_refine.solvent_model_param_ksol                 ? 
_refine.solvent_model_param_bsol                 ? 
_refine.pdbx_ls_cross_valid_method               ? 
_refine.details                                  ? 
_refine.pdbx_starting_model                      ? 
_refine.pdbx_method_to_determine_struct          ? 
_refine.pdbx_isotropic_thermal_model             ? 
_refine.pdbx_stereochemistry_target_values       ? 
_refine.pdbx_stereochem_target_val_spec_case     ? 
_refine.pdbx_R_Free_selection_details            ? 
_refine.pdbx_overall_ESU_R                       ? 
_refine.pdbx_overall_ESU_R_Free                  ? 
_refine.overall_SU_ML                            ? 
_refine.overall_SU_B                             ? 
_refine.pdbx_refine_id                           'X-RAY DIFFRACTION' 
_refine.pdbx_diffrn_id                           1 
_refine.pdbx_TLS_residual_ADP_flag               ? 
_refine.correlation_coeff_Fo_to_Fc               ? 
_refine.correlation_coeff_Fo_to_Fc_free          ? 
_refine.pdbx_solvent_vdw_probe_radii             ? 
_refine.pdbx_solvent_ion_probe_radii             ? 
_refine.pdbx_solvent_shrinkage_radii             ? 
_refine.pdbx_overall_phase_error                 ? 
_refine.overall_SU_R_Cruickshank_DPI             ? 
_refine.pdbx_overall_SU_R_free_Cruickshank_DPI   ? 
_refine.pdbx_overall_SU_R_Blow_DPI               ? 
_refine.pdbx_overall_SU_R_free_Blow_DPI          ? 
# 
_refine_hist.pdbx_refine_id                   'X-RAY DIFFRACTION' 
_refine_hist.cycle_id                         LAST 
_refine_hist.pdbx_number_atoms_protein        1038 
_refine_hist.pdbx_number_atoms_nucleic_acid   0 
_refine_hist.pdbx_number_atoms_ligand         43 
_refine_hist.number_atoms_solvent             131 
_refine_hist.number_atoms_total               1212 
_refine_hist.d_res_high                       1.5 
_refine_hist.d_res_low                        15.0 
# 
loop_
_refine_ls_restr.type 
_refine_ls_restr.dev_ideal 
_refine_ls_restr.dev_ideal_target 
_refine_ls_restr.weight 
_refine_ls_restr.number 
_refine_ls_restr.pdbx_refine_id 
_refine_ls_restr.pdbx_restraint_function 
o_bond_d                0.020 ? ? ? 'X-RAY DIFFRACTION' ? 
o_bond_d_na             ?     ? ? ? 'X-RAY DIFFRACTION' ? 
o_bond_d_prot           ?     ? ? ? 'X-RAY DIFFRACTION' ? 
o_angle_d               ?     ? ? ? 'X-RAY DIFFRACTION' ? 
o_angle_d_na            ?     ? ? ? 'X-RAY DIFFRACTION' ? 
o_angle_d_prot          ?     ? ? ? 'X-RAY DIFFRACTION' ? 
o_angle_deg             2.70  ? ? ? 'X-RAY DIFFRACTION' ? 
o_angle_deg_na          ?     ? ? ? 'X-RAY DIFFRACTION' ? 
o_angle_deg_prot        ?     ? ? ? 'X-RAY DIFFRACTION' ? 
o_dihedral_angle_d      ?     ? ? ? 'X-RAY DIFFRACTION' ? 
o_dihedral_angle_d_na   ?     ? ? ? 'X-RAY DIFFRACTION' ? 
o_dihedral_angle_d_prot ?     ? ? ? 'X-RAY DIFFRACTION' ? 
o_improper_angle_d      ?     ? ? ? 'X-RAY DIFFRACTION' ? 
o_improper_angle_d_na   ?     ? ? ? 'X-RAY DIFFRACTION' ? 
o_improper_angle_d_prot ?     ? ? ? 'X-RAY DIFFRACTION' ? 
o_mcbond_it             ?     ? ? ? 'X-RAY DIFFRACTION' ? 
o_mcangle_it            ?     ? ? ? 'X-RAY DIFFRACTION' ? 
o_scbond_it             ?     ? ? ? 'X-RAY DIFFRACTION' ? 
o_scangle_it            ?     ? ? ? 'X-RAY DIFFRACTION' ? 
# 
_struct.entry_id                  1FLP 
_struct.title                     
'STRUCTURE OF THE SULFIDE-REACTIVE HEMOGLOBIN FROM THE CLAM LUCINA PECTINATA: CRYSTALLOGRAPHIC ANALYSIS AT 1.5 ANGSTROMS RESOLUTION' 
_struct.pdbx_model_details        ? 
_struct.pdbx_CASP_flag            ? 
_struct.pdbx_model_type_details   ? 
# 
_struct_keywords.entry_id        1FLP 
_struct_keywords.pdbx_keywords   'OXYGEN TRANSPORT' 
_struct_keywords.text            'OXYGEN TRANSPORT' 
# 
loop_
_struct_asym.id 
_struct_asym.pdbx_blank_PDB_chainid_flag 
_struct_asym.pdbx_modified 
_struct_asym.entity_id 
_struct_asym.details 
A N N 1 ? 
B N N 2 ? 
C N N 3 ? 
# 
_struct_ref.id                         1 
_struct_ref.db_name                    UNP 
_struct_ref.db_code                    GLB1_LUCPE 
_struct_ref.entity_id                  1 
_struct_ref.pdbx_db_accession          P41260 
_struct_ref.pdbx_align_begin           1 
_struct_ref.pdbx_seq_one_letter_code   
;SLEAAQKSNVTSSWAKASAAWGTAGPEFFMALFDAHDDVFAKFSGLFSGAAKGTVKNTPEMAAQAQSFKGLVSNWVDNLD
NAGALEGQCKTFAANHKARGISAGQLEAAFKVLSGFMKSYGGDEGAWTAVAGALMGEIEPDM
;
_struct_ref.pdbx_db_isoform            ? 
# 
_struct_ref_seq.align_id                      1 
_struct_ref_seq.ref_id                        1 
_struct_ref_seq.pdbx_PDB_id_code              1FLP 
_struct_ref_seq.pdbx_strand_id                A 
_struct_ref_seq.seq_align_beg                 1 
_struct_ref_seq.pdbx_seq_align_beg_ins_code   ? 
_struct_ref_seq.seq_align_end                 142 
_struct_ref_seq.pdbx_seq_align_end_ins_code   ? 
_struct_ref_seq.pdbx_db_accession             P41260 
_struct_ref_seq.db_align_beg                  1 
_struct_ref_seq.pdbx_db_align_beg_ins_code    ? 
_struct_ref_seq.db_align_end                  142 
_struct_ref_seq.pdbx_db_align_end_ins_code    ? 
_struct_ref_seq.pdbx_auth_seq_align_beg       1 
_struct_ref_seq.pdbx_auth_seq_align_end       142 
# 
_pdbx_struct_assembly.id                   1 
_pdbx_struct_assembly.details              author_defined_assembly 
_pdbx_struct_assembly.method_details       ? 
_pdbx_struct_assembly.oligomeric_details   monomeric 
_pdbx_struct_assembly.oligomeric_count     1 
# 
_pdbx_struct_assembly_gen.assembly_id       1 
_pdbx_struct_assembly_gen.oper_expression   1 
_pdbx_struct_assembly_gen.asym_id_list      A,B,C 
# 
_pdbx_struct_oper_list.id                   1 
_pdbx_struct_oper_list.type                 'identity operation' 
_pdbx_struct_oper_list.name                 1_555 
_pdbx_struct_oper_list.symmetry_operation   x,y,z 
_pdbx_struct_oper_list.matrix[1][1]         1.0000000000 
_pdbx_struct_oper_list.matrix[1][2]         0.0000000000 
_pdbx_struct_oper_list.matrix[1][3]         0.0000000000 
_pdbx_struct_oper_list.vector[1]            0.0000000000 
_pdbx_struct_oper_list.matrix[2][1]         0.0000000000 
_pdbx_struct_oper_list.matrix[2][2]         1.0000000000 
_pdbx_struct_oper_list.matrix[2][3]         0.0000000000 
_pdbx_struct_oper_list.vector[2]            0.0000000000 
_pdbx_struct_oper_list.matrix[3][1]         0.0000000000 
_pdbx_struct_oper_list.matrix[3][2]         0.0000000000 
_pdbx_struct_oper_list.matrix[3][3]         1.0000000000 
_pdbx_struct_oper_list.vector[3]            0.0000000000 
# 
_struct_biol.id   1 
# 
loop_
_struct_conf.conf_type_id 
_struct_conf.id 
_struct_conf.pdbx_PDB_helix_id 
_struct_conf.beg_label_comp_id 
_struct_conf.beg_label_asym_id 
_struct_conf.beg_label_seq_id 
_struct_conf.pdbx_beg_PDB_ins_code 
_struct_conf.end_label_comp_id 
_struct_conf.end_label_asym_id 
_struct_conf.end_label_seq_id 
_struct_conf.pdbx_end_PDB_ins_code 
_struct_conf.beg_auth_comp_id 
_struct_conf.beg_auth_asym_id 
_struct_conf.beg_auth_seq_id 
_struct_conf.end_auth_comp_id 
_struct_conf.end_auth_asym_id 
_struct_conf.end_auth_seq_id 
_struct_conf.pdbx_PDB_helix_class 
_struct_conf.details 
_struct_conf.pdbx_PDB_helix_length 
HELX_P HELX_P1 A ALA A 4   ? ALA A 19  ? ALA A 4   ALA A 19  1 ? 16 
HELX_P HELX_P2 B TRP A 21  ? ALA A 35  ? TRP A 21  ALA A 35  1 ? 15 
HELX_P HELX_P3 C ASP A 37  ? ALA A 41  ? ASP A 37  ALA A 41  1 ? 5  
HELX_P HELX_P4 E PRO A 59  ? VAL A 76  ? PRO A 59  VAL A 76  1 ? 18 
HELX_P HELX_P5 F ALA A 82  ? LYS A 97  ? ALA A 82  LYS A 97  1 ? 16 
HELX_P HELX_P6 G ALA A 103 ? PHE A 116 ? ALA A 103 PHE A 116 1 ? 14 
HELX_P HELX_P7 H GLU A 124 ? ILE A 138 ? GLU A 124 ILE A 138 1 ? 15 
# 
_struct_conf_type.id          HELX_P 
_struct_conf_type.criteria    ? 
_struct_conf_type.reference   ? 
# 
loop_
_struct_conn.id 
_struct_conn.conn_type_id 
_struct_conn.pdbx_leaving_atom_flag 
_struct_conn.pdbx_PDB_id 
_struct_conn.ptnr1_label_asym_id 
_struct_conn.ptnr1_label_comp_id 
_struct_conn.ptnr1_label_seq_id 
_struct_conn.ptnr1_label_atom_id 
_struct_conn.pdbx_ptnr1_label_alt_id 
_struct_conn.pdbx_ptnr1_PDB_ins_code 
_struct_conn.pdbx_ptnr1_standard_comp_id 
_struct_conn.ptnr1_symmetry 
_struct_conn.ptnr2_label_asym_id 
_struct_conn.ptnr2_label_comp_id 
_struct_conn.ptnr2_label_seq_id 
_struct_conn.ptnr2_label_atom_id 
_struct_conn.pdbx_ptnr2_label_alt_id 
_struct_conn.pdbx_ptnr2_PDB_ins_code 
_struct_conn.ptnr1_auth_asym_id 
_struct_conn.ptnr1_auth_comp_id 
_struct_conn.ptnr1_auth_seq_id 
_struct_conn.ptnr2_auth_asym_id 
_struct_conn.ptnr2_auth_comp_id 
_struct_conn.ptnr2_auth_seq_id 
_struct_conn.ptnr2_symmetry 
_struct_conn.pdbx_ptnr3_label_atom_id 
_struct_conn.pdbx_ptnr3_label_seq_id 
_struct_conn.pdbx_ptnr3_label_comp_id 
_struct_conn.pdbx_ptnr3_label_asym_id 
_struct_conn.pdbx_ptnr3_label_alt_id 
_struct_conn.pdbx_ptnr3_PDB_ins_code 
_struct_conn.details 
_struct_conn.pdbx_dist_value 
_struct_conn.pdbx_value_order 
_struct_conn.pdbx_role 
metalc1 metalc ? ? A HIS 96 NE2 ? ? ? 1_555 B HEM . FE ? ? A HIS 96  A HEM 143 1_555 ? ? ? ? ? ? ? 2.309 ? ? 
metalc2 metalc ? ? B HEM .  FE  ? ? ? 1_555 C HOH . O  ? ? A HEM 143 A HOH 202 1_555 ? ? ? ? ? ? ? 2.280 ? ? 
# 
_struct_conn_type.id          metalc 
_struct_conn_type.criteria    ? 
_struct_conn_type.reference   ? 
# 
loop_
_pdbx_struct_conn_angle.id 
_pdbx_struct_conn_angle.ptnr1_label_atom_id 
_pdbx_struct_conn_angle.ptnr1_label_alt_id 
_pdbx_struct_conn_angle.ptnr1_label_asym_id 
_pdbx_struct_conn_angle.ptnr1_label_comp_id 
_pdbx_struct_conn_angle.ptnr1_label_seq_id 
_pdbx_struct_conn_angle.ptnr1_auth_atom_id 
_pdbx_struct_conn_angle.ptnr1_auth_asym_id 
_pdbx_struct_conn_angle.ptnr1_auth_comp_id 
_pdbx_struct_conn_angle.ptnr1_auth_seq_id 
_pdbx_struct_conn_angle.ptnr1_PDB_ins_code 
_pdbx_struct_conn_angle.ptnr1_symmetry 
_pdbx_struct_conn_angle.ptnr2_label_atom_id 
_pdbx_struct_conn_angle.ptnr2_label_alt_id 
_pdbx_struct_conn_angle.ptnr2_label_asym_id 
_pdbx_struct_conn_angle.ptnr2_label_comp_id 
_pdbx_struct_conn_angle.ptnr2_label_seq_id 
_pdbx_struct_conn_angle.ptnr2_auth_atom_id 
_pdbx_struct_conn_angle.ptnr2_auth_asym_id 
_pdbx_struct_conn_angle.ptnr2_auth_comp_id 
_pdbx_struct_conn_angle.ptnr2_auth_seq_id 
_pdbx_struct_conn_angle.ptnr2_PDB_ins_code 
_pdbx_struct_conn_angle.ptnr2_symmetry 
_pdbx_struct_conn_angle.ptnr3_label_atom_id 
_pdbx_struct_conn_angle.ptnr3_label_alt_id 
_pdbx_struct_conn_angle.ptnr3_label_asym_id 
_pdbx_struct_conn_angle.ptnr3_label_comp_id 
_pdbx_struct_conn_angle.ptnr3_label_seq_id 
_pdbx_struct_conn_angle.ptnr3_auth_atom_id 
_pdbx_struct_conn_angle.ptnr3_auth_asym_id 
_pdbx_struct_conn_angle.ptnr3_auth_comp_id 
_pdbx_struct_conn_angle.ptnr3_auth_seq_id 
_pdbx_struct_conn_angle.ptnr3_PDB_ins_code 
_pdbx_struct_conn_angle.ptnr3_symmetry 
_pdbx_struct_conn_angle.value 
_pdbx_struct_conn_angle.value_esd 
1  NE2 ? A HIS 96 ? A HIS 96  ? 1_555 FE ? B HEM . ? A HEM 143 ? 1_555 NA ? B HEM . ? A HEM 143 ? 1_555 89.3  ? 
2  NE2 ? A HIS 96 ? A HIS 96  ? 1_555 FE ? B HEM . ? A HEM 143 ? 1_555 NB ? B HEM . ? A HEM 143 ? 1_555 92.3  ? 
3  NA  ? B HEM .  ? A HEM 143 ? 1_555 FE ? B HEM . ? A HEM 143 ? 1_555 NB ? B HEM . ? A HEM 143 ? 1_555 88.9  ? 
4  NE2 ? A HIS 96 ? A HIS 96  ? 1_555 FE ? B HEM . ? A HEM 143 ? 1_555 NC ? B HEM . ? A HEM 143 ? 1_555 91.2  ? 
5  NA  ? B HEM .  ? A HEM 143 ? 1_555 FE ? B HEM . ? A HEM 143 ? 1_555 NC ? B HEM . ? A HEM 143 ? 1_555 177.5 ? 
6  NB  ? B HEM .  ? A HEM 143 ? 1_555 FE ? B HEM . ? A HEM 143 ? 1_555 NC ? B HEM . ? A HEM 143 ? 1_555 88.6  ? 
7  NE2 ? A HIS 96 ? A HIS 96  ? 1_555 FE ? B HEM . ? A HEM 143 ? 1_555 ND ? B HEM . ? A HEM 143 ? 1_555 93.1  ? 
8  NA  ? B HEM .  ? A HEM 143 ? 1_555 FE ? B HEM . ? A HEM 143 ? 1_555 ND ? B HEM . ? A HEM 143 ? 1_555 91.6  ? 
9  NB  ? B HEM .  ? A HEM 143 ? 1_555 FE ? B HEM . ? A HEM 143 ? 1_555 ND ? B HEM . ? A HEM 143 ? 1_555 174.6 ? 
10 NC  ? B HEM .  ? A HEM 143 ? 1_555 FE ? B HEM . ? A HEM 143 ? 1_555 ND ? B HEM . ? A HEM 143 ? 1_555 90.8  ? 
11 NE2 ? A HIS 96 ? A HIS 96  ? 1_555 FE ? B HEM . ? A HEM 143 ? 1_555 O  ? C HOH . ? A HOH 202 ? 1_555 177.7 ? 
12 NA  ? B HEM .  ? A HEM 143 ? 1_555 FE ? B HEM . ? A HEM 143 ? 1_555 O  ? C HOH . ? A HOH 202 ? 1_555 90.9  ? 
13 NB  ? B HEM .  ? A HEM 143 ? 1_555 FE ? B HEM . ? A HEM 143 ? 1_555 O  ? C HOH . ? A HOH 202 ? 1_555 85.4  ? 
14 NC  ? B HEM .  ? A HEM 143 ? 1_555 FE ? B HEM . ? A HEM 143 ? 1_555 O  ? C HOH . ? A HOH 202 ? 1_555 88.5  ? 
15 ND  ? B HEM .  ? A HEM 143 ? 1_555 FE ? B HEM . ? A HEM 143 ? 1_555 O  ? C HOH . ? A HOH 202 ? 1_555 89.2  ? 
# 
_struct_site.id                   AC1 
_struct_site.pdbx_evidence_code   Software 
_struct_site.pdbx_auth_asym_id    A 
_struct_site.pdbx_auth_comp_id    HEM 
_struct_site.pdbx_auth_seq_id     143 
_struct_site.pdbx_auth_ins_code   ? 
_struct_site.pdbx_num_residues    15 
_struct_site.details              'BINDING SITE FOR RESIDUE HEM A 143' 
# 
loop_
_struct_site_gen.id 
_struct_site_gen.site_id 
_struct_site_gen.pdbx_num_res 
_struct_site_gen.label_comp_id 
_struct_site_gen.label_asym_id 
_struct_site_gen.label_seq_id 
_struct_site_gen.pdbx_auth_ins_code 
_struct_site_gen.auth_comp_id 
_struct_site_gen.auth_asym_id 
_struct_site_gen.auth_seq_id 
_struct_site_gen.label_atom_id 
_struct_site_gen.label_alt_id 
_struct_site_gen.symmetry 
_struct_site_gen.details 
1  AC1 15 LYS A 42  ? LYS A 42  . ? 1_555 ? 
2  AC1 15 PHE A 43  ? PHE A 43  . ? 1_555 ? 
3  AC1 15 SER A 67  ? SER A 67  . ? 1_555 ? 
4  AC1 15 PHE A 68  ? PHE A 68  . ? 1_555 ? 
5  AC1 15 PHE A 92  ? PHE A 92  . ? 1_555 ? 
6  AC1 15 ASN A 95  ? ASN A 95  . ? 1_555 ? 
7  AC1 15 HIS A 96  ? HIS A 96  . ? 1_555 ? 
8  AC1 15 ARG A 99  ? ARG A 99  . ? 1_555 ? 
9  AC1 15 ILE A 101 ? ILE A 101 . ? 1_555 ? 
10 AC1 15 GLN A 105 ? GLN A 105 . ? 1_555 ? 
11 AC1 15 PHE A 110 ? PHE A 110 . ? 1_555 ? 
12 AC1 15 HOH C .   ? HOH A 202 . ? 1_555 ? 
13 AC1 15 HOH C .   ? HOH A 210 . ? 1_555 ? 
14 AC1 15 HOH C .   ? HOH A 221 . ? 1_555 ? 
15 AC1 15 HOH C .   ? HOH A 373 . ? 1_555 ? 
# 
loop_
_pdbx_validate_rmsd_angle.id 
_pdbx_validate_rmsd_angle.PDB_model_num 
_pdbx_validate_rmsd_angle.auth_atom_id_1 
_pdbx_validate_rmsd_angle.auth_asym_id_1 
_pdbx_validate_rmsd_angle.auth_comp_id_1 
_pdbx_validate_rmsd_angle.auth_seq_id_1 
_pdbx_validate_rmsd_angle.PDB_ins_code_1 
_pdbx_validate_rmsd_angle.label_alt_id_1 
_pdbx_validate_rmsd_angle.auth_atom_id_2 
_pdbx_validate_rmsd_angle.auth_asym_id_2 
_pdbx_validate_rmsd_angle.auth_comp_id_2 
_pdbx_validate_rmsd_angle.auth_seq_id_2 
_pdbx_validate_rmsd_angle.PDB_ins_code_2 
_pdbx_validate_rmsd_angle.label_alt_id_2 
_pdbx_validate_rmsd_angle.auth_atom_id_3 
_pdbx_validate_rmsd_angle.auth_asym_id_3 
_pdbx_validate_rmsd_angle.auth_comp_id_3 
_pdbx_validate_rmsd_angle.auth_seq_id_3 
_pdbx_validate_rmsd_angle.PDB_ins_code_3 
_pdbx_validate_rmsd_angle.label_alt_id_3 
_pdbx_validate_rmsd_angle.angle_value 
_pdbx_validate_rmsd_angle.angle_target_value 
_pdbx_validate_rmsd_angle.angle_deviation 
_pdbx_validate_rmsd_angle.angle_standard_deviation 
_pdbx_validate_rmsd_angle.linker_flag 
1 1 OE1 A GLU 3   ? ? CD A GLU 3   ? ? OE2 A GLU 3   ? ? 109.59 123.30 -13.71 1.20 N 
2 1 NE  A ARG 99  ? ? CZ A ARG 99  ? ? NH1 A ARG 99  ? ? 128.35 120.30 8.05   0.50 N 
3 1 NE  A ARG 99  ? ? CZ A ARG 99  ? ? NH2 A ARG 99  ? ? 114.33 120.30 -5.97  0.50 N 
4 1 CA  A MET 142 ? ? CB A MET 142 ? ? CG  A MET 142 ? ? 87.97  113.30 -25.33 1.70 N 
# 
_pdbx_entry_details.entry_id                 1FLP 
_pdbx_entry_details.compound_details         ? 
_pdbx_entry_details.source_details           ? 
_pdbx_entry_details.nonpolymer_details       ? 
_pdbx_entry_details.sequence_details         
;THE SEQUENCE HAS NOT BEEN REPORTED.  IT WAS DETERMINED BY
D. WALTZ AND S. VINOGRADOV.
;
_pdbx_entry_details.has_ligand_of_interest   ? 
# 
loop_
_chem_comp_atom.comp_id 
_chem_comp_atom.atom_id 
_chem_comp_atom.type_symbol 
_chem_comp_atom.pdbx_aromatic_flag 
_chem_comp_atom.pdbx_stereo_config 
_chem_comp_atom.pdbx_ordinal 
ALA N    N  N N 1   
ALA CA   C  N S 2   
ALA C    C  N N 3   
ALA O    O  N N 4   
ALA CB   C  N N 5   
ALA OXT  O  N N 6   
ALA H    H  N N 7   
ALA H2   H  N N 8   
ALA HA   H  N N 9   
ALA HB1  H  N N 10  
ALA HB2  H  N N 11  
ALA HB3  H  N N 12  
ALA HXT  H  N N 13  
ARG N    N  N N 14  
ARG CA   C  N S 15  
ARG C    C  N N 16  
ARG O    O  N N 17  
ARG CB   C  N N 18  
ARG CG   C  N N 19  
ARG CD   C  N N 20  
ARG NE   N  N N 21  
ARG CZ   C  N N 22  
ARG NH1  N  N N 23  
ARG NH2  N  N N 24  
ARG OXT  O  N N 25  
ARG H    H  N N 26  
ARG H2   H  N N 27  
ARG HA   H  N N 28  
ARG HB2  H  N N 29  
ARG HB3  H  N N 30  
ARG HG2  H  N N 31  
ARG HG3  H  N N 32  
ARG HD2  H  N N 33  
ARG HD3  H  N N 34  
ARG HE   H  N N 35  
ARG HH11 H  N N 36  
ARG HH12 H  N N 37  
ARG HH21 H  N N 38  
ARG HH22 H  N N 39  
ARG HXT  H  N N 40  
ASN N    N  N N 41  
ASN CA   C  N S 42  
ASN C    C  N N 43  
ASN O    O  N N 44  
ASN CB   C  N N 45  
ASN CG   C  N N 46  
ASN OD1  O  N N 47  
ASN ND2  N  N N 48  
ASN OXT  O  N N 49  
ASN H    H  N N 50  
ASN H2   H  N N 51  
ASN HA   H  N N 52  
ASN HB2  H  N N 53  
ASN HB3  H  N N 54  
ASN HD21 H  N N 55  
ASN HD22 H  N N 56  
ASN HXT  H  N N 57  
ASP N    N  N N 58  
ASP CA   C  N S 59  
ASP C    C  N N 60  
ASP O    O  N N 61  
ASP CB   C  N N 62  
ASP CG   C  N N 63  
ASP OD1  O  N N 64  
ASP OD2  O  N N 65  
ASP OXT  O  N N 66  
ASP H    H  N N 67  
ASP H2   H  N N 68  
ASP HA   H  N N 69  
ASP HB2  H  N N 70  
ASP HB3  H  N N 71  
ASP HD2  H  N N 72  
ASP HXT  H  N N 73  
CYS N    N  N N 74  
CYS CA   C  N R 75  
CYS C    C  N N 76  
CYS O    O  N N 77  
CYS CB   C  N N 78  
CYS SG   S  N N 79  
CYS OXT  O  N N 80  
CYS H    H  N N 81  
CYS H2   H  N N 82  
CYS HA   H  N N 83  
CYS HB2  H  N N 84  
CYS HB3  H  N N 85  
CYS HG   H  N N 86  
CYS HXT  H  N N 87  
GLN N    N  N N 88  
GLN CA   C  N S 89  
GLN C    C  N N 90  
GLN O    O  N N 91  
GLN CB   C  N N 92  
GLN CG   C  N N 93  
GLN CD   C  N N 94  
GLN OE1  O  N N 95  
GLN NE2  N  N N 96  
GLN OXT  O  N N 97  
GLN H    H  N N 98  
GLN H2   H  N N 99  
GLN HA   H  N N 100 
GLN HB2  H  N N 101 
GLN HB3  H  N N 102 
GLN HG2  H  N N 103 
GLN HG3  H  N N 104 
GLN HE21 H  N N 105 
GLN HE22 H  N N 106 
GLN HXT  H  N N 107 
GLU N    N  N N 108 
GLU CA   C  N S 109 
GLU C    C  N N 110 
GLU O    O  N N 111 
GLU CB   C  N N 112 
GLU CG   C  N N 113 
GLU CD   C  N N 114 
GLU OE1  O  N N 115 
GLU OE2  O  N N 116 
GLU OXT  O  N N 117 
GLU H    H  N N 118 
GLU H2   H  N N 119 
GLU HA   H  N N 120 
GLU HB2  H  N N 121 
GLU HB3  H  N N 122 
GLU HG2  H  N N 123 
GLU HG3  H  N N 124 
GLU HE2  H  N N 125 
GLU HXT  H  N N 126 
GLY N    N  N N 127 
GLY CA   C  N N 128 
GLY C    C  N N 129 
GLY O    O  N N 130 
GLY OXT  O  N N 131 
GLY H    H  N N 132 
GLY H2   H  N N 133 
GLY HA2  H  N N 134 
GLY HA3  H  N N 135 
GLY HXT  H  N N 136 
HEM CHA  C  N N 137 
HEM CHB  C  N N 138 
HEM CHC  C  N N 139 
HEM CHD  C  N N 140 
HEM C1A  C  Y N 141 
HEM C2A  C  Y N 142 
HEM C3A  C  Y N 143 
HEM C4A  C  Y N 144 
HEM CMA  C  N N 145 
HEM CAA  C  N N 146 
HEM CBA  C  N N 147 
HEM CGA  C  N N 148 
HEM O1A  O  N N 149 
HEM O2A  O  N N 150 
HEM C1B  C  N N 151 
HEM C2B  C  N N 152 
HEM C3B  C  N N 153 
HEM C4B  C  N N 154 
HEM CMB  C  N N 155 
HEM CAB  C  N N 156 
HEM CBB  C  N N 157 
HEM C1C  C  Y N 158 
HEM C2C  C  Y N 159 
HEM C3C  C  Y N 160 
HEM C4C  C  Y N 161 
HEM CMC  C  N N 162 
HEM CAC  C  N N 163 
HEM CBC  C  N N 164 
HEM C1D  C  N N 165 
HEM C2D  C  N N 166 
HEM C3D  C  N N 167 
HEM C4D  C  N N 168 
HEM CMD  C  N N 169 
HEM CAD  C  N N 170 
HEM CBD  C  N N 171 
HEM CGD  C  N N 172 
HEM O1D  O  N N 173 
HEM O2D  O  N N 174 
HEM NA   N  Y N 175 
HEM NB   N  N N 176 
HEM NC   N  Y N 177 
HEM ND   N  N N 178 
HEM FE   FE N N 179 
HEM HHB  H  N N 180 
HEM HHC  H  N N 181 
HEM HHD  H  N N 182 
HEM HMA  H  N N 183 
HEM HMAA H  N N 184 
HEM HMAB H  N N 185 
HEM HAA  H  N N 186 
HEM HAAA H  N N 187 
HEM HBA  H  N N 188 
HEM HBAA H  N N 189 
HEM HMB  H  N N 190 
HEM HMBA H  N N 191 
HEM HMBB H  N N 192 
HEM HAB  H  N N 193 
HEM HBB  H  N N 194 
HEM HBBA H  N N 195 
HEM HMC  H  N N 196 
HEM HMCA H  N N 197 
HEM HMCB H  N N 198 
HEM HAC  H  N N 199 
HEM HBC  H  N N 200 
HEM HBCA H  N N 201 
HEM HMD  H  N N 202 
HEM HMDA H  N N 203 
HEM HMDB H  N N 204 
HEM HAD  H  N N 205 
HEM HADA H  N N 206 
HEM HBD  H  N N 207 
HEM HBDA H  N N 208 
HEM H2A  H  N N 209 
HEM H2D  H  N N 210 
HEM HHA  H  N N 211 
HIS N    N  N N 212 
HIS CA   C  N S 213 
HIS C    C  N N 214 
HIS O    O  N N 215 
HIS CB   C  N N 216 
HIS CG   C  Y N 217 
HIS ND1  N  Y N 218 
HIS CD2  C  Y N 219 
HIS CE1  C  Y N 220 
HIS NE2  N  Y N 221 
HIS OXT  O  N N 222 
HIS H    H  N N 223 
HIS H2   H  N N 224 
HIS HA   H  N N 225 
HIS HB2  H  N N 226 
HIS HB3  H  N N 227 
HIS HD1  H  N N 228 
HIS HD2  H  N N 229 
HIS HE1  H  N N 230 
HIS HE2  H  N N 231 
HIS HXT  H  N N 232 
HOH O    O  N N 233 
HOH H1   H  N N 234 
HOH H2   H  N N 235 
ILE N    N  N N 236 
ILE CA   C  N S 237 
ILE C    C  N N 238 
ILE O    O  N N 239 
ILE CB   C  N S 240 
ILE CG1  C  N N 241 
ILE CG2  C  N N 242 
ILE CD1  C  N N 243 
ILE OXT  O  N N 244 
ILE H    H  N N 245 
ILE H2   H  N N 246 
ILE HA   H  N N 247 
ILE HB   H  N N 248 
ILE HG12 H  N N 249 
ILE HG13 H  N N 250 
ILE HG21 H  N N 251 
ILE HG22 H  N N 252 
ILE HG23 H  N N 253 
ILE HD11 H  N N 254 
ILE HD12 H  N N 255 
ILE HD13 H  N N 256 
ILE HXT  H  N N 257 
LEU N    N  N N 258 
LEU CA   C  N S 259 
LEU C    C  N N 260 
LEU O    O  N N 261 
LEU CB   C  N N 262 
LEU CG   C  N N 263 
LEU CD1  C  N N 264 
LEU CD2  C  N N 265 
LEU OXT  O  N N 266 
LEU H    H  N N 267 
LEU H2   H  N N 268 
LEU HA   H  N N 269 
LEU HB2  H  N N 270 
LEU HB3  H  N N 271 
LEU HG   H  N N 272 
LEU HD11 H  N N 273 
LEU HD12 H  N N 274 
LEU HD13 H  N N 275 
LEU HD21 H  N N 276 
LEU HD22 H  N N 277 
LEU HD23 H  N N 278 
LEU HXT  H  N N 279 
LYS N    N  N N 280 
LYS CA   C  N S 281 
LYS C    C  N N 282 
LYS O    O  N N 283 
LYS CB   C  N N 284 
LYS CG   C  N N 285 
LYS CD   C  N N 286 
LYS CE   C  N N 287 
LYS NZ   N  N N 288 
LYS OXT  O  N N 289 
LYS H    H  N N 290 
LYS H2   H  N N 291 
LYS HA   H  N N 292 
LYS HB2  H  N N 293 
LYS HB3  H  N N 294 
LYS HG2  H  N N 295 
LYS HG3  H  N N 296 
LYS HD2  H  N N 297 
LYS HD3  H  N N 298 
LYS HE2  H  N N 299 
LYS HE3  H  N N 300 
LYS HZ1  H  N N 301 
LYS HZ2  H  N N 302 
LYS HZ3  H  N N 303 
LYS HXT  H  N N 304 
MET N    N  N N 305 
MET CA   C  N S 306 
MET C    C  N N 307 
MET O    O  N N 308 
MET CB   C  N N 309 
MET CG   C  N N 310 
MET SD   S  N N 311 
MET CE   C  N N 312 
MET OXT  O  N N 313 
MET H    H  N N 314 
MET H2   H  N N 315 
MET HA   H  N N 316 
MET HB2  H  N N 317 
MET HB3  H  N N 318 
MET HG2  H  N N 319 
MET HG3  H  N N 320 
MET HE1  H  N N 321 
MET HE2  H  N N 322 
MET HE3  H  N N 323 
MET HXT  H  N N 324 
PHE N    N  N N 325 
PHE CA   C  N S 326 
PHE C    C  N N 327 
PHE O    O  N N 328 
PHE CB   C  N N 329 
PHE CG   C  Y N 330 
PHE CD1  C  Y N 331 
PHE CD2  C  Y N 332 
PHE CE1  C  Y N 333 
PHE CE2  C  Y N 334 
PHE CZ   C  Y N 335 
PHE OXT  O  N N 336 
PHE H    H  N N 337 
PHE H2   H  N N 338 
PHE HA   H  N N 339 
PHE HB2  H  N N 340 
PHE HB3  H  N N 341 
PHE HD1  H  N N 342 
PHE HD2  H  N N 343 
PHE HE1  H  N N 344 
PHE HE2  H  N N 345 
PHE HZ   H  N N 346 
PHE HXT  H  N N 347 
PRO N    N  N N 348 
PRO CA   C  N S 349 
PRO C    C  N N 350 
PRO O    O  N N 351 
PRO CB   C  N N 352 
PRO CG   C  N N 353 
PRO CD   C  N N 354 
PRO OXT  O  N N 355 
PRO H    H  N N 356 
PRO HA   H  N N 357 
PRO HB2  H  N N 358 
PRO HB3  H  N N 359 
PRO HG2  H  N N 360 
PRO HG3  H  N N 361 
PRO HD2  H  N N 362 
PRO HD3  H  N N 363 
PRO HXT  H  N N 364 
SER N    N  N N 365 
SER CA   C  N S 366 
SER C    C  N N 367 
SER O    O  N N 368 
SER CB   C  N N 369 
SER OG   O  N N 370 
SER OXT  O  N N 371 
SER H    H  N N 372 
SER H2   H  N N 373 
SER HA   H  N N 374 
SER HB2  H  N N 375 
SER HB3  H  N N 376 
SER HG   H  N N 377 
SER HXT  H  N N 378 
THR N    N  N N 379 
THR CA   C  N S 380 
THR C    C  N N 381 
THR O    O  N N 382 
THR CB   C  N R 383 
THR OG1  O  N N 384 
THR CG2  C  N N 385 
THR OXT  O  N N 386 
THR H    H  N N 387 
THR H2   H  N N 388 
THR HA   H  N N 389 
THR HB   H  N N 390 
THR HG1  H  N N 391 
THR HG21 H  N N 392 
THR HG22 H  N N 393 
THR HG23 H  N N 394 
THR HXT  H  N N 395 
TRP N    N  N N 396 
TRP CA   C  N S 397 
TRP C    C  N N 398 
TRP O    O  N N 399 
TRP CB   C  N N 400 
TRP CG   C  Y N 401 
TRP CD1  C  Y N 402 
TRP CD2  C  Y N 403 
TRP NE1  N  Y N 404 
TRP CE2  C  Y N 405 
TRP CE3  C  Y N 406 
TRP CZ2  C  Y N 407 
TRP CZ3  C  Y N 408 
TRP CH2  C  Y N 409 
TRP OXT  O  N N 410 
TRP H    H  N N 411 
TRP H2   H  N N 412 
TRP HA   H  N N 413 
TRP HB2  H  N N 414 
TRP HB3  H  N N 415 
TRP HD1  H  N N 416 
TRP HE1  H  N N 417 
TRP HE3  H  N N 418 
TRP HZ2  H  N N 419 
TRP HZ3  H  N N 420 
TRP HH2  H  N N 421 
TRP HXT  H  N N 422 
TYR N    N  N N 423 
TYR CA   C  N S 424 
TYR C    C  N N 425 
TYR O    O  N N 426 
TYR CB   C  N N 427 
TYR CG   C  Y N 428 
TYR CD1  C  Y N 429 
TYR CD2  C  Y N 430 
TYR CE1  C  Y N 431 
TYR CE2  C  Y N 432 
TYR CZ   C  Y N 433 
TYR OH   O  N N 434 
TYR OXT  O  N N 435 
TYR H    H  N N 436 
TYR H2   H  N N 437 
TYR HA   H  N N 438 
TYR HB2  H  N N 439 
TYR HB3  H  N N 440 
TYR HD1  H  N N 441 
TYR HD2  H  N N 442 
TYR HE1  H  N N 443 
TYR HE2  H  N N 444 
TYR HH   H  N N 445 
TYR HXT  H  N N 446 
VAL N    N  N N 447 
VAL CA   C  N S 448 
VAL C    C  N N 449 
VAL O    O  N N 450 
VAL CB   C  N N 451 
VAL CG1  C  N N 452 
VAL CG2  C  N N 453 
VAL OXT  O  N N 454 
VAL H    H  N N 455 
VAL H2   H  N N 456 
VAL HA   H  N N 457 
VAL HB   H  N N 458 
VAL HG11 H  N N 459 
VAL HG12 H  N N 460 
VAL HG13 H  N N 461 
VAL HG21 H  N N 462 
VAL HG22 H  N N 463 
VAL HG23 H  N N 464 
VAL HXT  H  N N 465 
# 
loop_
_chem_comp_bond.comp_id 
_chem_comp_bond.atom_id_1 
_chem_comp_bond.atom_id_2 
_chem_comp_bond.value_order 
_chem_comp_bond.pdbx_aromatic_flag 
_chem_comp_bond.pdbx_stereo_config 
_chem_comp_bond.pdbx_ordinal 
ALA N   CA   sing N N 1   
ALA N   H    sing N N 2   
ALA N   H2   sing N N 3   
ALA CA  C    sing N N 4   
ALA CA  CB   sing N N 5   
ALA CA  HA   sing N N 6   
ALA C   O    doub N N 7   
ALA C   OXT  sing N N 8   
ALA CB  HB1  sing N N 9   
ALA CB  HB2  sing N N 10  
ALA CB  HB3  sing N N 11  
ALA OXT HXT  sing N N 12  
ARG N   CA   sing N N 13  
ARG N   H    sing N N 14  
ARG N   H2   sing N N 15  
ARG CA  C    sing N N 16  
ARG CA  CB   sing N N 17  
ARG CA  HA   sing N N 18  
ARG C   O    doub N N 19  
ARG C   OXT  sing N N 20  
ARG CB  CG   sing N N 21  
ARG CB  HB2  sing N N 22  
ARG CB  HB3  sing N N 23  
ARG CG  CD   sing N N 24  
ARG CG  HG2  sing N N 25  
ARG CG  HG3  sing N N 26  
ARG CD  NE   sing N N 27  
ARG CD  HD2  sing N N 28  
ARG CD  HD3  sing N N 29  
ARG NE  CZ   sing N N 30  
ARG NE  HE   sing N N 31  
ARG CZ  NH1  sing N N 32  
ARG CZ  NH2  doub N N 33  
ARG NH1 HH11 sing N N 34  
ARG NH1 HH12 sing N N 35  
ARG NH2 HH21 sing N N 36  
ARG NH2 HH22 sing N N 37  
ARG OXT HXT  sing N N 38  
ASN N   CA   sing N N 39  
ASN N   H    sing N N 40  
ASN N   H2   sing N N 41  
ASN CA  C    sing N N 42  
ASN CA  CB   sing N N 43  
ASN CA  HA   sing N N 44  
ASN C   O    doub N N 45  
ASN C   OXT  sing N N 46  
ASN CB  CG   sing N N 47  
ASN CB  HB2  sing N N 48  
ASN CB  HB3  sing N N 49  
ASN CG  OD1  doub N N 50  
ASN CG  ND2  sing N N 51  
ASN ND2 HD21 sing N N 52  
ASN ND2 HD22 sing N N 53  
ASN OXT HXT  sing N N 54  
ASP N   CA   sing N N 55  
ASP N   H    sing N N 56  
ASP N   H2   sing N N 57  
ASP CA  C    sing N N 58  
ASP CA  CB   sing N N 59  
ASP CA  HA   sing N N 60  
ASP C   O    doub N N 61  
ASP C   OXT  sing N N 62  
ASP CB  CG   sing N N 63  
ASP CB  HB2  sing N N 64  
ASP CB  HB3  sing N N 65  
ASP CG  OD1  doub N N 66  
ASP CG  OD2  sing N N 67  
ASP OD2 HD2  sing N N 68  
ASP OXT HXT  sing N N 69  
CYS N   CA   sing N N 70  
CYS N   H    sing N N 71  
CYS N   H2   sing N N 72  
CYS CA  C    sing N N 73  
CYS CA  CB   sing N N 74  
CYS CA  HA   sing N N 75  
CYS C   O    doub N N 76  
CYS C   OXT  sing N N 77  
CYS CB  SG   sing N N 78  
CYS CB  HB2  sing N N 79  
CYS CB  HB3  sing N N 80  
CYS SG  HG   sing N N 81  
CYS OXT HXT  sing N N 82  
GLN N   CA   sing N N 83  
GLN N   H    sing N N 84  
GLN N   H2   sing N N 85  
GLN CA  C    sing N N 86  
GLN CA  CB   sing N N 87  
GLN CA  HA   sing N N 88  
GLN C   O    doub N N 89  
GLN C   OXT  sing N N 90  
GLN CB  CG   sing N N 91  
GLN CB  HB2  sing N N 92  
GLN CB  HB3  sing N N 93  
GLN CG  CD   sing N N 94  
GLN CG  HG2  sing N N 95  
GLN CG  HG3  sing N N 96  
GLN CD  OE1  doub N N 97  
GLN CD  NE2  sing N N 98  
GLN NE2 HE21 sing N N 99  
GLN NE2 HE22 sing N N 100 
GLN OXT HXT  sing N N 101 
GLU N   CA   sing N N 102 
GLU N   H    sing N N 103 
GLU N   H2   sing N N 104 
GLU CA  C    sing N N 105 
GLU CA  CB   sing N N 106 
GLU CA  HA   sing N N 107 
GLU C   O    doub N N 108 
GLU C   OXT  sing N N 109 
GLU CB  CG   sing N N 110 
GLU CB  HB2  sing N N 111 
GLU CB  HB3  sing N N 112 
GLU CG  CD   sing N N 113 
GLU CG  HG2  sing N N 114 
GLU CG  HG3  sing N N 115 
GLU CD  OE1  doub N N 116 
GLU CD  OE2  sing N N 117 
GLU OE2 HE2  sing N N 118 
GLU OXT HXT  sing N N 119 
GLY N   CA   sing N N 120 
GLY N   H    sing N N 121 
GLY N   H2   sing N N 122 
GLY CA  C    sing N N 123 
GLY CA  HA2  sing N N 124 
GLY CA  HA3  sing N N 125 
GLY C   O    doub N N 126 
GLY C   OXT  sing N N 127 
GLY OXT HXT  sing N N 128 
HEM CHA C1A  sing N N 129 
HEM CHA C4D  doub N N 130 
HEM CHA HHA  sing N N 131 
HEM CHB C4A  sing N N 132 
HEM CHB C1B  doub N N 133 
HEM CHB HHB  sing N N 134 
HEM CHC C4B  sing N N 135 
HEM CHC C1C  doub N N 136 
HEM CHC HHC  sing N N 137 
HEM CHD C4C  doub N N 138 
HEM CHD C1D  sing N N 139 
HEM CHD HHD  sing N N 140 
HEM C1A C2A  doub Y N 141 
HEM C1A NA   sing Y N 142 
HEM C2A C3A  sing Y N 143 
HEM C2A CAA  sing N N 144 
HEM C3A C4A  doub Y N 145 
HEM C3A CMA  sing N N 146 
HEM C4A NA   sing Y N 147 
HEM CMA HMA  sing N N 148 
HEM CMA HMAA sing N N 149 
HEM CMA HMAB sing N N 150 
HEM CAA CBA  sing N N 151 
HEM CAA HAA  sing N N 152 
HEM CAA HAAA sing N N 153 
HEM CBA CGA  sing N N 154 
HEM CBA HBA  sing N N 155 
HEM CBA HBAA sing N N 156 
HEM CGA O1A  doub N N 157 
HEM CGA O2A  sing N N 158 
HEM C1B C2B  sing N N 159 
HEM C1B NB   sing N N 160 
HEM C2B C3B  doub N N 161 
HEM C2B CMB  sing N N 162 
HEM C3B C4B  sing N N 163 
HEM C3B CAB  sing N N 164 
HEM C4B NB   doub N N 165 
HEM CMB HMB  sing N N 166 
HEM CMB HMBA sing N N 167 
HEM CMB HMBB sing N N 168 
HEM CAB CBB  doub N N 169 
HEM CAB HAB  sing N N 170 
HEM CBB HBB  sing N N 171 
HEM CBB HBBA sing N N 172 
HEM C1C C2C  sing Y N 173 
HEM C1C NC   sing Y N 174 
HEM C2C C3C  doub Y N 175 
HEM C2C CMC  sing N N 176 
HEM C3C C4C  sing Y N 177 
HEM C3C CAC  sing N N 178 
HEM C4C NC   sing Y N 179 
HEM CMC HMC  sing N N 180 
HEM CMC HMCA sing N N 181 
HEM CMC HMCB sing N N 182 
HEM CAC CBC  doub N N 183 
HEM CAC HAC  sing N N 184 
HEM CBC HBC  sing N N 185 
HEM CBC HBCA sing N N 186 
HEM C1D C2D  sing N N 187 
HEM C1D ND   doub N N 188 
HEM C2D C3D  doub N N 189 
HEM C2D CMD  sing N N 190 
HEM C3D C4D  sing N N 191 
HEM C3D CAD  sing N N 192 
HEM C4D ND   sing N N 193 
HEM CMD HMD  sing N N 194 
HEM CMD HMDA sing N N 195 
HEM CMD HMDB sing N N 196 
HEM CAD CBD  sing N N 197 
HEM CAD HAD  sing N N 198 
HEM CAD HADA sing N N 199 
HEM CBD CGD  sing N N 200 
HEM CBD HBD  sing N N 201 
HEM CBD HBDA sing N N 202 
HEM CGD O1D  doub N N 203 
HEM CGD O2D  sing N N 204 
HEM O2A H2A  sing N N 205 
HEM O2D H2D  sing N N 206 
HEM FE  NA   sing N N 207 
HEM FE  NB   sing N N 208 
HEM FE  NC   sing N N 209 
HEM FE  ND   sing N N 210 
HIS N   CA   sing N N 211 
HIS N   H    sing N N 212 
HIS N   H2   sing N N 213 
HIS CA  C    sing N N 214 
HIS CA  CB   sing N N 215 
HIS CA  HA   sing N N 216 
HIS C   O    doub N N 217 
HIS C   OXT  sing N N 218 
HIS CB  CG   sing N N 219 
HIS CB  HB2  sing N N 220 
HIS CB  HB3  sing N N 221 
HIS CG  ND1  sing Y N 222 
HIS CG  CD2  doub Y N 223 
HIS ND1 CE1  doub Y N 224 
HIS ND1 HD1  sing N N 225 
HIS CD2 NE2  sing Y N 226 
HIS CD2 HD2  sing N N 227 
HIS CE1 NE2  sing Y N 228 
HIS CE1 HE1  sing N N 229 
HIS NE2 HE2  sing N N 230 
HIS OXT HXT  sing N N 231 
HOH O   H1   sing N N 232 
HOH O   H2   sing N N 233 
ILE N   CA   sing N N 234 
ILE N   H    sing N N 235 
ILE N   H2   sing N N 236 
ILE CA  C    sing N N 237 
ILE CA  CB   sing N N 238 
ILE CA  HA   sing N N 239 
ILE C   O    doub N N 240 
ILE C   OXT  sing N N 241 
ILE CB  CG1  sing N N 242 
ILE CB  CG2  sing N N 243 
ILE CB  HB   sing N N 244 
ILE CG1 CD1  sing N N 245 
ILE CG1 HG12 sing N N 246 
ILE CG1 HG13 sing N N 247 
ILE CG2 HG21 sing N N 248 
ILE CG2 HG22 sing N N 249 
ILE CG2 HG23 sing N N 250 
ILE CD1 HD11 sing N N 251 
ILE CD1 HD12 sing N N 252 
ILE CD1 HD13 sing N N 253 
ILE OXT HXT  sing N N 254 
LEU N   CA   sing N N 255 
LEU N   H    sing N N 256 
LEU N   H2   sing N N 257 
LEU CA  C    sing N N 258 
LEU CA  CB   sing N N 259 
LEU CA  HA   sing N N 260 
LEU C   O    doub N N 261 
LEU C   OXT  sing N N 262 
LEU CB  CG   sing N N 263 
LEU CB  HB2  sing N N 264 
LEU CB  HB3  sing N N 265 
LEU CG  CD1  sing N N 266 
LEU CG  CD2  sing N N 267 
LEU CG  HG   sing N N 268 
LEU CD1 HD11 sing N N 269 
LEU CD1 HD12 sing N N 270 
LEU CD1 HD13 sing N N 271 
LEU CD2 HD21 sing N N 272 
LEU CD2 HD22 sing N N 273 
LEU CD2 HD23 sing N N 274 
LEU OXT HXT  sing N N 275 
LYS N   CA   sing N N 276 
LYS N   H    sing N N 277 
LYS N   H2   sing N N 278 
LYS CA  C    sing N N 279 
LYS CA  CB   sing N N 280 
LYS CA  HA   sing N N 281 
LYS C   O    doub N N 282 
LYS C   OXT  sing N N 283 
LYS CB  CG   sing N N 284 
LYS CB  HB2  sing N N 285 
LYS CB  HB3  sing N N 286 
LYS CG  CD   sing N N 287 
LYS CG  HG2  sing N N 288 
LYS CG  HG3  sing N N 289 
LYS CD  CE   sing N N 290 
LYS CD  HD2  sing N N 291 
LYS CD  HD3  sing N N 292 
LYS CE  NZ   sing N N 293 
LYS CE  HE2  sing N N 294 
LYS CE  HE3  sing N N 295 
LYS NZ  HZ1  sing N N 296 
LYS NZ  HZ2  sing N N 297 
LYS NZ  HZ3  sing N N 298 
LYS OXT HXT  sing N N 299 
MET N   CA   sing N N 300 
MET N   H    sing N N 301 
MET N   H2   sing N N 302 
MET CA  C    sing N N 303 
MET CA  CB   sing N N 304 
MET CA  HA   sing N N 305 
MET C   O    doub N N 306 
MET C   OXT  sing N N 307 
MET CB  CG   sing N N 308 
MET CB  HB2  sing N N 309 
MET CB  HB3  sing N N 310 
MET CG  SD   sing N N 311 
MET CG  HG2  sing N N 312 
MET CG  HG3  sing N N 313 
MET SD  CE   sing N N 314 
MET CE  HE1  sing N N 315 
MET CE  HE2  sing N N 316 
MET CE  HE3  sing N N 317 
MET OXT HXT  sing N N 318 
PHE N   CA   sing N N 319 
PHE N   H    sing N N 320 
PHE N   H2   sing N N 321 
PHE CA  C    sing N N 322 
PHE CA  CB   sing N N 323 
PHE CA  HA   sing N N 324 
PHE C   O    doub N N 325 
PHE C   OXT  sing N N 326 
PHE CB  CG   sing N N 327 
PHE CB  HB2  sing N N 328 
PHE CB  HB3  sing N N 329 
PHE CG  CD1  doub Y N 330 
PHE CG  CD2  sing Y N 331 
PHE CD1 CE1  sing Y N 332 
PHE CD1 HD1  sing N N 333 
PHE CD2 CE2  doub Y N 334 
PHE CD2 HD2  sing N N 335 
PHE CE1 CZ   doub Y N 336 
PHE CE1 HE1  sing N N 337 
PHE CE2 CZ   sing Y N 338 
PHE CE2 HE2  sing N N 339 
PHE CZ  HZ   sing N N 340 
PHE OXT HXT  sing N N 341 
PRO N   CA   sing N N 342 
PRO N   CD   sing N N 343 
PRO N   H    sing N N 344 
PRO CA  C    sing N N 345 
PRO CA  CB   sing N N 346 
PRO CA  HA   sing N N 347 
PRO C   O    doub N N 348 
PRO C   OXT  sing N N 349 
PRO CB  CG   sing N N 350 
PRO CB  HB2  sing N N 351 
PRO CB  HB3  sing N N 352 
PRO CG  CD   sing N N 353 
PRO CG  HG2  sing N N 354 
PRO CG  HG3  sing N N 355 
PRO CD  HD2  sing N N 356 
PRO CD  HD3  sing N N 357 
PRO OXT HXT  sing N N 358 
SER N   CA   sing N N 359 
SER N   H    sing N N 360 
SER N   H2   sing N N 361 
SER CA  C    sing N N 362 
SER CA  CB   sing N N 363 
SER CA  HA   sing N N 364 
SER C   O    doub N N 365 
SER C   OXT  sing N N 366 
SER CB  OG   sing N N 367 
SER CB  HB2  sing N N 368 
SER CB  HB3  sing N N 369 
SER OG  HG   sing N N 370 
SER OXT HXT  sing N N 371 
THR N   CA   sing N N 372 
THR N   H    sing N N 373 
THR N   H2   sing N N 374 
THR CA  C    sing N N 375 
THR CA  CB   sing N N 376 
THR CA  HA   sing N N 377 
THR C   O    doub N N 378 
THR C   OXT  sing N N 379 
THR CB  OG1  sing N N 380 
THR CB  CG2  sing N N 381 
THR CB  HB   sing N N 382 
THR OG1 HG1  sing N N 383 
THR CG2 HG21 sing N N 384 
THR CG2 HG22 sing N N 385 
THR CG2 HG23 sing N N 386 
THR OXT HXT  sing N N 387 
TRP N   CA   sing N N 388 
TRP N   H    sing N N 389 
TRP N   H2   sing N N 390 
TRP CA  C    sing N N 391 
TRP CA  CB   sing N N 392 
TRP CA  HA   sing N N 393 
TRP C   O    doub N N 394 
TRP C   OXT  sing N N 395 
TRP CB  CG   sing N N 396 
TRP CB  HB2  sing N N 397 
TRP CB  HB3  sing N N 398 
TRP CG  CD1  doub Y N 399 
TRP CG  CD2  sing Y N 400 
TRP CD1 NE1  sing Y N 401 
TRP CD1 HD1  sing N N 402 
TRP CD2 CE2  doub Y N 403 
TRP CD2 CE3  sing Y N 404 
TRP NE1 CE2  sing Y N 405 
TRP NE1 HE1  sing N N 406 
TRP CE2 CZ2  sing Y N 407 
TRP CE3 CZ3  doub Y N 408 
TRP CE3 HE3  sing N N 409 
TRP CZ2 CH2  doub Y N 410 
TRP CZ2 HZ2  sing N N 411 
TRP CZ3 CH2  sing Y N 412 
TRP CZ3 HZ3  sing N N 413 
TRP CH2 HH2  sing N N 414 
TRP OXT HXT  sing N N 415 
TYR N   CA   sing N N 416 
TYR N   H    sing N N 417 
TYR N   H2   sing N N 418 
TYR CA  C    sing N N 419 
TYR CA  CB   sing N N 420 
TYR CA  HA   sing N N 421 
TYR C   O    doub N N 422 
TYR C   OXT  sing N N 423 
TYR CB  CG   sing N N 424 
TYR CB  HB2  sing N N 425 
TYR CB  HB3  sing N N 426 
TYR CG  CD1  doub Y N 427 
TYR CG  CD2  sing Y N 428 
TYR CD1 CE1  sing Y N 429 
TYR CD1 HD1  sing N N 430 
TYR CD2 CE2  doub Y N 431 
TYR CD2 HD2  sing N N 432 
TYR CE1 CZ   doub Y N 433 
TYR CE1 HE1  sing N N 434 
TYR CE2 CZ   sing Y N 435 
TYR CE2 HE2  sing N N 436 
TYR CZ  OH   sing N N 437 
TYR OH  HH   sing N N 438 
TYR OXT HXT  sing N N 439 
VAL N   CA   sing N N 440 
VAL N   H    sing N N 441 
VAL N   H2   sing N N 442 
VAL CA  C    sing N N 443 
VAL CA  CB   sing N N 444 
VAL CA  HA   sing N N 445 
VAL C   O    doub N N 446 
VAL C   OXT  sing N N 447 
VAL CB  CG1  sing N N 448 
VAL CB  CG2  sing N N 449 
VAL CB  HB   sing N N 450 
VAL CG1 HG11 sing N N 451 
VAL CG1 HG12 sing N N 452 
VAL CG1 HG13 sing N N 453 
VAL CG2 HG21 sing N N 454 
VAL CG2 HG22 sing N N 455 
VAL CG2 HG23 sing N N 456 
VAL OXT HXT  sing N N 457 
# 
_atom_sites.entry_id                    1FLP 
_atom_sites.fract_transf_matrix[1][1]   -0.01716268 
_atom_sites.fract_transf_matrix[1][2]   -0.00225417 
_atom_sites.fract_transf_matrix[1][3]   0.02014205 
_atom_sites.fract_transf_matrix[2][1]   -0.01707705 
_atom_sites.fract_transf_matrix[2][2]   0.01485822 
_atom_sites.fract_transf_matrix[2][3]   -0.01288821 
_atom_sites.fract_transf_matrix[3][1]   -0.01112690 
_atom_sites.fract_transf_matrix[3][2]   -0.01941374 
_atom_sites.fract_transf_matrix[3][3]   -0.00763791 
_atom_sites.fract_transf_vector[1]      0.259507 
_atom_sites.fract_transf_vector[2]      -0.016529 
_atom_sites.fract_transf_vector[3]      0.248314 
# 
_atom_sites_footnote.id     1 
_atom_sites_footnote.text   'THE C-TERMINAL STRETCH 136 - 142 HAS NOT BEEN YET CONFIRMED BY CHEMICAL ANALYSIS.' 
# 
loop_
_atom_type.symbol 
C  
FE 
N  
O  
S  
# 
loop_
_atom_site.group_PDB 
_atom_site.id 
_atom_site.type_symbol 
_atom_site.label_atom_id 
_atom_site.label_alt_id 
_atom_site.label_comp_id 
_atom_site.label_asym_id 
_atom_site.label_entity_id 
_atom_site.label_seq_id 
_atom_site.pdbx_PDB_ins_code 
_atom_site.Cartn_x 
_atom_site.Cartn_y 
_atom_site.Cartn_z 
_atom_site.occupancy 
_atom_site.B_iso_or_equiv 
_atom_site.pdbx_formal_charge 
_atom_site.auth_seq_id 
_atom_site.auth_comp_id 
_atom_site.auth_asym_id 
_atom_site.auth_atom_id 
_atom_site.pdbx_PDB_model_num 
ATOM   1    N  N   . SER A 1 1   ? 10.623  -12.645 13.871  1.00 45.72 ? 1   SER A N   1 
ATOM   2    C  CA  . SER A 1 1   ? 10.155  -12.235 12.563  1.00 45.64 ? 1   SER A CA  1 
ATOM   3    C  C   . SER A 1 1   ? 9.030   -11.188 12.524  1.00 41.17 ? 1   SER A C   1 
ATOM   4    O  O   . SER A 1 1   ? 9.061   -10.264 11.701  1.00 42.07 ? 1   SER A O   1 
ATOM   5    C  CB  . SER A 1 1   ? 9.767   -13.436 11.760  1.00 46.34 ? 1   SER A CB  1 
ATOM   6    O  OG  . SER A 1 1   ? 9.804   -13.036 10.416  1.00 44.90 ? 1   SER A OG  1 
ATOM   7    N  N   . LEU A 1 2   ? 7.979   -11.246 13.324  1.00 34.92 ? 2   LEU A N   1 
ATOM   8    C  CA  . LEU A 1 2   ? 6.992   -10.205 13.407  1.00 28.41 ? 2   LEU A CA  1 
ATOM   9    C  C   . LEU A 1 2   ? 6.536   -10.283 14.867  1.00 25.46 ? 2   LEU A C   1 
ATOM   10   O  O   . LEU A 1 2   ? 5.812   -11.222 15.297  1.00 25.60 ? 2   LEU A O   1 
ATOM   11   C  CB  . LEU A 1 2   ? 5.834   -10.384 12.416  1.00 27.26 ? 2   LEU A CB  1 
ATOM   12   C  CG  . LEU A 1 2   ? 4.912   -9.173  12.331  1.00 32.47 ? 2   LEU A CG  1 
ATOM   13   C  CD1 . LEU A 1 2   ? 5.759   -7.969  11.934  1.00 32.03 ? 2   LEU A CD1 1 
ATOM   14   C  CD2 . LEU A 1 2   ? 3.838   -9.465  11.284  1.00 32.39 ? 2   LEU A CD2 1 
ATOM   15   N  N   . GLU A 1 3   ? 7.022   -9.353  15.727  1.00 21.56 ? 3   GLU A N   1 
ATOM   16   C  CA  . GLU A 1 3   ? 6.692   -9.416  17.150  1.00 17.87 ? 3   GLU A CA  1 
ATOM   17   C  C   . GLU A 1 3   ? 5.348   -8.818  17.518  1.00 15.65 ? 3   GLU A C   1 
ATOM   18   O  O   . GLU A 1 3   ? 4.740   -8.099  16.716  1.00 15.91 ? 3   GLU A O   1 
ATOM   19   C  CB  . GLU A 1 3   ? 7.787   -8.662  17.921  1.00 17.83 ? 3   GLU A CB  1 
ATOM   20   C  CG  . GLU A 1 3   ? 7.621   -7.135  17.816  1.00 10.69 ? 3   GLU A CG  1 
ATOM   21   C  CD  . GLU A 1 3   ? 8.957   -6.419  18.270  1.00 47.66 ? 3   GLU A CD  1 
ATOM   22   O  OE1 . GLU A 1 3   ? 10.051  -6.629  17.656  1.00 31.08 ? 3   GLU A OE1 1 
ATOM   23   O  OE2 . GLU A 1 3   ? 9.172   -5.666  19.288  1.00 29.51 ? 3   GLU A OE2 1 
ATOM   24   N  N   . ALA A 1 4   ? 4.893   -9.117  18.750  1.00 13.09 ? 4   ALA A N   1 
ATOM   25   C  CA  . ALA A 1 4   ? 3.659   -8.586  19.268  1.00 12.75 ? 4   ALA A CA  1 
ATOM   26   C  C   . ALA A 1 4   ? 3.689   -7.055  19.252  1.00 12.92 ? 4   ALA A C   1 
ATOM   27   O  O   . ALA A 1 4   ? 2.727   -6.409  18.903  1.00 13.95 ? 4   ALA A O   1 
ATOM   28   C  CB  . ALA A 1 4   ? 3.337   -9.130  20.670  1.00 13.16 ? 4   ALA A CB  1 
ATOM   29   N  N   . ALA A 1 5   ? 4.825   -6.476  19.637  1.00 13.36 ? 5   ALA A N   1 
ATOM   30   C  CA  . ALA A 1 5   ? 4.978   -5.021  19.656  1.00 12.29 ? 5   ALA A CA  1 
ATOM   31   C  C   . ALA A 1 5   ? 4.925   -4.470  18.234  1.00 10.65 ? 5   ALA A C   1 
ATOM   32   O  O   . ALA A 1 5   ? 4.349   -3.381  18.069  1.00 11.81 ? 5   ALA A O   1 
ATOM   33   C  CB  . ALA A 1 5   ? 6.306   -4.658  20.372  1.00 11.75 ? 5   ALA A CB  1 
ATOM   34   N  N   . GLN A 1 6   ? 5.525   -5.133  17.254  1.00 9.60  ? 6   GLN A N   1 
ATOM   35   C  CA  . GLN A 1 6   ? 5.484   -4.671  15.882  1.00 9.65  ? 6   GLN A CA  1 
ATOM   36   C  C   . GLN A 1 6   ? 4.045   -4.639  15.359  1.00 10.67 ? 6   GLN A C   1 
ATOM   37   O  O   . GLN A 1 6   ? 3.594   -3.657  14.722  1.00 11.99 ? 6   GLN A O   1 
ATOM   38   C  CB  . GLN A 1 6   ? 6.345   -5.537  14.958  1.00 9.62  ? 6   GLN A CB  1 
ATOM   39   C  CG  . GLN A 1 6   ? 7.802   -5.217  15.197  1.00 11.17 ? 6   GLN A CG  1 
ATOM   40   C  CD  . GLN A 1 6   ? 8.768   -6.107  14.425  1.00 17.37 ? 6   GLN A CD  1 
ATOM   41   O  OE1 . GLN A 1 6   ? 8.514   -7.302  14.331  1.00 15.89 ? 6   GLN A OE1 1 
ATOM   42   N  NE2 . GLN A 1 6   ? 9.892   -5.560  13.909  1.00 14.54 ? 6   GLN A NE2 1 
ATOM   43   N  N   . LYS A 1 7   ? 3.272   -5.691  15.671  1.00 10.63 ? 7   LYS A N   1 
ATOM   44   C  CA  . LYS A 1 7   ? 1.868   -5.735  15.266  1.00 10.84 ? 7   LYS A CA  1 
ATOM   45   C  C   . LYS A 1 7   ? 1.027   -4.646  15.950  1.00 11.06 ? 7   LYS A C   1 
ATOM   46   O  O   . LYS A 1 7   ? 0.174   -4.037  15.303  1.00 12.23 ? 7   LYS A O   1 
ATOM   47   C  CB  . LYS A 1 7   ? 1.241   -7.108  15.605  1.00 11.59 ? 7   LYS A CB  1 
ATOM   48   C  CG  . LYS A 1 7   ? 1.818   -8.242  14.744  1.00 11.83 ? 7   LYS A CG  1 
ATOM   49   C  CD  . LYS A 1 7   ? 1.228   -9.533  15.319  1.00 24.09 ? 7   LYS A CD  1 
ATOM   50   C  CE  . LYS A 1 7   ? 1.857   -10.842 14.839  1.00 59.29 ? 7   LYS A CE  1 
ATOM   51   N  NZ  . LYS A 1 7   ? 1.374   -11.942 15.628  1.00 27.24 ? 7   LYS A NZ  1 
ATOM   52   N  N   . SER A 1 8   ? 1.260   -4.373  17.230  1.00 10.31 ? 8   SER A N   1 
ATOM   53   C  CA  . SER A 1 8   ? 0.566   -3.324  17.945  1.00 9.65  ? 8   SER A CA  1 
ATOM   54   C  C   . SER A 1 8   ? 0.831   -1.903  17.349  1.00 10.08 ? 8   SER A C   1 
ATOM   55   O  O   . SER A 1 8   ? -0.069  -1.066  17.134  1.00 9.96  ? 8   SER A O   1 
ATOM   56   C  CB  . SER A 1 8   ? 0.925   -3.377  19.424  1.00 10.06 ? 8   SER A CB  1 
ATOM   57   O  OG  . SER A 1 8   ? 0.182   -2.320  20.143  1.00 34.43 ? 8   SER A OG  1 
ATOM   58   N  N   . ASN A 1 9   ? 2.112   -1.648  17.015  1.00 10.15 ? 9   ASN A N   1 
ATOM   59   C  CA  . ASN A 1 9   ? 2.477   -0.391  16.403  1.00 9.79  ? 9   ASN A CA  1 
ATOM   60   C  C   . ASN A 1 9   ? 1.777   -0.193  15.048  1.00 10.75 ? 9   ASN A C   1 
ATOM   61   O  O   . ASN A 1 9   ? 1.306   0.886   14.730  1.00 9.18  ? 9   ASN A O   1 
ATOM   62   C  CB  . ASN A 1 9   ? 4.009   -0.226  16.313  1.00 8.62  ? 9   ASN A CB  1 
ATOM   63   C  CG  . ASN A 1 9   ? 4.396   1.084   15.642  1.00 11.39 ? 9   ASN A CG  1 
ATOM   64   O  OD1 . ASN A 1 9   ? 4.324   2.211   16.247  1.00 12.47 ? 9   ASN A OD1 1 
ATOM   65   N  ND2 . ASN A 1 9   ? 4.650   1.020   14.352  1.00 10.19 ? 9   ASN A ND2 1 
ATOM   66   N  N   . VAL A 1 10  ? 1.766   -1.239  14.206  1.00 11.24 ? 10  VAL A N   1 
ATOM   67   C  CA  . VAL A 1 10  ? 1.128   -1.174  12.898  1.00 10.79 ? 10  VAL A CA  1 
ATOM   68   C  C   . VAL A 1 10  ? -0.361  -0.900  13.017  1.00 9.32  ? 10  VAL A C   1 
ATOM   69   O  O   . VAL A 1 10  ? -0.891  -0.013  12.340  1.00 9.20  ? 10  VAL A O   1 
ATOM   70   C  CB  . VAL A 1 10  ? 1.513   -2.461  12.130  1.00 11.17 ? 10  VAL A CB  1 
ATOM   71   C  CG1 . VAL A 1 10  ? 0.577   -2.681  10.932  1.00 10.91 ? 10  VAL A CG1 1 
ATOM   72   C  CG2 . VAL A 1 10  ? 2.929   -2.349  11.593  1.00 10.86 ? 10  VAL A CG2 1 
ATOM   73   N  N   . THR A 1 11  ? -1.024  -1.620  13.901  1.00 9.17  ? 11  THR A N   1 
ATOM   74   C  CA  . THR A 1 11  ? -2.448  -1.441  14.146  1.00 9.63  ? 11  THR A CA  1 
ATOM   75   C  C   . THR A 1 11  ? -2.798  -0.022  14.612  1.00 10.09 ? 11  THR A C   1 
ATOM   76   O  O   . THR A 1 11  ? -3.737  0.623   14.105  1.00 11.52 ? 11  THR A O   1 
ATOM   77   C  CB  . THR A 1 11  ? -2.976  -2.475  15.175  1.00 11.49 ? 11  THR A CB  1 
ATOM   78   O  OG1 . THR A 1 11  ? -2.581  -3.789  14.766  1.00 51.70 ? 11  THR A OG1 1 
ATOM   79   C  CG2 . THR A 1 11  ? -4.489  -2.459  15.281  1.00 51.06 ? 11  THR A CG2 1 
ATOM   80   N  N   . SER A 1 12  ? -2.054  0.458   15.633  1.00 10.39 ? 12  SER A N   1 
ATOM   81   C  CA  . SER A 1 12  ? -2.343  1.788   16.186  1.00 10.82 ? 12  SER A CA  1 
ATOM   82   C  C   . SER A 1 12  ? -2.005  2.944   15.265  1.00 10.80 ? 12  SER A C   1 
ATOM   83   O  O   . SER A 1 12  ? -2.818  3.904   15.188  1.00 12.11 ? 12  SER A O   1 
ATOM   84   C  CB  . SER A 1 12  ? -1.554  1.997   17.469  1.00 11.67 ? 12  SER A CB  1 
ATOM   85   O  OG  . SER A 1 12  ? -2.016  1.032   18.379  1.00 28.12 ? 12  SER A OG  1 
ATOM   86   N  N   . SER A 1 13  ? -0.831  2.852   14.572  1.00 9.16  ? 13  SER A N   1 
ATOM   87   C  CA  . SER A 1 13  ? -0.457  3.888   13.635  1.00 8.04  ? 13  SER A CA  1 
ATOM   88   C  C   . SER A 1 13  ? -1.412  3.922   12.406  1.00 9.27  ? 13  SER A C   1 
ATOM   89   O  O   . SER A 1 13  ? -1.801  4.991   11.899  1.00 8.60  ? 13  SER A O   1 
ATOM   90   C  CB  . SER A 1 13  ? 0.987   3.820   13.204  1.00 8.39  ? 13  SER A CB  1 
ATOM   91   O  OG  . SER A 1 13  ? 1.411   2.603   12.568  1.00 10.74 ? 13  SER A OG  1 
ATOM   92   N  N   . TRP A 1 14  ? -1.831  2.684   11.937  1.00 9.32  ? 14  TRP A N   1 
ATOM   93   C  CA  . TRP A 1 14  ? -2.797  2.648   10.830  1.00 8.54  ? 14  TRP A CA  1 
ATOM   94   C  C   . TRP A 1 14  ? -4.113  3.300   11.223  1.00 8.63  ? 14  TRP A C   1 
ATOM   95   O  O   . TRP A 1 14  ? -4.770  4.025   10.448  1.00 9.43  ? 14  TRP A O   1 
ATOM   96   C  CB  . TRP A 1 14  ? -3.027  1.193   10.303  1.00 9.50  ? 14  TRP A CB  1 
ATOM   97   C  CG  . TRP A 1 14  ? -3.941  1.239   9.084   1.00 9.12  ? 14  TRP A CG  1 
ATOM   98   C  CD1 . TRP A 1 14  ? -5.225  0.724   9.024   1.00 11.14 ? 14  TRP A CD1 1 
ATOM   99   C  CD2 . TRP A 1 14  ? -3.678  1.863   7.846   1.00 10.03 ? 14  TRP A CD2 1 
ATOM   100  N  NE1 . TRP A 1 14  ? -5.786  1.068   7.832   1.00 10.84 ? 14  TRP A NE1 1 
ATOM   101  C  CE2 . TRP A 1 14  ? -4.872  1.694   7.078   1.00 11.22 ? 14  TRP A CE2 1 
ATOM   102  C  CE3 . TRP A 1 14  ? -2.590  2.532   7.275   1.00 10.69 ? 14  TRP A CE3 1 
ATOM   103  C  CZ2 . TRP A 1 14  ? -5.015  2.227   5.800   1.00 12.45 ? 14  TRP A CZ2 1 
ATOM   104  C  CZ3 . TRP A 1 14  ? -2.742  2.997   5.996   1.00 13.38 ? 14  TRP A CZ3 1 
ATOM   105  C  CH2 . TRP A 1 14  ? -3.946  2.914   5.265   1.00 12.97 ? 14  TRP A CH2 1 
ATOM   106  N  N   . ALA A 1 15  ? -4.553  3.069   12.457  1.00 10.19 ? 15  ALA A N   1 
ATOM   107  C  CA  . ALA A 1 15  ? -5.792  3.740   12.885  1.00 11.73 ? 15  ALA A CA  1 
ATOM   108  C  C   . ALA A 1 15  ? -5.680  5.293   12.800  1.00 12.20 ? 15  ALA A C   1 
ATOM   109  O  O   . ALA A 1 15  ? -6.653  5.953   12.447  1.00 12.96 ? 15  ALA A O   1 
ATOM   110  C  CB  . ALA A 1 15  ? -6.132  3.302   14.292  1.00 12.92 ? 15  ALA A CB  1 
ATOM   111  N  N   . LYS A 1 16  ? -4.492  5.894   13.084  1.00 11.38 ? 16  LYS A N   1 
ATOM   112  C  CA  . LYS A 1 16  ? -4.280  7.350   13.014  1.00 10.63 ? 16  LYS A CA  1 
ATOM   113  C  C   . LYS A 1 16  ? -4.236  7.777   11.556  1.00 10.99 ? 16  LYS A C   1 
ATOM   114  O  O   . LYS A 1 16  ? -4.890  8.758   11.175  1.00 11.62 ? 16  LYS A O   1 
ATOM   115  C  CB  . LYS A 1 16  ? -2.976  7.768   13.692  1.00 10.34 ? 16  LYS A CB  1 
ATOM   116  C  CG  . LYS A 1 16  ? -2.963  7.572   15.193  1.00 18.79 ? 16  LYS A CG  1 
ATOM   117  C  CD  . LYS A 1 16  ? -1.626  8.007   15.802  1.00 37.23 ? 16  LYS A CD  1 
ATOM   118  C  CE  . LYS A 1 16  ? -1.168  7.103   16.914  0.00 80.00 ? 16  LYS A CE  1 
ATOM   119  N  NZ  . LYS A 1 16  ? 0.079   7.432   17.467  0.00 80.00 ? 16  LYS A NZ  1 
ATOM   120  N  N   . ALA A 1 17  ? -3.517  7.024   10.705  1.00 9.76  ? 17  ALA A N   1 
ATOM   121  C  CA  . ALA A 1 17  ? -3.496  7.361   9.276   1.00 9.92  ? 17  ALA A CA  1 
ATOM   122  C  C   . ALA A 1 17  ? -4.856  7.247   8.590   1.00 10.12 ? 17  ALA A C   1 
ATOM   123  O  O   . ALA A 1 17  ? -5.266  8.083   7.753   1.00 10.47 ? 17  ALA A O   1 
ATOM   124  C  CB  . ALA A 1 17  ? -2.456  6.536   8.507   1.00 10.25 ? 17  ALA A CB  1 
ATOM   125  N  N   . SER A 1 18  ? -5.593  6.206   9.030   1.00 10.28 ? 18  SER A N   1 
ATOM   126  C  CA  . SER A 1 18  ? -6.926  5.980   8.512   1.00 10.89 ? 18  SER A CA  1 
ATOM   127  C  C   . SER A 1 18  ? -7.879  7.192   8.737   1.00 11.11 ? 18  SER A C   1 
ATOM   128  O  O   . SER A 1 18  ? -8.662  7.624   7.866   1.00 12.48 ? 18  SER A O   1 
ATOM   129  C  CB  . SER A 1 18  ? -7.352  4.630   9.103   1.00 12.21 ? 18  SER A CB  1 
ATOM   130  O  OG  . SER A 1 18  ? -8.581  4.364   8.479   1.00 34.44 ? 18  SER A OG  1 
ATOM   131  N  N   . ALA A 1 19  ? -7.808  7.785   9.914   1.00 11.18 ? 19  ALA A N   1 
ATOM   132  C  CA  . ALA A 1 19  ? -8.601  8.944   10.307  1.00 11.66 ? 19  ALA A CA  1 
ATOM   133  C  C   . ALA A 1 19  ? -8.266  10.171  9.449   1.00 12.00 ? 19  ALA A C   1 
ATOM   134  O  O   . ALA A 1 19  ? -9.130  11.024  9.127   1.00 13.28 ? 19  ALA A O   1 
ATOM   135  C  CB  . ALA A 1 19  ? -8.513  9.244   11.818  1.00 12.06 ? 19  ALA A CB  1 
ATOM   136  N  N   . ALA A 1 20  ? -7.026  10.222  8.940   1.00 10.40 ? 20  ALA A N   1 
ATOM   137  C  CA  . ALA A 1 20  ? -6.631  11.382  8.131   1.00 10.66 ? 20  ALA A CA  1 
ATOM   138  C  C   . ALA A 1 20  ? -6.564  11.077  6.619   1.00 10.03 ? 20  ALA A C   1 
ATOM   139  O  O   . ALA A 1 20  ? -6.022  11.876  5.835   1.00 9.76  ? 20  ALA A O   1 
ATOM   140  C  CB  . ALA A 1 20  ? -5.198  11.809  8.591   1.00 10.67 ? 20  ALA A CB  1 
ATOM   141  N  N   . TRP A 1 21  ? -7.036  9.879   6.216   1.00 9.68  ? 21  TRP A N   1 
ATOM   142  C  CA  . TRP A 1 21  ? -6.768  9.442   4.829   1.00 9.29  ? 21  TRP A CA  1 
ATOM   143  C  C   . TRP A 1 21  ? -7.353  10.302  3.717   1.00 8.95  ? 21  TRP A C   1 
ATOM   144  O  O   . TRP A 1 21  ? -6.857  10.326  2.587   1.00 9.56  ? 21  TRP A O   1 
ATOM   145  C  CB  . TRP A 1 21  ? -7.095  7.927   4.725   1.00 8.56  ? 21  TRP A CB  1 
ATOM   146  C  CG  . TRP A 1 21  ? -6.368  7.252   3.626   1.00 10.20 ? 21  TRP A CG  1 
ATOM   147  C  CD1 . TRP A 1 21  ? -6.904  6.755   2.475   1.00 10.72 ? 21  TRP A CD1 1 
ATOM   148  C  CD2 . TRP A 1 21  ? -4.978  6.913   3.587   1.00 11.26 ? 21  TRP A CD2 1 
ATOM   149  N  NE1 . TRP A 1 21  ? -5.920  6.187   1.697   1.00 9.97  ? 21  TRP A NE1 1 
ATOM   150  C  CE2 . TRP A 1 21  ? -4.741  6.214   2.363   1.00 10.92 ? 21  TRP A CE2 1 
ATOM   151  C  CE3 . TRP A 1 21  ? -3.872  7.073   4.445   1.00 12.10 ? 21  TRP A CE3 1 
ATOM   152  C  CZ2 . TRP A 1 21  ? -3.473  5.752   1.998   1.00 11.32 ? 21  TRP A CZ2 1 
ATOM   153  C  CZ3 . TRP A 1 21  ? -2.631  6.563   4.080   1.00 12.13 ? 21  TRP A CZ3 1 
ATOM   154  C  CH2 . TRP A 1 21  ? -2.411  5.908   2.854   1.00 12.23 ? 21  TRP A CH2 1 
ATOM   155  N  N   . GLY A 1 22  ? -8.391  11.063  4.083   1.00 9.88  ? 22  GLY A N   1 
ATOM   156  C  CA  . GLY A 1 22  ? -9.033  12.025  3.170   1.00 11.12 ? 22  GLY A CA  1 
ATOM   157  C  C   . GLY A 1 22  ? -8.025  12.984  2.572   1.00 12.06 ? 22  GLY A C   1 
ATOM   158  O  O   . GLY A 1 22  ? -8.058  13.314  1.362   1.00 13.90 ? 22  GLY A O   1 
ATOM   159  N  N   . THR A 1 23  ? -7.056  13.397  3.394   1.00 10.46 ? 23  THR A N   1 
ATOM   160  C  CA  . THR A 1 23  ? -5.997  14.227  2.872   1.00 10.91 ? 23  THR A CA  1 
ATOM   161  C  C   . THR A 1 23  ? -4.684  13.462  2.670   1.00 10.97 ? 23  THR A C   1 
ATOM   162  O  O   . THR A 1 23  ? -3.904  13.755  1.730   1.00 12.45 ? 23  THR A O   1 
ATOM   163  C  CB  . THR A 1 23  ? -5.787  15.483  3.751   1.00 11.40 ? 23  THR A CB  1 
ATOM   164  O  OG1 . THR A 1 23  ? -5.203  15.120  4.993   1.00 12.38 ? 23  THR A OG1 1 
ATOM   165  C  CG2 . THR A 1 23  ? -7.079  16.247  3.860   1.00 11.92 ? 23  THR A CG2 1 
ATOM   166  N  N   . ALA A 1 24  ? -4.370  12.509  3.562   1.00 10.01 ? 24  ALA A N   1 
ATOM   167  C  CA  . ALA A 1 24  ? -3.118  11.786  3.507   1.00 9.74  ? 24  ALA A CA  1 
ATOM   168  C  C   . ALA A 1 24  ? -2.960  10.832  2.336   1.00 9.84  ? 24  ALA A C   1 
ATOM   169  O  O   . ALA A 1 24  ? -1.881  10.620  1.814   1.00 10.33 ? 24  ALA A O   1 
ATOM   170  C  CB  . ALA A 1 24  ? -2.906  11.034  4.821   1.00 9.79  ? 24  ALA A CB  1 
ATOM   171  N  N   . GLY A 1 25  ? -4.075  10.264  1.909   1.00 10.09 ? 25  GLY A N   1 
ATOM   172  C  CA  . GLY A 1 25  ? -4.031  9.239   0.839   1.00 9.89  ? 25  GLY A CA  1 
ATOM   173  C  C   . GLY A 1 25  ? -3.476  9.755   -0.460  1.00 8.98  ? 25  GLY A C   1 
ATOM   174  O  O   . GLY A 1 25  ? -2.567  9.200   -1.056  1.00 9.91  ? 25  GLY A O   1 
ATOM   175  N  N   . PRO A 1 26  ? -3.969  10.910  -0.927  1.00 9.11  ? 26  PRO A N   1 
ATOM   176  C  CA  . PRO A 1 26  ? -3.403  11.511  -2.151  1.00 10.41 ? 26  PRO A CA  1 
ATOM   177  C  C   . PRO A 1 26  ? -1.916  11.914  -2.026  1.00 10.79 ? 26  PRO A C   1 
ATOM   178  O  O   . PRO A 1 26  ? -1.133  11.871  -2.978  1.00 11.89 ? 26  PRO A O   1 
ATOM   179  C  CB  . PRO A 1 26  ? -4.364  12.699  -2.434  1.00 11.49 ? 26  PRO A CB  1 
ATOM   180  C  CG  . PRO A 1 26  ? -5.689  12.219  -1.789  1.00 10.83 ? 26  PRO A CG  1 
ATOM   181  C  CD  . PRO A 1 26  ? -5.299  11.408  -0.551  1.00 9.32  ? 26  PRO A CD  1 
ATOM   182  N  N   . GLU A 1 27  ? -1.466  12.262  -0.788  1.00 11.45 ? 27  GLU A N   1 
ATOM   183  C  CA  . GLU A 1 27  ? -0.052  12.620  -0.564  1.00 11.13 ? 27  GLU A CA  1 
ATOM   184  C  C   . GLU A 1 27  ? 0.829   11.371  -0.663  1.00 11.32 ? 27  GLU A C   1 
ATOM   185  O  O   . GLU A 1 27  ? 1.954   11.448  -1.223  1.00 11.00 ? 27  GLU A O   1 
ATOM   186  C  CB  . GLU A 1 27  ? 0.133   13.160  0.877   1.00 12.70 ? 27  GLU A CB  1 
ATOM   187  C  CG  . GLU A 1 27  ? -0.603  14.525  1.021   1.00 17.93 ? 27  GLU A CG  1 
ATOM   188  C  CD  . GLU A 1 27  ? -0.638  15.086  2.450   1.00 70.21 ? 27  GLU A CD  1 
ATOM   189  O  OE1 . GLU A 1 27  ? -0.228  14.383  3.439   1.00 27.90 ? 27  GLU A OE1 1 
ATOM   190  O  OE2 . GLU A 1 27  ? -1.096  16.260  2.571   1.00 29.23 ? 27  GLU A OE2 1 
ATOM   191  N  N   . PHE A 1 28  ? 0.260   10.243  -0.138  1.00 10.21 ? 28  PHE A N   1 
ATOM   192  C  CA  . PHE A 1 28  ? 1.050   9.020   -0.246  1.00 9.52  ? 28  PHE A CA  1 
ATOM   193  C  C   . PHE A 1 28  ? 1.260   8.664   -1.716  1.00 9.13  ? 28  PHE A C   1 
ATOM   194  O  O   . PHE A 1 28  ? 2.365   8.358   -2.144  1.00 9.90  ? 28  PHE A O   1 
ATOM   195  C  CB  . PHE A 1 28  ? 0.309   7.875   0.530   1.00 10.47 ? 28  PHE A CB  1 
ATOM   196  C  CG  . PHE A 1 28  ? 0.785   6.487   0.070   1.00 12.08 ? 28  PHE A CG  1 
ATOM   197  C  CD1 . PHE A 1 28  ? 2.060   6.029   0.427   1.00 12.18 ? 28  PHE A CD1 1 
ATOM   198  C  CD2 . PHE A 1 28  ? 0.023   5.682   -0.791  1.00 13.13 ? 28  PHE A CD2 1 
ATOM   199  C  CE1 . PHE A 1 28  ? 2.576   4.805   -0.023  1.00 11.40 ? 28  PHE A CE1 1 
ATOM   200  C  CE2 . PHE A 1 28  ? 0.536   4.498   -1.310  1.00 12.37 ? 28  PHE A CE2 1 
ATOM   201  C  CZ  . PHE A 1 28  ? 1.797   4.047   -0.899  1.00 11.95 ? 28  PHE A CZ  1 
ATOM   202  N  N   . PHE A 1 29  ? 0.163   8.687   -2.516  1.00 8.61  ? 29  PHE A N   1 
ATOM   203  C  CA  . PHE A 1 29  ? 0.309   8.391   -3.938  1.00 7.91  ? 29  PHE A CA  1 
ATOM   204  C  C   . PHE A 1 29  ? 1.256   9.304   -4.675  1.00 8.94  ? 29  PHE A C   1 
ATOM   205  O  O   . PHE A 1 29  ? 2.003   8.871   -5.578  1.00 9.42  ? 29  PHE A O   1 
ATOM   206  C  CB  . PHE A 1 29  ? -1.074  8.305   -4.686  1.00 8.10  ? 29  PHE A CB  1 
ATOM   207  C  CG  . PHE A 1 29  ? -1.781  6.965   -4.489  1.00 13.10 ? 29  PHE A CG  1 
ATOM   208  C  CD1 . PHE A 1 29  ? -1.432  5.890   -5.309  1.00 13.44 ? 29  PHE A CD1 1 
ATOM   209  C  CD2 . PHE A 1 29  ? -2.625  6.726   -3.399  1.00 13.11 ? 29  PHE A CD2 1 
ATOM   210  C  CE1 . PHE A 1 29  ? -2.038  4.642   -5.123  1.00 13.92 ? 29  PHE A CE1 1 
ATOM   211  C  CE2 . PHE A 1 29  ? -3.243  5.484   -3.186  1.00 13.88 ? 29  PHE A CE2 1 
ATOM   212  C  CZ  . PHE A 1 29  ? -2.939  4.449   -4.068  1.00 13.81 ? 29  PHE A CZ  1 
ATOM   213  N  N   . MET A 1 30  ? 1.231   10.603  -4.275  1.00 9.74  ? 30  MET A N   1 
ATOM   214  C  CA  . MET A 1 30  ? 2.143   11.489  -4.986  1.00 11.84 ? 30  MET A CA  1 
ATOM   215  C  C   . MET A 1 30  ? 3.600   11.172  -4.689  1.00 12.33 ? 30  MET A C   1 
ATOM   216  O  O   . MET A 1 30  ? 4.529   11.183  -5.554  1.00 13.40 ? 30  MET A O   1 
ATOM   217  C  CB  . MET A 1 30  ? 1.823   12.964  -4.725  1.00 13.53 ? 30  MET A CB  1 
ATOM   218  C  CG  . MET A 1 30  ? 0.499   13.434  -5.334  1.00 16.23 ? 30  MET A CG  1 
ATOM   219  S  SD  . MET A 1 30  ? 0.347   13.233  -7.152  1.00 19.72 ? 30  MET A SD  1 
ATOM   220  C  CE  . MET A 1 30  ? 1.911   13.828  -7.855  1.00 20.07 ? 30  MET A CE  1 
ATOM   221  N  N   . ALA A 1 31  ? 3.834   10.801  -3.452  1.00 12.04 ? 31  ALA A N   1 
ATOM   222  C  CA  . ALA A 1 31  ? 5.189   10.457  -3.036  1.00 12.16 ? 31  ALA A CA  1 
ATOM   223  C  C   . ALA A 1 31  ? 5.676   9.236   -3.839  1.00 12.94 ? 31  ALA A C   1 
ATOM   224  O  O   . ALA A 1 31  ? 6.811   9.152   -4.318  1.00 12.79 ? 31  ALA A O   1 
ATOM   225  C  CB  . ALA A 1 31  ? 5.209   10.289  -1.512  1.00 13.33 ? 31  ALA A CB  1 
ATOM   226  N  N   . LEU A 1 32  ? 4.772   8.258   -3.981  1.00 11.86 ? 32  LEU A N   1 
ATOM   227  C  CA  . LEU A 1 32  ? 5.089   7.045   -4.727  1.00 12.48 ? 32  LEU A CA  1 
ATOM   228  C  C   . LEU A 1 32  ? 5.378   7.352   -6.198  1.00 11.71 ? 32  LEU A C   1 
ATOM   229  O  O   . LEU A 1 32  ? 6.368   6.846   -6.755  1.00 12.02 ? 32  LEU A O   1 
ATOM   230  C  CB  . LEU A 1 32  ? 3.886   6.051   -4.523  1.00 11.40 ? 32  LEU A CB  1 
ATOM   231  C  CG  . LEU A 1 32  ? 3.979   4.734   -5.329  1.00 13.31 ? 32  LEU A CG  1 
ATOM   232  C  CD1 . LEU A 1 32  ? 5.194   3.887   -4.971  1.00 15.81 ? 32  LEU A CD1 1 
ATOM   233  C  CD2 . LEU A 1 32  ? 2.699   3.967   -5.050  1.00 16.64 ? 32  LEU A CD2 1 
ATOM   234  N  N   . PHE A 1 33  ? 4.507   8.177   -6.794  1.00 10.50 ? 33  PHE A N   1 
ATOM   235  C  CA  . PHE A 1 33  ? 4.640   8.517   -8.223  1.00 10.51 ? 33  PHE A CA  1 
ATOM   236  C  C   . PHE A 1 33  ? 5.897   9.333   -8.535  1.00 12.01 ? 33  PHE A C   1 
ATOM   237  O  O   . PHE A 1 33  ? 6.563   9.169   -9.592  1.00 13.37 ? 33  PHE A O   1 
ATOM   238  C  CB  . PHE A 1 33  ? 3.436   9.227   -8.847  1.00 9.38  ? 33  PHE A CB  1 
ATOM   239  C  CG  . PHE A 1 33  ? 2.129   8.475   -8.781  1.00 11.56 ? 33  PHE A CG  1 
ATOM   240  C  CD1 . PHE A 1 33  ? 2.101   7.080   -8.737  1.00 11.56 ? 33  PHE A CD1 1 
ATOM   241  C  CD2 . PHE A 1 33  ? 0.915   9.164   -8.793  1.00 11.55 ? 33  PHE A CD2 1 
ATOM   242  C  CE1 . PHE A 1 33  ? 0.902   6.353   -8.707  1.00 11.31 ? 33  PHE A CE1 1 
ATOM   243  C  CE2 . PHE A 1 33  ? -0.299  8.474   -8.767  1.00 11.50 ? 33  PHE A CE2 1 
ATOM   244  C  CZ  . PHE A 1 33  ? -0.286  7.078   -8.723  1.00 11.31 ? 33  PHE A CZ  1 
ATOM   245  N  N   . ASP A 1 34  ? 6.270   10.191  -7.606  1.00 12.58 ? 34  ASP A N   1 
ATOM   246  C  CA  . ASP A 1 34  ? 7.490   11.005  -7.841  1.00 12.42 ? 34  ASP A CA  1 
ATOM   247  C  C   . ASP A 1 34  ? 8.697   10.188  -7.706  1.00 14.64 ? 34  ASP A C   1 
ATOM   248  O  O   . ASP A 1 34  ? 9.627   10.532  -8.440  1.00 18.69 ? 34  ASP A O   1 
ATOM   249  C  CB  . ASP A 1 34  ? 7.613   12.165  -6.866  1.00 13.09 ? 34  ASP A CB  1 
ATOM   250  C  CG  . ASP A 1 34  ? 6.594   13.279  -7.164  1.00 23.71 ? 34  ASP A CG  1 
ATOM   251  O  OD1 . ASP A 1 34  ? 6.131   13.459  -8.289  1.00 24.41 ? 34  ASP A OD1 1 
ATOM   252  O  OD2 . ASP A 1 34  ? 6.294   14.079  -6.264  1.00 24.58 ? 34  ASP A OD2 1 
ATOM   253  N  N   . ALA A 1 35  ? 8.740   9.171   -6.870  1.00 12.64 ? 35  ALA A N   1 
ATOM   254  C  CA  . ALA A 1 35  ? 9.923   8.326   -6.652  1.00 12.89 ? 35  ALA A CA  1 
ATOM   255  C  C   . ALA A 1 35  ? 10.104  7.250   -7.709  1.00 15.28 ? 35  ALA A C   1 
ATOM   256  O  O   . ALA A 1 35  ? 11.229  6.785   -7.963  1.00 16.33 ? 35  ALA A O   1 
ATOM   257  C  CB  . ALA A 1 35  ? 9.776   7.630   -5.290  1.00 12.76 ? 35  ALA A CB  1 
ATOM   258  N  N   . HIS A 1 36  ? 8.956   6.780   -8.258  1.00 14.99 ? 36  HIS A N   1 
ATOM   259  C  CA  . HIS A 1 36  ? 8.946   5.683   -9.244  1.00 14.98 ? 36  HIS A CA  1 
ATOM   260  C  C   . HIS A 1 36  ? 8.089   5.959   -10.474 1.00 15.33 ? 36  HIS A C   1 
ATOM   261  O  O   . HIS A 1 36  ? 6.889   5.707   -10.515 1.00 15.74 ? 36  HIS A O   1 
ATOM   262  C  CB  . HIS A 1 36  ? 8.469   4.414   -8.542  1.00 14.87 ? 36  HIS A CB  1 
ATOM   263  C  CG  . HIS A 1 36  ? 9.319   4.013   -7.395  1.00 20.81 ? 36  HIS A CG  1 
ATOM   264  N  ND1 . HIS A 1 36  ? 10.493  3.301   -7.558  1.00 21.05 ? 36  HIS A ND1 1 
ATOM   265  C  CD2 . HIS A 1 36  ? 9.107   4.204   -6.059  1.00 20.76 ? 36  HIS A CD2 1 
ATOM   266  C  CE1 . HIS A 1 36  ? 10.964  3.124   -6.316  1.00 21.04 ? 36  HIS A CE1 1 
ATOM   267  N  NE2 . HIS A 1 36  ? 10.150  3.619   -5.383  1.00 20.94 ? 36  HIS A NE2 1 
ATOM   268  N  N   . ASP A 1 37  ? 8.679   6.492   -11.527 1.00 16.56 ? 37  ASP A N   1 
ATOM   269  C  CA  . ASP A 1 37  ? 7.929   6.796   -12.721 1.00 17.42 ? 37  ASP A CA  1 
ATOM   270  C  C   . ASP A 1 37  ? 7.336   5.568   -13.394 1.00 16.87 ? 37  ASP A C   1 
ATOM   271  O  O   . ASP A 1 37  ? 6.324   5.701   -14.091 1.00 17.61 ? 37  ASP A O   1 
ATOM   272  C  CB  . ASP A 1 37  ? 8.773   7.590   -13.775 1.00 19.74 ? 37  ASP A CB  1 
ATOM   273  C  CG  . ASP A 1 37  ? 7.981   8.362   -14.793 1.00 80.00 ? 37  ASP A CG  1 
ATOM   274  O  OD1 . ASP A 1 37  ? 7.277   9.335   -14.371 1.00 80.00 ? 37  ASP A OD1 1 
ATOM   275  O  OD2 . ASP A 1 37  ? 8.091   8.009   -16.018 1.00 80.00 ? 37  ASP A OD2 1 
ATOM   276  N  N   . ASP A 1 38  ? 7.962   4.399   -13.176 1.00 16.35 ? 38  ASP A N   1 
ATOM   277  C  CA  . ASP A 1 38  ? 7.457   3.167   -13.779 1.00 17.07 ? 38  ASP A CA  1 
ATOM   278  C  C   . ASP A 1 38  ? 6.135   2.737   -13.152 1.00 17.00 ? 38  ASP A C   1 
ATOM   279  O  O   . ASP A 1 38  ? 5.332   2.091   -13.822 1.00 17.73 ? 38  ASP A O   1 
ATOM   280  C  CB  . ASP A 1 38  ? 8.511   2.049   -13.685 1.00 17.70 ? 38  ASP A CB  1 
ATOM   281  C  CG  . ASP A 1 38  ? 8.829   1.752   -12.244 1.00 30.37 ? 38  ASP A CG  1 
ATOM   282  O  OD1 . ASP A 1 38  ? 9.103   2.737   -11.522 1.00 34.88 ? 38  ASP A OD1 1 
ATOM   283  O  OD2 . ASP A 1 38  ? 8.794   0.552   -11.839 1.00 35.40 ? 38  ASP A OD2 1 
ATOM   284  N  N   . VAL A 1 39  ? 5.883   3.156   -11.877 1.00 14.98 ? 39  VAL A N   1 
ATOM   285  C  CA  . VAL A 1 39  ? 4.627   2.873   -11.229 1.00 14.40 ? 39  VAL A CA  1 
ATOM   286  C  C   . VAL A 1 39  ? 3.554   3.805   -11.771 1.00 13.82 ? 39  VAL A C   1 
ATOM   287  O  O   . VAL A 1 39  ? 2.408   3.477   -12.091 1.00 14.25 ? 39  VAL A O   1 
ATOM   288  C  CB  . VAL A 1 39  ? 4.826   3.012   -9.712  1.00 14.93 ? 39  VAL A CB  1 
ATOM   289  C  CG1 . VAL A 1 39  ? 3.442   3.067   -8.997  1.00 14.75 ? 39  VAL A CG1 1 
ATOM   290  C  CG2 . VAL A 1 39  ? 5.725   1.885   -9.158  1.00 14.74 ? 39  VAL A CG2 1 
ATOM   291  N  N   . PHE A 1 40  ? 3.880   5.078   -11.949 1.00 13.61 ? 40  PHE A N   1 
ATOM   292  C  CA  . PHE A 1 40  ? 2.902   6.014   -12.437 1.00 12.79 ? 40  PHE A CA  1 
ATOM   293  C  C   . PHE A 1 40  ? 2.511   5.596   -13.846 1.00 13.67 ? 40  PHE A C   1 
ATOM   294  O  O   . PHE A 1 40  ? 1.350   5.777   -14.248 1.00 13.33 ? 40  PHE A O   1 
ATOM   295  C  CB  . PHE A 1 40  ? 3.507   7.452   -12.463 1.00 12.65 ? 40  PHE A CB  1 
ATOM   296  C  CG  . PHE A 1 40  ? 2.508   8.478   -12.971 1.00 12.06 ? 40  PHE A CG  1 
ATOM   297  C  CD1 . PHE A 1 40  ? 1.317   8.663   -12.254 1.00 12.50 ? 40  PHE A CD1 1 
ATOM   298  C  CD2 . PHE A 1 40  ? 2.749   9.191   -14.148 1.00 12.04 ? 40  PHE A CD2 1 
ATOM   299  C  CE1 . PHE A 1 40  ? 0.352   9.555   -12.722 1.00 13.18 ? 40  PHE A CE1 1 
ATOM   300  C  CE2 . PHE A 1 40  ? 1.765   10.058  -14.640 1.00 13.03 ? 40  PHE A CE2 1 
ATOM   301  C  CZ  . PHE A 1 40  ? 0.613   10.274  -13.890 1.00 13.84 ? 40  PHE A CZ  1 
ATOM   302  N  N   . ALA A 1 41  ? 3.501   5.063   -14.589 1.00 14.82 ? 41  ALA A N   1 
ATOM   303  C  CA  . ALA A 1 41  ? 3.177   4.621   -15.939 1.00 15.70 ? 41  ALA A CA  1 
ATOM   304  C  C   . ALA A 1 41  ? 2.015   3.635   -16.034 1.00 16.35 ? 41  ALA A C   1 
ATOM   305  O  O   . ALA A 1 41  ? 1.253   3.641   -17.041 1.00 17.49 ? 41  ALA A O   1 
ATOM   306  C  CB  . ALA A 1 41  ? 4.377   4.057   -16.706 1.00 16.79 ? 41  ALA A CB  1 
ATOM   307  N  N   . LYS A 1 42  ? 1.848   2.793   -15.020 1.00 15.42 ? 42  LYS A N   1 
ATOM   308  C  CA  . LYS A 1 42  ? 0.789   1.813   -14.990 1.00 14.80 ? 42  LYS A CA  1 
ATOM   309  C  C   . LYS A 1 42  ? -0.573  2.419   -14.739 1.00 15.99 ? 42  LYS A C   1 
ATOM   310  O  O   . LYS A 1 42  ? -1.630  1.746   -14.847 1.00 17.19 ? 42  LYS A O   1 
ATOM   311  C  CB  . LYS A 1 42  ? 1.055   0.730   -13.943 1.00 14.51 ? 42  LYS A CB  1 
ATOM   312  C  CG  . LYS A 1 42  ? 2.207   -0.189  -14.292 1.00 17.76 ? 42  LYS A CG  1 
ATOM   313  C  CD  . LYS A 1 42  ? 1.841   -1.186  -15.389 1.00 21.18 ? 42  LYS A CD  1 
ATOM   314  C  CE  . LYS A 1 42  ? 2.987   -1.476  -16.331 1.00 39.94 ? 42  LYS A CE  1 
ATOM   315  N  NZ  . LYS A 1 42  ? 4.156   -2.098  -15.706 1.00 56.11 ? 42  LYS A NZ  1 
ATOM   316  N  N   . PHE A 1 43  ? -0.643  3.726   -14.435 1.00 15.20 ? 43  PHE A N   1 
ATOM   317  C  CA  . PHE A 1 43  ? -1.922  4.383   -14.166 1.00 15.83 ? 43  PHE A CA  1 
ATOM   318  C  C   . PHE A 1 43  ? -2.380  5.265   -15.344 1.00 16.80 ? 43  PHE A C   1 
ATOM   319  O  O   . PHE A 1 43  ? -3.301  6.099   -15.214 1.00 16.99 ? 43  PHE A O   1 
ATOM   320  C  CB  . PHE A 1 43  ? -1.850  5.229   -12.861 1.00 15.54 ? 43  PHE A CB  1 
ATOM   321  C  CG  . PHE A 1 43  ? -1.887  4.397   -11.608 1.00 14.01 ? 43  PHE A CG  1 
ATOM   322  C  CD1 . PHE A 1 43  ? -3.100  4.085   -10.985 1.00 14.45 ? 43  PHE A CD1 1 
ATOM   323  C  CD2 . PHE A 1 43  ? -0.683  3.994   -11.006 1.00 15.19 ? 43  PHE A CD2 1 
ATOM   324  C  CE1 . PHE A 1 43  ? -3.140  3.335   -9.797  1.00 14.84 ? 43  PHE A CE1 1 
ATOM   325  C  CE2 . PHE A 1 43  ? -0.718  3.236   -9.825  1.00 15.34 ? 43  PHE A CE2 1 
ATOM   326  C  CZ  . PHE A 1 43  ? -1.937  2.913   -9.209  1.00 14.80 ? 43  PHE A CZ  1 
ATOM   327  N  N   . SER A 1 44  ? -1.752  5.056   -16.517 1.00 18.34 ? 44  SER A N   1 
ATOM   328  C  CA  . SER A 1 44  ? -2.105  5.779   -17.743 1.00 20.08 ? 44  SER A CA  1 
ATOM   329  C  C   . SER A 1 44  ? -3.578  5.716   -18.132 1.00 21.06 ? 44  SER A C   1 
ATOM   330  O  O   . SER A 1 44  ? -4.110  6.758   -18.520 1.00 21.77 ? 44  SER A O   1 
ATOM   331  C  CB  . SER A 1 44  ? -1.266  5.196   -18.909 1.00 20.77 ? 44  SER A CB  1 
ATOM   332  O  OG  . SER A 1 44  ? -1.915  5.448   -20.135 1.00 67.51 ? 44  SER A OG  1 
ATOM   333  N  N   . GLY A 1 45  ? -4.225  4.575   -18.093 1.00 21.99 ? 45  GLY A N   1 
ATOM   334  C  CA  . GLY A 1 45  ? -5.634  4.489   -18.454 1.00 22.58 ? 45  GLY A CA  1 
ATOM   335  C  C   . GLY A 1 45  ? -6.501  5.295   -17.515 1.00 22.17 ? 45  GLY A C   1 
ATOM   336  O  O   . GLY A 1 45  ? -7.364  6.046   -18.020 1.00 24.20 ? 45  GLY A O   1 
ATOM   337  N  N   . LEU A 1 46  ? -6.171  5.201   -16.197 1.00 19.21 ? 46  LEU A N   1 
ATOM   338  C  CA  . LEU A 1 46  ? -6.975  5.836   -15.185 1.00 16.55 ? 46  LEU A CA  1 
ATOM   339  C  C   . LEU A 1 46  ? -6.934  7.350   -15.279 1.00 15.97 ? 46  LEU A C   1 
ATOM   340  O  O   . LEU A 1 46  ? -7.973  8.012   -15.197 1.00 15.98 ? 46  LEU A O   1 
ATOM   341  C  CB  . LEU A 1 46  ? -6.592  5.310   -13.790 1.00 15.74 ? 46  LEU A CB  1 
ATOM   342  C  CG  . LEU A 1 46  ? -7.289  6.035   -12.638 1.00 20.17 ? 46  LEU A CG  1 
ATOM   343  C  CD1 . LEU A 1 46  ? -8.780  5.735   -12.547 1.00 17.91 ? 46  LEU A CD1 1 
ATOM   344  C  CD2 . LEU A 1 46  ? -6.639  5.690   -11.278 1.00 17.30 ? 46  LEU A CD2 1 
ATOM   345  N  N   . PHE A 1 47  ? -5.721  7.860   -15.476 1.00 15.71 ? 47  PHE A N   1 
ATOM   346  C  CA  . PHE A 1 47  ? -5.527  9.315   -15.513 1.00 16.11 ? 47  PHE A CA  1 
ATOM   347  C  C   . PHE A 1 47  ? -5.568  9.908   -16.901 1.00 18.37 ? 47  PHE A C   1 
ATOM   348  O  O   . PHE A 1 47  ? -5.195  11.081  -17.076 1.00 18.07 ? 47  PHE A O   1 
ATOM   349  C  CB  . PHE A 1 47  ? -4.204  9.699   -14.820 1.00 14.41 ? 47  PHE A CB  1 
ATOM   350  C  CG  . PHE A 1 47  ? -4.264  9.456   -13.318 1.00 13.56 ? 47  PHE A CG  1 
ATOM   351  C  CD1 . PHE A 1 47  ? -5.292  9.983   -12.532 1.00 13.06 ? 47  PHE A CD1 1 
ATOM   352  C  CD2 . PHE A 1 47  ? -3.276  8.680   -12.689 1.00 15.51 ? 47  PHE A CD2 1 
ATOM   353  C  CE1 . PHE A 1 47  ? -5.340  9.699   -11.169 1.00 13.90 ? 47  PHE A CE1 1 
ATOM   354  C  CE2 . PHE A 1 47  ? -3.297  8.426   -11.313 1.00 15.10 ? 47  PHE A CE2 1 
ATOM   355  C  CZ  . PHE A 1 47  ? -4.341  8.943   -10.545 1.00 14.13 ? 47  PHE A CZ  1 
ATOM   356  N  N   . SER A 1 48  ? -6.008  9.100   -17.888 1.00 18.94 ? 48  SER A N   1 
ATOM   357  C  CA  . SER A 1 48  ? -6.157  9.612   -19.229 1.00 19.60 ? 48  SER A CA  1 
ATOM   358  C  C   . SER A 1 48  ? -4.927  10.287  -19.770 1.00 19.24 ? 48  SER A C   1 
ATOM   359  O  O   . SER A 1 48  ? -4.912  11.263  -20.503 1.00 21.37 ? 48  SER A O   1 
ATOM   360  C  CB  . SER A 1 48  ? -7.434  10.396  -19.416 1.00 21.20 ? 48  SER A CB  1 
ATOM   361  O  OG  . SER A 1 48  ? -8.557  9.888   -18.685 1.00 69.31 ? 48  SER A OG  1 
ATOM   362  N  N   . GLY A 1 49  ? -3.777  9.720   -19.463 1.00 17.97 ? 49  GLY A N   1 
ATOM   363  C  CA  . GLY A 1 49  ? -2.491  10.206  -20.000 1.00 17.82 ? 49  GLY A CA  1 
ATOM   364  C  C   . GLY A 1 49  ? -1.974  11.537  -19.402 1.00 18.96 ? 49  GLY A C   1 
ATOM   365  O  O   . GLY A 1 49  ? -0.987  12.138  -19.887 1.00 20.56 ? 49  GLY A O   1 
ATOM   366  N  N   . ALA A 1 50  ? -2.662  12.094  -18.380 1.00 18.54 ? 50  ALA A N   1 
ATOM   367  C  CA  . ALA A 1 50  ? -2.255  13.389  -17.813 1.00 18.86 ? 50  ALA A CA  1 
ATOM   368  C  C   . ALA A 1 50  ? -0.906  13.334  -17.140 1.00 18.45 ? 50  ALA A C   1 
ATOM   369  O  O   . ALA A 1 50  ? -0.465  12.291  -16.637 1.00 19.18 ? 50  ALA A O   1 
ATOM   370  C  CB  . ALA A 1 50  ? -3.226  13.853  -16.721 1.00 19.82 ? 50  ALA A CB  1 
ATOM   371  N  N   . ALA A 1 51  ? -0.270  14.501  -17.028 1.00 17.49 ? 51  ALA A N   1 
ATOM   372  C  CA  . ALA A 1 51  ? 1.032   14.529  -16.360 1.00 16.95 ? 51  ALA A CA  1 
ATOM   373  C  C   . ALA A 1 51  ? 0.815   14.399  -14.864 1.00 15.66 ? 51  ALA A C   1 
ATOM   374  O  O   . ALA A 1 51  ? -0.203  14.831  -14.303 1.00 15.24 ? 51  ALA A O   1 
ATOM   375  C  CB  . ALA A 1 51  ? 1.821   15.811  -16.646 1.00 16.91 ? 51  ALA A CB  1 
ATOM   376  N  N   . LYS A 1 52  ? 1.854   13.805  -14.268 1.00 15.21 ? 52  LYS A N   1 
ATOM   377  C  CA  . LYS A 1 52  ? 1.881   13.466  -12.852 1.00 16.87 ? 52  LYS A CA  1 
ATOM   378  C  C   . LYS A 1 52  ? 1.605   14.676  -11.957 1.00 16.38 ? 52  LYS A C   1 
ATOM   379  O  O   . LYS A 1 52  ? 0.886   14.613  -10.952 1.00 16.96 ? 52  LYS A O   1 
ATOM   380  C  CB  . LYS A 1 52  ? 3.308   12.958  -12.625 1.00 18.55 ? 52  LYS A CB  1 
ATOM   381  C  CG  . LYS A 1 52  ? 3.518   12.169  -11.393 1.00 23.29 ? 52  LYS A CG  1 
ATOM   382  C  CD  . LYS A 1 52  ? 5.027   12.185  -11.217 1.00 20.28 ? 52  LYS A CD  1 
ATOM   383  C  CE  . LYS A 1 52  ? 5.677   11.304  -12.218 1.00 19.83 ? 52  LYS A CE  1 
ATOM   384  N  NZ  . LYS A 1 52  ? 6.979   10.830  -11.796 1.00 22.58 ? 52  LYS A NZ  1 
ATOM   385  N  N   . GLY A 1 53  ? 2.149   15.850  -12.294 1.00 15.26 ? 53  GLY A N   1 
ATOM   386  C  CA  . GLY A 1 53  ? 1.817   16.923  -11.352 1.00 15.35 ? 53  GLY A CA  1 
ATOM   387  C  C   . GLY A 1 53  ? 0.428   17.509  -11.439 1.00 15.05 ? 53  GLY A C   1 
ATOM   388  O  O   . GLY A 1 53  ? 0.116   18.514  -10.790 1.00 15.72 ? 53  GLY A O   1 
ATOM   389  N  N   . THR A 1 54  ? -0.474  16.876  -12.220 1.00 14.29 ? 54  THR A N   1 
ATOM   390  C  CA  . THR A 1 54  ? -1.819  17.400  -12.295 1.00 13.92 ? 54  THR A CA  1 
ATOM   391  C  C   . THR A 1 54  ? -2.818  16.477  -11.639 1.00 13.59 ? 54  THR A C   1 
ATOM   392  O  O   . THR A 1 54  ? -4.005  16.864  -11.598 1.00 15.29 ? 54  THR A O   1 
ATOM   393  C  CB  . THR A 1 54  ? -2.216  17.618  -13.786 1.00 15.39 ? 54  THR A CB  1 
ATOM   394  O  OG1 . THR A 1 54  ? -2.314  16.324  -14.406 1.00 14.82 ? 54  THR A OG1 1 
ATOM   395  C  CG2 . THR A 1 54  ? -1.300  18.609  -14.541 1.00 12.73 ? 54  THR A CG2 1 
ATOM   396  N  N   . VAL A 1 55  ? -2.394  15.269  -11.175 1.00 12.03 ? 55  VAL A N   1 
ATOM   397  C  CA  . VAL A 1 55  ? -3.427  14.328  -10.733 1.00 10.87 ? 55  VAL A CA  1 
ATOM   398  C  C   . VAL A 1 55  ? -3.912  14.339  -9.303  1.00 11.86 ? 55  VAL A C   1 
ATOM   399  O  O   . VAL A 1 55  ? -4.881  13.627  -8.969  1.00 12.85 ? 55  VAL A O   1 
ATOM   400  C  CB  . VAL A 1 55  ? -2.995  12.876  -11.113 1.00 9.84  ? 55  VAL A CB  1 
ATOM   401  C  CG1 . VAL A 1 55  ? -2.653  12.793  -12.616 1.00 11.80 ? 55  VAL A CG1 1 
ATOM   402  C  CG2 . VAL A 1 55  ? -1.799  12.405  -10.276 1.00 10.59 ? 55  VAL A CG2 1 
ATOM   403  N  N   . LYS A 1 56  ? -3.228  15.061  -8.385  1.00 11.12 ? 56  LYS A N   1 
ATOM   404  C  CA  . LYS A 1 56  ? -3.538  14.924  -6.982  1.00 11.44 ? 56  LYS A CA  1 
ATOM   405  C  C   . LYS A 1 56  ? -4.951  15.201  -6.578  1.00 13.26 ? 56  LYS A C   1 
ATOM   406  O  O   . LYS A 1 56  ? -5.514  14.537  -5.709  1.00 13.40 ? 56  LYS A O   1 
ATOM   407  C  CB  . LYS A 1 56  ? -2.611  15.853  -6.176  1.00 12.76 ? 56  LYS A CB  1 
ATOM   408  C  CG  . LYS A 1 56  ? -2.816  15.690  -4.656  1.00 14.95 ? 56  LYS A CG  1 
ATOM   409  C  CD  . LYS A 1 56  ? -2.037  16.789  -3.950  1.00 18.74 ? 56  LYS A CD  1 
ATOM   410  C  CE  . LYS A 1 56  ? -1.120  16.401  -2.808  1.00 69.21 ? 56  LYS A CE  1 
ATOM   411  N  NZ  . LYS A 1 56  ? -1.021  17.450  -1.792  1.00 35.41 ? 56  LYS A NZ  1 
ATOM   412  N  N   . ASN A 1 57  ? -5.591  16.178  -7.213  1.00 15.89 ? 57  ASN A N   1 
ATOM   413  C  CA  . ASN A 1 57  ? -6.947  16.494  -6.759  1.00 18.33 ? 57  ASN A CA  1 
ATOM   414  C  C   . ASN A 1 57  ? -8.069  15.967  -7.653  1.00 19.02 ? 57  ASN A C   1 
ATOM   415  O  O   . ASN A 1 57  ? -9.186  16.467  -7.571  1.00 20.07 ? 57  ASN A O   1 
ATOM   416  C  CB  . ASN A 1 57  ? -7.111  18.017  -6.588  1.00 19.17 ? 57  ASN A CB  1 
ATOM   417  C  CG  . ASN A 1 57  ? -6.407  18.457  -5.248  1.00 68.74 ? 57  ASN A CG  1 
ATOM   418  O  OD1 . ASN A 1 57  ? -5.450  19.247  -5.169  1.00 42.88 ? 57  ASN A OD1 1 
ATOM   419  N  ND2 . ASN A 1 57  ? -6.663  17.820  -4.111  1.00 43.23 ? 57  ASN A ND2 1 
ATOM   420  N  N   . THR A 1 58  ? -7.783  14.953  -8.473  1.00 16.32 ? 58  THR A N   1 
ATOM   421  C  CA  . THR A 1 58  ? -8.842  14.407  -9.323  1.00 13.03 ? 58  THR A CA  1 
ATOM   422  C  C   . THR A 1 58  ? -9.704  13.398  -8.559  1.00 13.21 ? 58  THR A C   1 
ATOM   423  O  O   . THR A 1 58  ? -9.347  12.785  -7.539  1.00 12.07 ? 58  THR A O   1 
ATOM   424  C  CB  . THR A 1 58  ? -8.171  13.640  -10.448 1.00 11.88 ? 58  THR A CB  1 
ATOM   425  O  OG1 . THR A 1 58  ? -7.362  12.592  -9.966  1.00 13.15 ? 58  THR A OG1 1 
ATOM   426  C  CG2 . THR A 1 58  ? -7.331  14.561  -11.331 1.00 13.35 ? 58  THR A CG2 1 
ATOM   427  N  N   . PRO A 1 59  ? -10.931 13.163  -9.084  1.00 14.42 ? 59  PRO A N   1 
ATOM   428  C  CA  . PRO A 1 59  ? -11.831 12.156  -8.521  1.00 13.60 ? 59  PRO A CA  1 
ATOM   429  C  C   . PRO A 1 59  ? -11.205 10.767  -8.607  1.00 12.17 ? 59  PRO A C   1 
ATOM   430  O  O   . PRO A 1 59  ? -11.481 9.951   -7.717  1.00 13.69 ? 59  PRO A O   1 
ATOM   431  C  CB  . PRO A 1 59  ? -13.096 12.205  -9.372  1.00 14.54 ? 59  PRO A CB  1 
ATOM   432  C  CG  . PRO A 1 59  ? -13.044 13.591  -9.960  1.00 14.74 ? 59  PRO A CG  1 
ATOM   433  C  CD  . PRO A 1 59  ? -11.620 14.066  -10.010 1.00 14.40 ? 59  PRO A CD  1 
ATOM   434  N  N   . GLU A 1 60  ? -10.417 10.538  -9.677  1.00 11.14 ? 60  GLU A N   1 
ATOM   435  C  CA  . GLU A 1 60  ? -9.744  9.245   -9.854  1.00 11.02 ? 60  GLU A CA  1 
ATOM   436  C  C   . GLU A 1 60  ? -8.768  8.952   -8.745  1.00 11.73 ? 60  GLU A C   1 
ATOM   437  O  O   . GLU A 1 60  ? -8.625  7.821   -8.284  1.00 12.94 ? 60  GLU A O   1 
ATOM   438  C  CB  . GLU A 1 60  ? -8.956  9.186   -11.170 1.00 11.14 ? 60  GLU A CB  1 
ATOM   439  C  CG  . GLU A 1 60  ? -9.832  9.183   -12.445 1.00 22.04 ? 60  GLU A CG  1 
ATOM   440  C  CD  . GLU A 1 60  ? -10.510 10.485  -12.839 1.00 39.35 ? 60  GLU A CD  1 
ATOM   441  O  OE1 . GLU A 1 60  ? -10.123 11.552  -12.343 1.00 24.00 ? 60  GLU A OE1 1 
ATOM   442  O  OE2 . GLU A 1 60  ? -11.505 10.433  -13.627 1.00 26.21 ? 60  GLU A OE2 1 
ATOM   443  N  N   . MET A 1 61  ? -8.038  10.014  -8.294  1.00 10.80 ? 61  MET A N   1 
ATOM   444  C  CA  . MET A 1 61  ? -7.079  9.827   -7.204  1.00 10.28 ? 61  MET A CA  1 
ATOM   445  C  C   . MET A 1 61  ? -7.797  9.514   -5.889  1.00 10.95 ? 61  MET A C   1 
ATOM   446  O  O   . MET A 1 61  ? -7.374  8.691   -5.107  1.00 11.62 ? 61  MET A O   1 
ATOM   447  C  CB  . MET A 1 61  ? -6.231  11.137  -7.112  1.00 11.67 ? 61  MET A CB  1 
ATOM   448  C  CG  . MET A 1 61  ? -5.318  11.066  -5.885  1.00 13.08 ? 61  MET A CG  1 
ATOM   449  S  SD  . MET A 1 61  ? -3.962  9.857   -5.928  1.00 15.80 ? 61  MET A SD  1 
ATOM   450  C  CE  . MET A 1 61  ? -2.672  10.881  -6.712  1.00 20.01 ? 61  MET A CE  1 
ATOM   451  N  N   . ALA A 1 62  ? -8.916  10.188  -5.619  1.00 11.73 ? 62  ALA A N   1 
ATOM   452  C  CA  . ALA A 1 62  ? -9.692  9.936   -4.426  1.00 12.32 ? 62  ALA A CA  1 
ATOM   453  C  C   . ALA A 1 62  ? -10.180 8.478   -4.441  1.00 12.70 ? 62  ALA A C   1 
ATOM   454  O  O   . ALA A 1 62  ? -10.143 7.788   -3.414  1.00 12.99 ? 62  ALA A O   1 
ATOM   455  C  CB  . ALA A 1 62  ? -10.835 10.942  -4.357  1.00 11.69 ? 62  ALA A CB  1 
ATOM   456  N  N   . ALA A 1 63  ? -10.532 7.972   -5.638  1.00 12.92 ? 63  ALA A N   1 
ATOM   457  C  CA  . ALA A 1 63  ? -11.003 6.567   -5.707  1.00 13.35 ? 63  ALA A CA  1 
ATOM   458  C  C   . ALA A 1 63  ? -9.922  5.563   -5.451  1.00 12.72 ? 63  ALA A C   1 
ATOM   459  O  O   . ALA A 1 63  ? -10.145 4.601   -4.710  1.00 13.35 ? 63  ALA A O   1 
ATOM   460  C  CB  . ALA A 1 63  ? -11.637 6.304   -7.063  1.00 14.14 ? 63  ALA A CB  1 
ATOM   461  N  N   . GLN A 1 64  ? -8.731  5.792   -6.000  1.00 11.62 ? 64  GLN A N   1 
ATOM   462  C  CA  . GLN A 1 64  ? -7.544  4.965   -5.745  1.00 10.39 ? 64  GLN A CA  1 
ATOM   463  C  C   . GLN A 1 64  ? -7.182  5.061   -4.270  1.00 11.31 ? 64  GLN A C   1 
ATOM   464  O  O   . GLN A 1 64  ? -6.767  4.021   -3.690  1.00 12.31 ? 64  GLN A O   1 
ATOM   465  C  CB  . GLN A 1 64  ? -6.266  5.411   -6.466  1.00 11.48 ? 64  GLN A CB  1 
ATOM   466  C  CG  . GLN A 1 64  ? -6.009  4.790   -7.829  1.00 25.18 ? 64  GLN A CG  1 
ATOM   467  C  CD  . GLN A 1 64  ? -6.237  3.301   -7.833  1.00 21.33 ? 64  GLN A CD  1 
ATOM   468  O  OE1 . GLN A 1 64  ? -7.336  2.836   -8.018  1.00 30.76 ? 64  GLN A OE1 1 
ATOM   469  N  NE2 . GLN A 1 64  ? -5.101  2.618   -7.692  1.00 32.50 ? 64  GLN A NE2 1 
ATOM   470  N  N   . ALA A 1 65  ? -7.296  6.243   -3.600  1.00 10.13 ? 65  ALA A N   1 
ATOM   471  C  CA  . ALA A 1 65  ? -6.962  6.291   -2.191  1.00 10.09 ? 65  ALA A CA  1 
ATOM   472  C  C   . ALA A 1 65  ? -7.909  5.452   -1.350  1.00 9.39  ? 65  ALA A C   1 
ATOM   473  O  O   . ALA A 1 65  ? -7.534  4.792   -0.399  1.00 10.35 ? 65  ALA A O   1 
ATOM   474  C  CB  . ALA A 1 65  ? -7.010  7.710   -1.686  1.00 10.17 ? 65  ALA A CB  1 
ATOM   475  N  N   . GLN A 1 66  ? -9.187  5.411   -1.700  1.00 10.61 ? 66  GLN A N   1 
ATOM   476  C  CA  . GLN A 1 66  ? -10.250 4.631   -0.981  1.00 10.61 ? 66  GLN A CA  1 
ATOM   477  C  C   . GLN A 1 66  ? -10.045 3.124   -1.139  1.00 10.23 ? 66  GLN A C   1 
ATOM   478  O  O   . GLN A 1 66  ? -10.231 2.414   -0.164  1.00 11.54 ? 66  GLN A O   1 
ATOM   479  C  CB  . GLN A 1 66  ? -11.636 5.078   -1.503  1.00 11.60 ? 66  GLN A CB  1 
ATOM   480  C  CG  . GLN A 1 66  ? -12.870 4.148   -1.437  1.00 32.95 ? 66  GLN A CG  1 
ATOM   481  C  CD  . GLN A 1 66  ? -13.606 3.963   -2.804  1.00 70.38 ? 66  GLN A CD  1 
ATOM   482  O  OE1 . GLN A 1 66  ? -14.593 4.675   -3.071  1.00 73.69 ? 66  GLN A OE1 1 
ATOM   483  N  NE2 . GLN A 1 66  ? -13.155 3.051   -3.700  1.00 72.73 ? 66  GLN A NE2 1 
ATOM   484  N  N   . SER A 1 67  ? -9.655  2.674   -2.319  0.93 9.74  ? 67  SER A N   1 
ATOM   485  C  CA  . SER A 1 67  ? -9.419  1.240   -2.584  1.00 10.38 ? 67  SER A CA  1 
ATOM   486  C  C   . SER A 1 67  ? -8.220  0.804   -1.819  1.00 9.50  ? 67  SER A C   1 
ATOM   487  O  O   . SER A 1 67  ? -8.223  -0.254  -1.207  0.99 10.09 ? 67  SER A O   1 
ATOM   488  C  CB  . SER A 1 67  ? -9.028  0.949   -4.048  1.00 12.41 ? 67  SER A CB  1 
ATOM   489  O  OG  . SER A 1 67  ? -10.038 1.561   -4.837  1.00 49.01 ? 67  SER A OG  1 
ATOM   490  N  N   . PHE A 1 68  ? -7.165  1.603   -1.859  1.00 8.77  ? 68  PHE A N   1 
ATOM   491  C  CA  . PHE A 1 68  ? -5.953  1.299   -1.097  1.00 8.76  ? 68  PHE A CA  1 
ATOM   492  C  C   . PHE A 1 68  ? -6.226  1.112   0.407   1.00 9.77  ? 68  PHE A C   1 
ATOM   493  O  O   . PHE A 1 68  ? -5.867  0.089   1.056   1.00 11.28 ? 68  PHE A O   1 
ATOM   494  C  CB  . PHE A 1 68  ? -4.914  2.421   -1.323  1.00 8.95  ? 68  PHE A CB  1 
ATOM   495  C  CG  . PHE A 1 68  ? -3.534  2.152   -0.754  1.00 11.51 ? 68  PHE A CG  1 
ATOM   496  C  CD1 . PHE A 1 68  ? -3.228  2.454   0.567   1.00 12.22 ? 68  PHE A CD1 1 
ATOM   497  C  CD2 . PHE A 1 68  ? -2.565  1.542   -1.546  1.00 12.42 ? 68  PHE A CD2 1 
ATOM   498  C  CE1 . PHE A 1 68  ? -1.966  2.214   1.106   1.00 12.24 ? 68  PHE A CE1 1 
ATOM   499  C  CE2 . PHE A 1 68  ? -1.296  1.265   -1.040  1.00 13.03 ? 68  PHE A CE2 1 
ATOM   500  C  CZ  . PHE A 1 68  ? -1.030  1.597   0.282   1.00 12.32 ? 68  PHE A CZ  1 
ATOM   501  N  N   . LYS A 1 69  ? -6.968  2.065   1.021   1.00 9.54  ? 69  LYS A N   1 
ATOM   502  C  CA  . LYS A 1 69  ? -7.297  1.998   2.421   1.00 10.36 ? 69  LYS A CA  1 
ATOM   503  C  C   . LYS A 1 69  ? -8.066  0.744   2.791   1.00 11.29 ? 69  LYS A C   1 
ATOM   504  O  O   . LYS A 1 69  ? -7.873  0.116   3.801   1.00 13.38 ? 69  LYS A O   1 
ATOM   505  C  CB  . LYS A 1 69  ? -8.052  3.286   2.769   1.00 11.03 ? 69  LYS A CB  1 
ATOM   506  C  CG  . LYS A 1 69  ? -8.594  3.378   4.168   1.00 13.05 ? 69  LYS A CG  1 
ATOM   507  C  CD  . LYS A 1 69  ? -9.264  4.716   4.456   1.00 15.98 ? 69  LYS A CD  1 
ATOM   508  C  CE  . LYS A 1 69  ? -10.188 4.648   5.684   1.00 29.00 ? 69  LYS A CE  1 
ATOM   509  N  NZ  . LYS A 1 69  ? -10.541 5.893   6.364   1.00 31.40 ? 69  LYS A NZ  1 
ATOM   510  N  N   . GLY A 1 70  ? -9.034  0.368   1.967   1.00 11.52 ? 70  GLY A N   1 
ATOM   511  C  CA  . GLY A 1 70  ? -9.881  -0.784  2.269   1.00 10.72 ? 70  GLY A CA  1 
ATOM   512  C  C   . GLY A 1 70  ? -9.076  -2.078  2.299   1.00 10.58 ? 70  GLY A C   1 
ATOM   513  O  O   . GLY A 1 70  ? -9.422  -2.890  3.175   1.00 10.58 ? 70  GLY A O   1 
ATOM   514  N  N   . LEU A 1 71  ? -8.088  -2.266  1.405   1.00 9.98  ? 71  LEU A N   1 
ATOM   515  C  CA  . LEU A 1 71  ? -7.322  -3.479  1.499   1.00 10.85 ? 71  LEU A CA  1 
ATOM   516  C  C   . LEU A 1 71  ? -6.338  -3.517  2.680   1.00 11.22 ? 71  LEU A C   1 
ATOM   517  O  O   . LEU A 1 71  ? -6.297  -4.520  3.398   1.00 11.57 ? 71  LEU A O   1 
ATOM   518  C  CB  . LEU A 1 71  ? -6.609  -3.766  0.166   1.00 11.81 ? 71  LEU A CB  1 
ATOM   519  C  CG  . LEU A 1 71  ? -5.833  -5.099  0.090   1.00 12.03 ? 71  LEU A CG  1 
ATOM   520  C  CD1 . LEU A 1 71  ? -6.607  -6.341  0.574   1.00 13.40 ? 71  LEU A CD1 1 
ATOM   521  C  CD2 . LEU A 1 71  ? -5.455  -5.261  -1.385  1.00 12.67 ? 71  LEU A CD2 1 
ATOM   522  N  N   . VAL A 1 72  ? -5.603  -2.414  2.889   1.00 9.60  ? 72  VAL A N   1 
ATOM   523  C  CA  . VAL A 1 72  ? -4.669  -2.347  4.014   1.00 9.61  ? 72  VAL A CA  1 
ATOM   524  C  C   . VAL A 1 72  ? -5.408  -2.531  5.334   1.00 9.10  ? 72  VAL A C   1 
ATOM   525  O  O   . VAL A 1 72  ? -4.905  -3.257  6.208   1.00 9.59  ? 72  VAL A O   1 
ATOM   526  C  CB  . VAL A 1 72  ? -3.877  -1.020  3.990   1.00 9.88  ? 72  VAL A CB  1 
ATOM   527  C  CG1 . VAL A 1 72  ? -2.962  -1.021  5.214   1.00 11.83 ? 72  VAL A CG1 1 
ATOM   528  C  CG2 . VAL A 1 72  ? -3.018  -0.960  2.732   1.00 11.10 ? 72  VAL A CG2 1 
ATOM   529  N  N   . SER A 1 73  ? -6.624  -1.955  5.485   1.00 9.43  ? 73  SER A N   1 
ATOM   530  C  CA  . SER A 1 73  ? -7.401  -2.149  6.709   1.00 10.84 ? 73  SER A CA  1 
ATOM   531  C  C   . SER A 1 73  ? -7.700  -3.640  6.916   1.00 12.94 ? 73  SER A C   1 
ATOM   532  O  O   . SER A 1 73  ? -7.566  -4.129  8.058   1.00 13.97 ? 73  SER A O   1 
ATOM   533  C  CB  . SER A 1 73  ? -8.700  -1.370  6.815   1.00 12.12 ? 73  SER A CB  1 
ATOM   534  O  OG  . SER A 1 73  ? -8.377  0.038   6.737   1.00 14.71 ? 73  SER A OG  1 
ATOM   535  N  N   . ASN A 1 74  ? -8.046  -4.342  5.802   1.00 11.69 ? 74  ASN A N   1 
ATOM   536  C  CA  . ASN A 1 74  ? -8.288  -5.795  5.990   1.00 11.38 ? 74  ASN A CA  1 
ATOM   537  C  C   . ASN A 1 74  ? -7.058  -6.574  6.465   1.00 11.45 ? 74  ASN A C   1 
ATOM   538  O  O   . ASN A 1 74  ? -7.099  -7.438  7.381   1.00 13.27 ? 74  ASN A O   1 
ATOM   539  C  CB  . ASN A 1 74  ? -8.847  -6.514  4.737   1.00 11.70 ? 74  ASN A CB  1 
ATOM   540  C  CG  . ASN A 1 74  ? -10.111 -5.977  4.077   1.00 80.00 ? 74  ASN A CG  1 
ATOM   541  O  OD1 . ASN A 1 74  ? -11.051 -5.535  4.734   1.00 80.00 ? 74  ASN A OD1 1 
ATOM   542  N  ND2 . ASN A 1 74  ? -10.206 -6.049  2.755   1.00 80.00 ? 74  ASN A ND2 1 
ATOM   543  N  N   . TRP A 1 75  ? -5.926  -6.300  5.812   1.00 9.66  ? 75  TRP A N   1 
ATOM   544  C  CA  . TRP A 1 75  ? -4.661  -6.938  6.228   1.00 9.63  ? 75  TRP A CA  1 
ATOM   545  C  C   . TRP A 1 75  ? -4.314  -6.670  7.711   1.00 10.43 ? 75  TRP A C   1 
ATOM   546  O  O   . TRP A 1 75  ? -3.984  -7.566  8.479   1.00 11.31 ? 75  TRP A O   1 
ATOM   547  C  CB  . TRP A 1 75  ? -3.455  -6.498  5.348   1.00 9.66  ? 75  TRP A CB  1 
ATOM   548  C  CG  . TRP A 1 75  ? -3.479  -7.028  3.946   1.00 14.17 ? 75  TRP A CG  1 
ATOM   549  C  CD1 . TRP A 1 75  ? -4.045  -8.233  3.555   1.00 14.29 ? 75  TRP A CD1 1 
ATOM   550  C  CD2 . TRP A 1 75  ? -2.866  -6.431  2.764   1.00 13.48 ? 75  TRP A CD2 1 
ATOM   551  N  NE1 . TRP A 1 75  ? -3.736  -8.440  2.233   1.00 14.45 ? 75  TRP A NE1 1 
ATOM   552  C  CE2 . TRP A 1 75  ? -3.106  -7.330  1.697   1.00 13.77 ? 75  TRP A CE2 1 
ATOM   553  C  CE3 . TRP A 1 75  ? -2.178  -5.237  2.502   1.00 13.49 ? 75  TRP A CE3 1 
ATOM   554  C  CZ2 . TRP A 1 75  ? -2.605  -7.092  0.412   1.00 13.63 ? 75  TRP A CZ2 1 
ATOM   555  C  CZ3 . TRP A 1 75  ? -1.675  -5.005  1.234   1.00 13.76 ? 75  TRP A CZ3 1 
ATOM   556  C  CH2 . TRP A 1 75  ? -1.845  -5.980  0.232   1.00 13.87 ? 75  TRP A CH2 1 
ATOM   557  N  N   . VAL A 1 76  ? -4.380  -5.390  8.133   1.00 10.60 ? 76  VAL A N   1 
ATOM   558  C  CA  . VAL A 1 76  ? -4.018  -5.022  9.495   1.00 11.77 ? 76  VAL A CA  1 
ATOM   559  C  C   . VAL A 1 76  ? -4.919  -5.627  10.545  1.00 13.16 ? 76  VAL A C   1 
ATOM   560  O  O   . VAL A 1 76  ? -4.466  -5.918  11.663  1.00 16.00 ? 76  VAL A O   1 
ATOM   561  C  CB  . VAL A 1 76  ? -3.982  -3.482  9.515   1.00 12.27 ? 76  VAL A CB  1 
ATOM   562  C  CG1 . VAL A 1 76  ? -4.077  -2.881  10.917  1.00 16.85 ? 76  VAL A CG1 1 
ATOM   563  C  CG2 . VAL A 1 76  ? -2.766  -3.048  8.693   1.00 15.65 ? 76  VAL A CG2 1 
ATOM   564  N  N   . ASP A 1 77  ? -6.160  -5.861  10.242  1.00 12.31 ? 77  ASP A N   1 
ATOM   565  C  CA  . ASP A 1 77  ? -7.098  -6.485  11.170  1.00 13.17 ? 77  ASP A CA  1 
ATOM   566  C  C   . ASP A 1 77  ? -6.905  -7.985  11.278  1.00 14.34 ? 77  ASP A C   1 
ATOM   567  O  O   . ASP A 1 77  ? -7.516  -8.641  12.117  1.00 16.02 ? 77  ASP A O   1 
ATOM   568  C  CB  . ASP A 1 77  ? -8.544  -6.236  10.702  1.00 14.38 ? 77  ASP A CB  1 
ATOM   569  C  CG  . ASP A 1 77  ? -9.008  -4.797  10.989  1.00 67.19 ? 77  ASP A CG  1 
ATOM   570  O  OD1 . ASP A 1 77  ? -8.457  -4.167  11.918  1.00 38.00 ? 77  ASP A OD1 1 
ATOM   571  O  OD2 . ASP A 1 77  ? -9.929  -4.244  10.318  1.00 36.52 ? 77  ASP A OD2 1 
ATOM   572  N  N   . ASN A 1 78  ? -6.079  -8.577  10.462  1.00 13.08 ? 78  ASN A N   1 
ATOM   573  C  CA  . ASN A 1 78  ? -5.937  -10.023 10.468  1.00 13.89 ? 78  ASN A CA  1 
ATOM   574  C  C   . ASN A 1 78  ? -4.518  -10.465 10.612  1.00 13.80 ? 78  ASN A C   1 
ATOM   575  O  O   . ASN A 1 78  ? -4.155  -11.513 10.114  1.00 13.82 ? 78  ASN A O   1 
ATOM   576  C  CB  . ASN A 1 78  ? -6.501  -10.621 9.129   1.00 15.19 ? 78  ASN A CB  1 
ATOM   577  C  CG  . ASN A 1 78  ? -8.007  -10.661 9.133   1.00 20.60 ? 78  ASN A CG  1 
ATOM   578  O  OD1 . ASN A 1 78  ? -8.547  -11.469 9.892   1.00 21.64 ? 78  ASN A OD1 1 
ATOM   579  N  ND2 . ASN A 1 78  ? -8.661  -9.679  8.511   1.00 21.95 ? 78  ASN A ND2 1 
ATOM   580  N  N   . LEU A 1 79  ? -3.648  -9.687  11.272  1.00 14.23 ? 79  LEU A N   1 
ATOM   581  C  CA  . LEU A 1 79  ? -2.247  -10.010 11.439  1.00 14.17 ? 79  LEU A CA  1 
ATOM   582  C  C   . LEU A 1 79  ? -1.936  -11.323 12.152  1.00 14.79 ? 79  LEU A C   1 
ATOM   583  O  O   . LEU A 1 79  ? -0.870  -11.880 11.946  1.00 16.02 ? 79  LEU A O   1 
ATOM   584  C  CB  . LEU A 1 79  ? -1.481  -8.835  12.104  1.00 14.89 ? 79  LEU A CB  1 
ATOM   585  C  CG  . LEU A 1 79  ? -1.468  -7.579  11.229  1.00 15.99 ? 79  LEU A CG  1 
ATOM   586  C  CD1 . LEU A 1 79  ? -0.813  -6.457  12.054  1.00 19.31 ? 79  LEU A CD1 1 
ATOM   587  C  CD2 . LEU A 1 79  ? -0.644  -7.784  9.961   1.00 19.11 ? 79  LEU A CD2 1 
ATOM   588  N  N   . ASP A 1 80  ? -2.864  -11.829 12.972  1.00 15.97 ? 80  ASP A N   1 
ATOM   589  C  CA  . ASP A 1 80  ? -2.681  -13.132 13.647  1.00 15.78 ? 80  ASP A CA  1 
ATOM   590  C  C   . ASP A 1 80  ? -3.427  -14.256 12.876  1.00 16.44 ? 80  ASP A C   1 
ATOM   591  O  O   . ASP A 1 80  ? -3.476  -15.401 13.364  1.00 16.07 ? 80  ASP A O   1 
ATOM   592  C  CB  . ASP A 1 80  ? -3.336  -13.133 15.049  1.00 16.04 ? 80  ASP A CB  1 
ATOM   593  C  CG  . ASP A 1 80  ? -2.706  -12.149 15.994  1.00 26.28 ? 80  ASP A CG  1 
ATOM   594  O  OD1 . ASP A 1 80  ? -1.502  -11.873 15.737  1.00 30.01 ? 80  ASP A OD1 1 
ATOM   595  O  OD2 . ASP A 1 80  ? -3.367  -11.847 17.036  1.00 30.36 ? 80  ASP A OD2 1 
ATOM   596  N  N   . ASN A 1 81  ? -4.009  -13.969 11.706  1.00 15.93 ? 81  ASN A N   1 
ATOM   597  C  CA  . ASN A 1 81  ? -4.717  -14.959 10.930  1.00 15.43 ? 81  ASN A CA  1 
ATOM   598  C  C   . ASN A 1 81  ? -4.092  -15.176 9.553   1.00 15.49 ? 81  ASN A C   1 
ATOM   599  O  O   . ASN A 1 81  ? -4.576  -14.674 8.551   1.00 15.77 ? 81  ASN A O   1 
ATOM   600  C  CB  . ASN A 1 81  ? -6.160  -14.482 10.848  1.00 15.49 ? 81  ASN A CB  1 
ATOM   601  C  CG  . ASN A 1 81  ? -7.122  -15.536 10.214  1.00 20.15 ? 81  ASN A CG  1 
ATOM   602  O  OD1 . ASN A 1 81  ? -6.728  -16.418 9.430   1.00 20.02 ? 81  ASN A OD1 1 
ATOM   603  N  ND2 . ASN A 1 81  ? -8.411  -15.368 10.393  1.00 19.09 ? 81  ASN A ND2 1 
ATOM   604  N  N   . ALA A 1 82  ? -3.026  -15.991 9.475   1.00 16.38 ? 82  ALA A N   1 
ATOM   605  C  CA  . ALA A 1 82  ? -2.289  -16.256 8.208   1.00 17.49 ? 82  ALA A CA  1 
ATOM   606  C  C   . ALA A 1 82  ? -3.221  -16.732 7.067   1.00 18.00 ? 82  ALA A C   1 
ATOM   607  O  O   . ALA A 1 82  ? -3.037  -16.403 5.899   1.00 18.44 ? 82  ALA A O   1 
ATOM   608  C  CB  . ALA A 1 82  ? -1.193  -17.338 8.410   1.00 17.66 ? 82  ALA A CB  1 
ATOM   609  N  N   . GLY A 1 83  ? -4.214  -17.596 7.430   1.00 17.22 ? 83  GLY A N   1 
ATOM   610  C  CA  . GLY A 1 83  ? -5.150  -18.141 6.443   1.00 15.76 ? 83  GLY A CA  1 
ATOM   611  C  C   . GLY A 1 83  ? -5.941  -17.010 5.796   1.00 15.60 ? 83  GLY A C   1 
ATOM   612  O  O   . GLY A 1 83  ? -6.082  -16.999 4.558   1.00 16.26 ? 83  GLY A O   1 
ATOM   613  N  N   . ALA A 1 84  ? -6.433  -16.046 6.603   1.00 13.88 ? 84  ALA A N   1 
ATOM   614  C  CA  . ALA A 1 84  ? -7.151  -14.968 5.959   1.00 13.61 ? 84  ALA A CA  1 
ATOM   615  C  C   . ALA A 1 84  ? -6.185  -14.096 5.116   1.00 14.70 ? 84  ALA A C   1 
ATOM   616  O  O   . ALA A 1 84  ? -6.470  -13.711 3.962   1.00 15.79 ? 84  ALA A O   1 
ATOM   617  C  CB  . ALA A 1 84  ? -7.884  -14.143 7.005   1.00 14.13 ? 84  ALA A CB  1 
ATOM   618  N  N   . LEU A 1 85  ? -4.985  -13.804 5.650   1.00 14.75 ? 85  LEU A N   1 
ATOM   619  C  CA  . LEU A 1 85  ? -3.998  -13.026 4.919   1.00 14.88 ? 85  LEU A CA  1 
ATOM   620  C  C   . LEU A 1 85  ? -3.697  -13.634 3.574   1.00 16.28 ? 85  LEU A C   1 
ATOM   621  O  O   . LEU A 1 85  ? -3.681  -12.900 2.567   1.00 16.69 ? 85  LEU A O   1 
ATOM   622  C  CB  . LEU A 1 85  ? -2.680  -12.877 5.725   1.00 16.08 ? 85  LEU A CB  1 
ATOM   623  C  CG  . LEU A 1 85  ? -2.839  -12.091 7.055   1.00 21.20 ? 85  LEU A CG  1 
ATOM   624  C  CD1 . LEU A 1 85  ? -1.452  -11.953 7.707   1.00 19.87 ? 85  LEU A CD1 1 
ATOM   625  C  CD2 . LEU A 1 85  ? -3.390  -10.674 6.844   1.00 18.04 ? 85  LEU A CD2 1 
ATOM   626  N  N   . GLU A 1 86  ? -3.481  -14.981 3.590   1.00 16.68 ? 86  GLU A N   1 
ATOM   627  C  CA  . GLU A 1 86  ? -3.155  -15.681 2.336   1.00 16.72 ? 86  GLU A CA  1 
ATOM   628  C  C   . GLU A 1 86  ? -4.230  -15.487 1.261   1.00 16.36 ? 86  GLU A C   1 
ATOM   629  O  O   . GLU A 1 86  ? -3.941  -15.218 0.076   1.00 15.90 ? 86  GLU A O   1 
ATOM   630  C  CB  . GLU A 1 86  ? -2.949  -17.171 2.669   1.00 17.43 ? 86  GLU A CB  1 
ATOM   631  C  CG  . GLU A 1 86  ? -1.593  -17.728 2.186   1.00 57.00 ? 86  GLU A CG  1 
ATOM   632  C  CD  . GLU A 1 86  ? -1.687  -18.564 0.940   1.00 65.19 ? 86  GLU A CD  1 
ATOM   633  O  OE1 . GLU A 1 86  ? -2.834  -18.899 0.537   0.00 20.00 ? 86  GLU A OE1 1 
ATOM   634  O  OE2 . GLU A 1 86  ? -0.608  -18.873 0.357   0.00 20.00 ? 86  GLU A OE2 1 
ATOM   635  N  N   . GLY A 1 87  ? -5.460  -15.667 1.689   1.00 16.62 ? 87  GLY A N   1 
ATOM   636  C  CA  . GLY A 1 87  ? -6.559  -15.507 0.760   1.00 18.04 ? 87  GLY A CA  1 
ATOM   637  C  C   . GLY A 1 87  ? -6.665  -14.104 0.141   1.00 19.31 ? 87  GLY A C   1 
ATOM   638  O  O   . GLY A 1 87  ? -6.823  -13.870 -1.084  1.00 19.86 ? 87  GLY A O   1 
ATOM   639  N  N   . GLN A 1 88  ? -6.521  -13.109 1.013   1.00 18.34 ? 88  GLN A N   1 
ATOM   640  C  CA  . GLN A 1 88  ? -6.557  -11.742 0.466   1.00 16.89 ? 88  GLN A CA  1 
ATOM   641  C  C   . GLN A 1 88  ? -5.393  -11.448 -0.462  1.00 14.98 ? 88  GLN A C   1 
ATOM   642  O  O   . GLN A 1 88  ? -5.527  -10.724 -1.438  1.00 14.93 ? 88  GLN A O   1 
ATOM   643  C  CB  . GLN A 1 88  ? -6.451  -10.784 1.654   1.00 17.65 ? 88  GLN A CB  1 
ATOM   644  C  CG  . GLN A 1 88  ? -7.792  -10.583 2.422   1.00 29.35 ? 88  GLN A CG  1 
ATOM   645  C  CD  . GLN A 1 88  ? -8.874  -9.815  1.646   1.00 56.17 ? 88  GLN A CD  1 
ATOM   646  O  OE1 . GLN A 1 88  ? -8.661  -9.321  0.529   1.00 66.40 ? 88  GLN A OE1 1 
ATOM   647  N  NE2 . GLN A 1 88  ? -10.106 -9.963  2.098   1.00 65.60 ? 88  GLN A NE2 1 
ATOM   648  N  N   . CYS A 1 89  ? -4.214  -11.929 -0.133  1.00 13.49 ? 89  CYS A N   1 
ATOM   649  C  CA  . CYS A 1 89  ? -3.045  -11.684 -0.970  1.00 13.43 ? 89  CYS A CA  1 
ATOM   650  C  C   . CYS A 1 89  ? -3.122  -12.374 -2.327  1.00 15.46 ? 89  CYS A C   1 
ATOM   651  O  O   . CYS A 1 89  ? -2.644  -11.848 -3.343  1.00 15.90 ? 89  CYS A O   1 
ATOM   652  C  CB  . CYS A 1 89  ? -1.718  -12.145 -0.305  1.00 14.74 ? 89  CYS A CB  1 
ATOM   653  S  SG  . CYS A 1 89  ? -1.231  -11.072 1.099   1.00 16.64 ? 89  CYS A SG  1 
ATOM   654  N  N   . LYS A 1 90  ? -3.754  -13.558 -2.392  1.00 17.20 ? 90  LYS A N   1 
ATOM   655  C  CA  . LYS A 1 90  ? -3.885  -14.267 -3.669  1.00 18.41 ? 90  LYS A CA  1 
ATOM   656  C  C   . LYS A 1 90  ? -4.731  -13.485 -4.653  1.00 17.70 ? 90  LYS A C   1 
ATOM   657  O  O   . LYS A 1 90  ? -4.376  -13.316 -5.835  1.00 16.65 ? 90  LYS A O   1 
ATOM   658  C  CB  . LYS A 1 90  ? -4.491  -15.643 -3.422  1.00 20.11 ? 90  LYS A CB  1 
ATOM   659  C  CG  . LYS A 1 90  ? -4.634  -16.584 -4.615  1.00 35.89 ? 90  LYS A CG  1 
ATOM   660  C  CD  . LYS A 1 90  ? -4.907  -18.016 -4.168  0.00 18.89 ? 90  LYS A CD  1 
ATOM   661  C  CE  . LYS A 1 90  ? -5.795  -18.149 -2.938  0.00 18.89 ? 90  LYS A CE  1 
ATOM   662  N  NZ  . LYS A 1 90  ? -5.766  -19.501 -2.365  0.00 18.89 ? 90  LYS A NZ  1 
ATOM   663  N  N   . THR A 1 91  ? -5.807  -12.873 -4.166  1.00 16.92 ? 91  THR A N   1 
ATOM   664  C  CA  . THR A 1 91  ? -6.671  -12.099 -5.077  1.00 16.71 ? 91  THR A CA  1 
ATOM   665  C  C   . THR A 1 91  ? -5.969  -10.836 -5.604  1.00 15.40 ? 91  THR A C   1 
ATOM   666  O  O   . THR A 1 91  ? -5.993  -10.452 -6.780  1.00 15.62 ? 91  THR A O   1 
ATOM   667  C  CB  . THR A 1 91  ? -7.942  -11.745 -4.299  1.00 18.31 ? 91  THR A CB  1 
ATOM   668  O  OG1 . THR A 1 91  ? -8.525  -12.936 -3.737  1.00 26.23 ? 91  THR A OG1 1 
ATOM   669  C  CG2 . THR A 1 91  ? -8.939  -10.937 -5.151  1.00 26.27 ? 91  THR A CG2 1 
ATOM   670  N  N   . PHE A 1 92  ? -5.340  -10.141 -4.643  1.00 13.69 ? 92  PHE A N   1 
ATOM   671  C  CA  . PHE A 1 92  ? -4.563  -8.953  -4.921  1.00 12.81 ? 92  PHE A CA  1 
ATOM   672  C  C   . PHE A 1 92  ? -3.466  -9.203  -5.957  1.00 12.24 ? 92  PHE A C   1 
ATOM   673  O  O   . PHE A 1 92  ? -3.342  -8.437  -6.933  1.00 12.19 ? 92  PHE A O   1 
ATOM   674  C  CB  . PHE A 1 92  ? -4.019  -8.442  -3.533  1.00 11.79 ? 92  PHE A CB  1 
ATOM   675  C  CG  . PHE A 1 92  ? -2.975  -7.370  -3.676  1.00 12.69 ? 92  PHE A CG  1 
ATOM   676  C  CD1 . PHE A 1 92  ? -3.343  -6.099  -4.109  1.00 13.58 ? 92  PHE A CD1 1 
ATOM   677  C  CD2 . PHE A 1 92  ? -1.648  -7.605  -3.353  1.00 14.16 ? 92  PHE A CD2 1 
ATOM   678  C  CE1 . PHE A 1 92  ? -2.392  -5.070  -4.201  1.00 14.82 ? 92  PHE A CE1 1 
ATOM   679  C  CE2 . PHE A 1 92  ? -0.676  -6.596  -3.492  1.00 15.63 ? 92  PHE A CE2 1 
ATOM   680  C  CZ  . PHE A 1 92  ? -1.064  -5.320  -3.885  1.00 15.30 ? 92  PHE A CZ  1 
ATOM   681  N  N   . ALA A 1 93  ? -2.669  -10.267 -5.727  1.00 12.69 ? 93  ALA A N   1 
ATOM   682  C  CA  . ALA A 1 93  ? -1.594  -10.606 -6.677  1.00 13.45 ? 93  ALA A CA  1 
ATOM   683  C  C   . ALA A 1 93  ? -2.150  -10.895 -8.074  1.00 13.98 ? 93  ALA A C   1 
ATOM   684  O  O   . ALA A 1 93  ? -1.645  -10.416 -9.094  1.00 14.10 ? 93  ALA A O   1 
ATOM   685  C  CB  . ALA A 1 93  ? -0.750  -11.826 -6.230  1.00 13.86 ? 93  ALA A CB  1 
ATOM   686  N  N   . ALA A 1 94  ? -3.202  -11.686 -8.134  1.00 15.35 ? 94  ALA A N   1 
ATOM   687  C  CA  . ALA A 1 94  ? -3.724  -12.019 -9.458  1.00 17.09 ? 94  ALA A CA  1 
ATOM   688  C  C   . ALA A 1 94  ? -4.164  -10.776 -10.219 1.00 16.59 ? 94  ALA A C   1 
ATOM   689  O  O   . ALA A 1 94  ? -3.819  -10.571 -11.404 1.00 17.38 ? 94  ALA A O   1 
ATOM   690  C  CB  . ALA A 1 94  ? -4.893  -13.014 -9.338  1.00 17.82 ? 94  ALA A CB  1 
ATOM   691  N  N   . ASN A 1 95  ? -4.960  -9.934  -9.547  1.00 14.92 ? 95  ASN A N   1 
ATOM   692  C  CA  . ASN A 1 95  ? -5.399  -8.737  -10.244 1.00 14.53 ? 95  ASN A CA  1 
ATOM   693  C  C   . ASN A 1 95  ? -4.270  -7.810  -10.732 1.00 13.74 ? 95  ASN A C   1 
ATOM   694  O  O   . ASN A 1 95  ? -4.326  -7.227  -11.816 1.00 14.46 ? 95  ASN A O   1 
ATOM   695  C  CB  . ASN A 1 95  ? -6.370  -7.923  -9.329  1.00 16.20 ? 95  ASN A CB  1 
ATOM   696  C  CG  . ASN A 1 95  ? -7.731  -8.565  -9.116  1.00 31.56 ? 95  ASN A CG  1 
ATOM   697  O  OD1 . ASN A 1 95  ? -8.470  -8.353  -8.138  1.00 26.05 ? 95  ASN A OD1 1 
ATOM   698  N  ND2 . ASN A 1 95  ? -8.040  -9.458  -10.036 1.00 26.06 ? 95  ASN A ND2 1 
ATOM   699  N  N   . HIS A 1 96  ? -3.214  -7.612  -9.896  1.00 12.66 ? 96  HIS A N   1 
ATOM   700  C  CA  . HIS A 1 96  ? -2.118  -6.744  -10.325 1.00 12.44 ? 96  HIS A CA  1 
ATOM   701  C  C   . HIS A 1 96  ? -1.235  -7.414  -11.384 1.00 13.18 ? 96  HIS A C   1 
ATOM   702  O  O   . HIS A 1 96  ? -0.766  -6.752  -12.290 1.00 13.79 ? 96  HIS A O   1 
ATOM   703  C  CB  . HIS A 1 96  ? -1.334  -6.324  -9.035  1.00 11.96 ? 96  HIS A CB  1 
ATOM   704  C  CG  . HIS A 1 96  ? -2.140  -5.284  -8.244  1.00 12.26 ? 96  HIS A CG  1 
ATOM   705  N  ND1 . HIS A 1 96  ? -3.291  -5.608  -7.511  1.00 12.48 ? 96  HIS A ND1 1 
ATOM   706  C  CD2 . HIS A 1 96  ? -1.958  -3.929  -8.228  1.00 11.26 ? 96  HIS A CD2 1 
ATOM   707  C  CE1 . HIS A 1 96  ? -3.752  -4.475  -6.973  1.00 12.78 ? 96  HIS A CE1 1 
ATOM   708  N  NE2 . HIS A 1 96  ? -2.971  -3.455  -7.426  1.00 11.67 ? 96  HIS A NE2 1 
ATOM   709  N  N   . LYS A 1 97  ? -0.938  -8.698  -11.270 1.00 13.28 ? 97  LYS A N   1 
ATOM   710  C  CA  . LYS A 1 97  ? -0.112  -9.382  -12.265 1.00 14.02 ? 97  LYS A CA  1 
ATOM   711  C  C   . LYS A 1 97  ? -0.751  -9.260  -13.655 1.00 15.99 ? 97  LYS A C   1 
ATOM   712  O  O   . LYS A 1 97  ? -0.113  -9.127  -14.721 1.00 17.58 ? 97  LYS A O   1 
ATOM   713  C  CB  . LYS A 1 97  ? -0.013  -10.871 -11.862 1.00 14.38 ? 97  LYS A CB  1 
ATOM   714  C  CG  . LYS A 1 97  ? 0.941   -11.653 -12.771 1.00 19.67 ? 97  LYS A CG  1 
ATOM   715  C  CD  . LYS A 1 97  ? 2.342   -11.097 -12.918 1.00 43.02 ? 97  LYS A CD  1 
ATOM   716  C  CE  . LYS A 1 97  ? 3.136   -11.896 -13.970 1.00 52.00 ? 97  LYS A CE  1 
ATOM   717  N  NZ  . LYS A 1 97  ? 4.573   -11.890 -13.900 1.00 23.42 ? 97  LYS A NZ  1 
ATOM   718  N  N   . ALA A 1 98  ? -2.055  -9.244  -13.660 1.00 17.60 ? 98  ALA A N   1 
ATOM   719  C  CA  . ALA A 1 98  ? -2.712  -9.156  -14.944 1.00 21.20 ? 98  ALA A CA  1 
ATOM   720  C  C   . ALA A 1 98  ? -2.502  -7.841  -15.675 1.00 23.71 ? 98  ALA A C   1 
ATOM   721  O  O   . ALA A 1 98  ? -2.712  -7.705  -16.894 1.00 24.97 ? 98  ALA A O   1 
ATOM   722  C  CB  . ALA A 1 98  ? -4.150  -9.574  -14.630 1.00 21.97 ? 98  ALA A CB  1 
ATOM   723  N  N   . ARG A 1 99  ? -1.995  -6.825  -14.967 1.00 22.65 ? 99  ARG A N   1 
ATOM   724  C  CA  . ARG A 1 99  ? -1.757  -5.498  -15.560 1.00 21.32 ? 99  ARG A CA  1 
ATOM   725  C  C   . ARG A 1 99  ? -0.304  -5.364  -15.942 1.00 20.94 ? 99  ARG A C   1 
ATOM   726  O  O   . ARG A 1 99  ? 0.156   -4.290  -16.307 1.00 22.21 ? 99  ARG A O   1 
ATOM   727  C  CB  . ARG A 1 99  ? -2.115  -4.359  -14.571 1.00 21.26 ? 99  ARG A CB  1 
ATOM   728  C  CG  . ARG A 1 99  ? -3.604  -4.298  -14.249 1.00 20.66 ? 99  ARG A CG  1 
ATOM   729  C  CD  . ARG A 1 99  ? -3.856  -3.649  -12.874 1.00 21.83 ? 99  ARG A CD  1 
ATOM   730  N  NE  . ARG A 1 99  ? -5.277  -3.507  -12.660 1.00 22.08 ? 99  ARG A NE  1 
ATOM   731  C  CZ  . ARG A 1 99  ? -5.934  -3.746  -11.476 1.00 23.82 ? 99  ARG A CZ  1 
ATOM   732  N  NH1 . ARG A 1 99  ? -5.404  -4.138  -10.274 1.00 22.72 ? 99  ARG A NH1 1 
ATOM   733  N  NH2 . ARG A 1 99  ? -7.288  -3.574  -11.539 1.00 24.91 ? 99  ARG A NH2 1 
ATOM   734  N  N   . GLY A 1 100 ? 0.527   -6.399  -15.778 1.00 19.23 ? 100 GLY A N   1 
ATOM   735  C  CA  . GLY A 1 100 ? 1.908   -6.264  -16.137 1.00 18.41 ? 100 GLY A CA  1 
ATOM   736  C  C   . GLY A 1 100 ? 2.786   -5.709  -15.007 1.00 19.54 ? 100 GLY A C   1 
ATOM   737  O  O   . GLY A 1 100 ? 3.987   -5.391  -15.180 1.00 21.02 ? 100 GLY A O   1 
ATOM   738  N  N   . ILE A 1 101 ? 2.169   -5.648  -13.809 1.00 18.02 ? 101 ILE A N   1 
ATOM   739  C  CA  . ILE A 1 101 ? 2.880   -5.149  -12.657 1.00 17.47 ? 101 ILE A CA  1 
ATOM   740  C  C   . ILE A 1 101 ? 3.799   -6.243  -12.145 1.00 18.09 ? 101 ILE A C   1 
ATOM   741  O  O   . ILE A 1 101 ? 3.392   -7.415  -12.156 1.00 19.20 ? 101 ILE A O   1 
ATOM   742  C  CB  . ILE A 1 101 ? 1.889   -4.623  -11.629 1.00 16.44 ? 101 ILE A CB  1 
ATOM   743  C  CG1 . ILE A 1 101 ? 1.121   -3.414  -12.205 1.00 16.76 ? 101 ILE A CG1 1 
ATOM   744  C  CG2 . ILE A 1 101 ? 2.637   -4.237  -10.352 1.00 17.51 ? 101 ILE A CG2 1 
ATOM   745  C  CD1 . ILE A 1 101 ? -0.141  -2.981  -11.496 1.00 14.20 ? 101 ILE A CD1 1 
ATOM   746  N  N   . SER A 1 102 ? 5.020   -5.874  -11.725 1.00 17.15 ? 102 SER A N   1 
ATOM   747  C  CA  . SER A 1 102 ? 5.973   -6.780  -11.171 1.00 16.82 ? 102 SER A CA  1 
ATOM   748  C  C   . SER A 1 102 ? 5.975   -6.823  -9.652  1.00 17.21 ? 102 SER A C   1 
ATOM   749  O  O   . SER A 1 102 ? 5.569   -5.874  -8.951  1.00 17.07 ? 102 SER A O   1 
ATOM   750  C  CB  . SER A 1 102 ? 7.345   -6.367  -11.621 1.00 18.25 ? 102 SER A CB  1 
ATOM   751  O  OG  . SER A 1 102 ? 7.817   -5.219  -10.874 1.00 24.84 ? 102 SER A OG  1 
ATOM   752  N  N   . ALA A 1 103 ? 6.478   -7.941  -9.080  1.00 16.60 ? 103 ALA A N   1 
ATOM   753  C  CA  . ALA A 1 103 ? 6.585   -8.009  -7.616  1.00 17.01 ? 103 ALA A CA  1 
ATOM   754  C  C   . ALA A 1 103 ? 7.466   -6.842  -7.120  1.00 17.14 ? 103 ALA A C   1 
ATOM   755  O  O   . ALA A 1 103 ? 7.235   -6.299  -6.041  1.00 18.08 ? 103 ALA A O   1 
ATOM   756  C  CB  . ALA A 1 103 ? 7.201   -9.321  -7.113  1.00 17.06 ? 103 ALA A CB  1 
ATOM   757  N  N   . GLY A 1 104 ? 8.506   -6.446  -7.852  1.00 16.63 ? 104 GLY A N   1 
ATOM   758  C  CA  . GLY A 1 104 ? 9.406   -5.365  -7.485  1.00 16.45 ? 104 GLY A CA  1 
ATOM   759  C  C   . GLY A 1 104 ? 8.650   -4.039  -7.328  1.00 16.69 ? 104 GLY A C   1 
ATOM   760  O  O   . GLY A 1 104 ? 8.936   -3.186  -6.442  1.00 15.71 ? 104 GLY A O   1 
ATOM   761  N  N   . GLN A 1 105 ? 7.626   -3.864  -8.180  1.00 16.07 ? 105 GLN A N   1 
ATOM   762  C  CA  . GLN A 1 105 ? 6.873   -2.635  -8.097  1.00 14.82 ? 105 GLN A CA  1 
ATOM   763  C  C   . GLN A 1 105 ? 6.021   -2.590  -6.847  1.00 14.82 ? 105 GLN A C   1 
ATOM   764  O  O   . GLN A 1 105 ? 5.751   -1.454  -6.289  1.00 14.13 ? 105 GLN A O   1 
ATOM   765  C  CB  . GLN A 1 105 ? 6.034   -2.369  -9.346  1.00 13.63 ? 105 GLN A CB  1 
ATOM   766  C  CG  . GLN A 1 105 ? 7.004   -1.975  -10.467 1.00 14.92 ? 105 GLN A CG  1 
ATOM   767  C  CD  . GLN A 1 105 ? 6.331   -1.936  -11.823 1.00 29.49 ? 105 GLN A CD  1 
ATOM   768  O  OE1 . GLN A 1 105 ? 6.442   -0.980  -12.611 1.00 27.11 ? 105 GLN A OE1 1 
ATOM   769  N  NE2 . GLN A 1 105 ? 5.624   -3.000  -12.095 1.00 26.09 ? 105 GLN A NE2 1 
ATOM   770  N  N   . LEU A 1 106 ? 5.552   -3.792  -6.438  1.00 14.36 ? 106 LEU A N   1 
ATOM   771  C  CA  . LEU A 1 106 ? 4.672   -3.787  -5.281  1.00 14.26 ? 106 LEU A CA  1 
ATOM   772  C  C   . LEU A 1 106 ? 5.495   -3.516  -4.046  1.00 14.56 ? 106 LEU A C   1 
ATOM   773  O  O   . LEU A 1 106 ? 5.075   -2.802  -3.110  1.00 14.46 ? 106 LEU A O   1 
ATOM   774  C  CB  . LEU A 1 106 ? 3.891   -5.097  -5.164  1.00 14.67 ? 106 LEU A CB  1 
ATOM   775  C  CG  . LEU A 1 106 ? 2.955   -5.521  -6.322  1.00 22.99 ? 106 LEU A CG  1 
ATOM   776  C  CD1 . LEU A 1 106 ? 2.396   -6.921  -5.943  1.00 17.38 ? 106 LEU A CD1 1 
ATOM   777  C  CD2 . LEU A 1 106 ? 1.770   -4.565  -6.504  1.00 17.75 ? 106 LEU A CD2 1 
ATOM   778  N  N   . GLU A 1 107 ? 6.672   -4.107  -4.084  1.00 14.72 ? 107 GLU A N   1 
ATOM   779  C  CA  . GLU A 1 107 ? 7.587   -3.927  -3.001  1.00 15.72 ? 107 GLU A CA  1 
ATOM   780  C  C   . GLU A 1 107 ? 7.919   -2.433  -2.845  1.00 15.73 ? 107 GLU A C   1 
ATOM   781  O  O   . GLU A 1 107 ? 8.053   -1.930  -1.716  1.00 15.06 ? 107 GLU A O   1 
ATOM   782  C  CB  . GLU A 1 107 ? 8.851   -4.702  -3.328  1.00 16.78 ? 107 GLU A CB  1 
ATOM   783  C  CG  . GLU A 1 107 ? 9.820   -4.697  -2.148  1.00 64.98 ? 107 GLU A CG  1 
ATOM   784  C  CD  . GLU A 1 107 ? 10.032  -6.087  -1.634  1.00 48.00 ? 107 GLU A CD  1 
ATOM   785  O  OE1 . GLU A 1 107 ? 10.332  -6.961  -2.500  1.00 48.27 ? 107 GLU A OE1 1 
ATOM   786  O  OE2 . GLU A 1 107 ? 9.839   -6.260  -0.369  1.00 48.65 ? 107 GLU A OE2 1 
ATOM   787  N  N   . ALA A 1 108 ? 8.074   -1.741  -3.963  1.00 15.06 ? 108 ALA A N   1 
ATOM   788  C  CA  . ALA A 1 108 ? 8.404   -0.299  -3.891  1.00 14.88 ? 108 ALA A CA  1 
ATOM   789  C  C   . ALA A 1 108 ? 7.278   0.449   -3.204  1.00 13.27 ? 108 ALA A C   1 
ATOM   790  O  O   . ALA A 1 108 ? 7.502   1.412   -2.428  1.00 12.84 ? 108 ALA A O   1 
ATOM   791  C  CB  . ALA A 1 108 ? 8.719   0.298   -5.253  1.00 15.86 ? 108 ALA A CB  1 
ATOM   792  N  N   . ALA A 1 109 ? 6.052   0.028   -3.418  1.00 11.84 ? 109 ALA A N   1 
ATOM   793  C  CA  . ALA A 1 109 ? 4.938   0.711   -2.772  1.00 11.94 ? 109 ALA A CA  1 
ATOM   794  C  C   . ALA A 1 109 ? 5.000   0.533   -1.236  1.00 10.34 ? 109 ALA A C   1 
ATOM   795  O  O   . ALA A 1 109 ? 4.767   1.447   -0.425  1.00 9.80  ? 109 ALA A O   1 
ATOM   796  C  CB  . ALA A 1 109 ? 3.552   0.309   -3.343  1.00 12.23 ? 109 ALA A CB  1 
ATOM   797  N  N   . PHE A 1 110 ? 5.238   -0.692  -0.789  1.00 9.74  ? 110 PHE A N   1 
ATOM   798  C  CA  . PHE A 1 110 ? 5.338   -0.975  0.643   1.00 10.16 ? 110 PHE A CA  1 
ATOM   799  C  C   . PHE A 1 110 ? 6.563   -0.209  1.238   1.00 9.87  ? 110 PHE A C   1 
ATOM   800  O  O   . PHE A 1 110 ? 6.457   0.221   2.385   1.00 10.05 ? 110 PHE A O   1 
ATOM   801  C  CB  . PHE A 1 110 ? 5.580   -2.491  0.898   1.00 10.64 ? 110 PHE A CB  1 
ATOM   802  C  CG  . PHE A 1 110 ? 4.313   -3.338  0.845   1.00 15.54 ? 110 PHE A CG  1 
ATOM   803  C  CD1 . PHE A 1 110 ? 3.274   -3.110  1.755   1.00 16.23 ? 110 PHE A CD1 1 
ATOM   804  C  CD2 . PHE A 1 110 ? 4.195   -4.313  -0.150  1.00 15.30 ? 110 PHE A CD2 1 
ATOM   805  C  CE1 . PHE A 1 110 ? 2.118   -3.889  1.714   1.00 16.29 ? 110 PHE A CE1 1 
ATOM   806  C  CE2 . PHE A 1 110 ? 3.066   -5.123  -0.159  1.00 15.69 ? 110 PHE A CE2 1 
ATOM   807  C  CZ  . PHE A 1 110 ? 2.037   -4.901  0.763   1.00 15.71 ? 110 PHE A CZ  1 
ATOM   808  N  N   . LYS A 1 111 ? 7.681   -0.009  0.503   1.00 9.56  ? 111 LYS A N   1 
ATOM   809  C  CA  . LYS A 1 111 ? 8.823   0.670   1.120   1.00 11.33 ? 111 LYS A CA  1 
ATOM   810  C  C   . LYS A 1 111 ? 8.469   2.179   1.257   1.00 11.92 ? 111 LYS A C   1 
ATOM   811  O  O   . LYS A 1 111 ? 8.823   2.807   2.285   1.00 13.38 ? 111 LYS A O   1 
ATOM   812  C  CB  . LYS A 1 111 ? 10.080  0.455   0.278   1.00 13.70 ? 111 LYS A CB  1 
ATOM   813  C  CG  . LYS A 1 111 ? 11.398  0.528   1.059   1.00 41.38 ? 111 LYS A CG  1 
ATOM   814  C  CD  . LYS A 1 111 ? 12.611  -0.230  0.523   0.00 80.00 ? 111 LYS A CD  1 
ATOM   815  C  CE  . LYS A 1 111 ? 13.122  -1.293  1.478   0.00 80.00 ? 111 LYS A CE  1 
ATOM   816  N  NZ  . LYS A 1 111 ? 12.858  -2.652  0.983   0.00 80.00 ? 111 LYS A NZ  1 
ATOM   817  N  N   . VAL A 1 112 ? 7.756   2.786   0.294   1.00 9.99  ? 112 VAL A N   1 
ATOM   818  C  CA  . VAL A 1 112 ? 7.342   4.155   0.441   1.00 8.88  ? 112 VAL A CA  1 
ATOM   819  C  C   . VAL A 1 112 ? 6.357   4.217   1.606   1.00 9.63  ? 112 VAL A C   1 
ATOM   820  O  O   . VAL A 1 112 ? 6.428   5.121   2.476   1.00 10.96 ? 112 VAL A O   1 
ATOM   821  C  CB  . VAL A 1 112 ? 6.759   4.722   -0.848  1.00 9.46  ? 112 VAL A CB  1 
ATOM   822  C  CG1 . VAL A 1 112 ? 6.148   6.157   -0.633  1.00 11.48 ? 112 VAL A CG1 1 
ATOM   823  C  CG2 . VAL A 1 112 ? 7.807   4.772   -1.956  1.00 11.06 ? 112 VAL A CG2 1 
ATOM   824  N  N   . LEU A 1 113 ? 5.384   3.320   1.713   1.00 8.15  ? 113 LEU A N   1 
ATOM   825  C  CA  . LEU A 1 113 ? 4.412   3.334   2.790   1.00 8.11  ? 113 LEU A CA  1 
ATOM   826  C  C   . LEU A 1 113 ? 5.090   3.311   4.193   1.00 10.10 ? 113 LEU A C   1 
ATOM   827  O  O   . LEU A 1 113 ? 4.667   4.018   5.149   1.00 10.22 ? 113 LEU A O   1 
ATOM   828  C  CB  . LEU A 1 113 ? 3.371   2.186   2.578   1.00 7.80  ? 113 LEU A CB  1 
ATOM   829  C  CG  . LEU A 1 113 ? 2.323   2.057   3.699   1.00 11.56 ? 113 LEU A CG  1 
ATOM   830  C  CD1 . LEU A 1 113 ? 1.386   3.258   3.664   1.00 14.34 ? 113 LEU A CD1 1 
ATOM   831  C  CD2 . LEU A 1 113 ? 1.499   0.787   3.466   1.00 14.95 ? 113 LEU A CD2 1 
ATOM   832  N  N   . SER A 1 114 ? 6.117   2.438   4.349   1.00 10.06 ? 114 SER A N   1 
ATOM   833  C  CA  . SER A 1 114 ? 6.752   2.287   5.660   1.00 10.12 ? 114 SER A CA  1 
ATOM   834  C  C   . SER A 1 114 ? 7.340   3.631   6.165   1.00 11.14 ? 114 SER A C   1 
ATOM   835  O  O   . SER A 1 114 ? 7.176   3.948   7.352   1.00 11.52 ? 114 SER A O   1 
ATOM   836  C  CB  . SER A 1 114 ? 7.835   1.234   5.551   1.00 9.07  ? 114 SER A CB  1 
ATOM   837  O  OG  . SER A 1 114 ? 7.200   0.010   5.179   1.00 36.65 ? 114 SER A OG  1 
ATOM   838  N  N   . GLY A 1 115 ? 7.976   4.381   5.268   1.00 10.27 ? 115 GLY A N   1 
ATOM   839  C  CA  . GLY A 1 115 ? 8.493   5.640   5.733   1.00 10.35 ? 115 GLY A CA  1 
ATOM   840  C  C   . GLY A 1 115 ? 7.420   6.685   5.847   1.00 10.67 ? 115 GLY A C   1 
ATOM   841  O  O   . GLY A 1 115 ? 7.484   7.518   6.778   1.00 10.98 ? 115 GLY A O   1 
ATOM   842  N  N   . PHE A 1 116 ? 6.459   6.703   4.950   1.00 8.89  ? 116 PHE A N   1 
ATOM   843  C  CA  . PHE A 1 116 ? 5.381   7.640   5.027   1.00 9.22  ? 116 PHE A CA  1 
ATOM   844  C  C   . PHE A 1 116 ? 4.649   7.507   6.375   1.00 8.71  ? 116 PHE A C   1 
ATOM   845  O  O   . PHE A 1 116 ? 4.192   8.499   7.051   1.00 9.40  ? 116 PHE A O   1 
ATOM   846  C  CB  . PHE A 1 116 ? 4.353   7.329   3.881   1.00 10.42 ? 116 PHE A CB  1 
ATOM   847  C  CG  . PHE A 1 116 ? 3.167   8.286   3.800   1.00 11.78 ? 116 PHE A CG  1 
ATOM   848  C  CD1 . PHE A 1 116 ? 2.005   8.031   4.530   1.00 12.13 ? 116 PHE A CD1 1 
ATOM   849  C  CD2 . PHE A 1 116 ? 3.311   9.421   2.986   1.00 12.01 ? 116 PHE A CD2 1 
ATOM   850  C  CE1 . PHE A 1 116 ? 0.930   8.914   4.428   1.00 12.84 ? 116 PHE A CE1 1 
ATOM   851  C  CE2 . PHE A 1 116 ? 2.264   10.346  2.931   1.00 13.05 ? 116 PHE A CE2 1 
ATOM   852  C  CZ  . PHE A 1 116 ? 1.083   10.040  3.613   1.00 12.18 ? 116 PHE A CZ  1 
ATOM   853  N  N   . MET A 1 117 ? 4.511   6.287   6.944   1.00 8.50  ? 117 MET A N   1 
ATOM   854  C  CA  . MET A 1 117 ? 3.776   6.043   8.219   1.00 8.42  ? 117 MET A CA  1 
ATOM   855  C  C   . MET A 1 117 ? 4.444   6.613   9.515   1.00 7.47  ? 117 MET A C   1 
ATOM   856  O  O   . MET A 1 117 ? 3.797   6.684   10.533  1.00 8.73  ? 117 MET A O   1 
ATOM   857  C  CB  . MET A 1 117 ? 3.510   4.504   8.389   1.00 9.49  ? 117 MET A CB  1 
ATOM   858  C  CG  . MET A 1 117 ? 2.386   3.966   7.471   1.00 11.26 ? 117 MET A CG  1 
ATOM   859  S  SD  . MET A 1 117 ? 0.788   4.807   7.710   1.00 11.91 ? 117 MET A SD  1 
ATOM   860  C  CE  . MET A 1 117 ? 0.488   4.470   9.435   1.00 11.77 ? 117 MET A CE  1 
ATOM   861  N  N   . LYS A 1 118 ? 5.705   7.066   9.372   1.00 9.72  ? 118 LYS A N   1 
ATOM   862  C  CA  . LYS A 1 118 ? 6.402   7.650   10.542  1.00 10.69 ? 118 LYS A CA  1 
ATOM   863  C  C   . LYS A 1 118 ? 5.629   8.886   10.990  1.00 11.48 ? 118 LYS A C   1 
ATOM   864  O  O   . LYS A 1 118 ? 5.606   9.194   12.216  1.00 11.82 ? 118 LYS A O   1 
ATOM   865  C  CB  . LYS A 1 118 ? 7.847   8.051   10.218  1.00 11.44 ? 118 LYS A CB  1 
ATOM   866  C  CG  . LYS A 1 118 ? 8.702   6.858   9.885   1.00 24.61 ? 118 LYS A CG  1 
ATOM   867  C  CD  . LYS A 1 118 ? 10.026  7.118   10.548  1.00 53.98 ? 118 LYS A CD  1 
ATOM   868  C  CE  . LYS A 1 118 ? 11.059  7.664   9.602   1.00 44.52 ? 118 LYS A CE  1 
ATOM   869  N  NZ  . LYS A 1 118 ? 12.309  7.428   10.277  1.00 42.26 ? 118 LYS A NZ  1 
ATOM   870  N  N   . SER A 1 119 ? 5.008   9.575   10.024  1.00 10.93 ? 119 SER A N   1 
ATOM   871  C  CA  . SER A 1 119 ? 4.200   10.746  10.398  1.00 12.35 ? 119 SER A CA  1 
ATOM   872  C  C   . SER A 1 119 ? 3.017   10.525  11.309  1.00 12.73 ? 119 SER A C   1 
ATOM   873  O  O   . SER A 1 119 ? 2.467   11.462  11.928  1.00 13.60 ? 119 SER A O   1 
ATOM   874  C  CB  . SER A 1 119 ? 3.647   11.499  9.199   1.00 13.42 ? 119 SER A CB  1 
ATOM   875  O  OG  . SER A 1 119 ? 4.782   11.851  8.451   1.00 17.64 ? 119 SER A OG  1 
ATOM   876  N  N   . TYR A 1 120 ? 2.560   9.268   11.392  1.00 10.98 ? 120 TYR A N   1 
ATOM   877  C  CA  . TYR A 1 120 ? 1.393   8.821   12.146  1.00 10.33 ? 120 TYR A CA  1 
ATOM   878  C  C   . TYR A 1 120 ? 1.801   7.922   13.333  1.00 11.53 ? 120 TYR A C   1 
ATOM   879  O  O   . TYR A 1 120 ? 0.977   7.167   13.863  1.00 14.01 ? 120 TYR A O   1 
ATOM   880  C  CB  . TYR A 1 120 ? 0.361   8.114   11.183  1.00 9.42  ? 120 TYR A CB  1 
ATOM   881  C  CG  . TYR A 1 120 ? -0.093  9.060   10.156  1.00 10.03 ? 120 TYR A CG  1 
ATOM   882  C  CD1 . TYR A 1 120 ? -1.025  10.049  10.502  1.00 10.71 ? 120 TYR A CD1 1 
ATOM   883  C  CD2 . TYR A 1 120 ? 0.578   9.150   8.938   1.00 10.90 ? 120 TYR A CD2 1 
ATOM   884  C  CE1 . TYR A 1 120 ? -1.383  11.056  9.609   1.00 10.67 ? 120 TYR A CE1 1 
ATOM   885  C  CE2 . TYR A 1 120 ? 0.253   10.174  8.036   1.00 12.85 ? 120 TYR A CE2 1 
ATOM   886  C  CZ  . TYR A 1 120 ? -0.736  11.118  8.369   1.00 12.62 ? 120 TYR A CZ  1 
ATOM   887  O  OH  . TYR A 1 120 ? -1.042  12.132  7.454   1.00 14.66 ? 120 TYR A OH  1 
ATOM   888  N  N   . GLY A 1 121 ? 3.083   8.004   13.774  1.00 11.20 ? 121 GLY A N   1 
ATOM   889  C  CA  . GLY A 1 121 ? 3.599   7.246   14.890  1.00 11.08 ? 121 GLY A CA  1 
ATOM   890  C  C   . GLY A 1 121 ? 4.131   5.872   14.531  1.00 10.86 ? 121 GLY A C   1 
ATOM   891  O  O   . GLY A 1 121 ? 4.441   5.082   15.414  1.00 11.53 ? 121 GLY A O   1 
ATOM   892  N  N   . GLY A 1 122 ? 4.153   5.583   13.214  1.00 10.73 ? 122 GLY A N   1 
ATOM   893  C  CA  . GLY A 1 122 ? 4.610   4.292   12.766  1.00 9.94  ? 122 GLY A CA  1 
ATOM   894  C  C   . GLY A 1 122 ? 6.122   4.143   12.987  1.00 10.80 ? 122 GLY A C   1 
ATOM   895  O  O   . GLY A 1 122 ? 6.950   5.062   12.843  1.00 11.24 ? 122 GLY A O   1 
ATOM   896  N  N   . ASP A 1 123 ? 6.500   2.907   13.395  1.00 10.51 ? 123 ASP A N   1 
ATOM   897  C  CA  . ASP A 1 123 ? 7.864   2.500   13.468  1.00 11.12 ? 123 ASP A CA  1 
ATOM   898  C  C   . ASP A 1 123 ? 8.202   1.929   12.079  1.00 11.37 ? 123 ASP A C   1 
ATOM   899  O  O   . ASP A 1 123 ? 7.610   0.930   11.667  1.00 11.58 ? 123 ASP A O   1 
ATOM   900  C  CB  . ASP A 1 123 ? 7.966   1.321   14.496  1.00 12.17 ? 123 ASP A CB  1 
ATOM   901  C  CG  . ASP A 1 123 ? 9.345   0.657   14.597  1.00 11.89 ? 123 ASP A CG  1 
ATOM   902  O  OD1 . ASP A 1 123 ? 10.288  0.941   13.856  1.00 15.73 ? 123 ASP A OD1 1 
ATOM   903  O  OD2 . ASP A 1 123 ? 9.465   -0.198  15.474  1.00 17.48 ? 123 ASP A OD2 1 
ATOM   904  N  N   . GLU A 1 124 ? 9.134   2.496   11.328  1.00 11.18 ? 124 GLU A N   1 
ATOM   905  C  CA  . GLU A 1 124 ? 9.416   2.033   9.971   1.00 10.75 ? 124 GLU A CA  1 
ATOM   906  C  C   . GLU A 1 124 ? 9.891   0.584   9.980   1.00 12.01 ? 124 GLU A C   1 
ATOM   907  O  O   . GLU A 1 124 ? 9.646   -0.104  8.968   1.00 12.39 ? 124 GLU A O   1 
ATOM   908  C  CB  . GLU A 1 124 ? 10.361  3.047   9.254   1.00 11.77 ? 124 GLU A CB  1 
ATOM   909  C  CG  . GLU A 1 124 ? 10.814  2.658   7.848   1.00 19.19 ? 124 GLU A CG  1 
ATOM   910  C  CD  . GLU A 1 124 ? 11.424  3.827   7.040   1.00 26.12 ? 124 GLU A CD  1 
ATOM   911  O  OE1 . GLU A 1 124 ? 11.724  4.910   7.653   1.00 23.45 ? 124 GLU A OE1 1 
ATOM   912  O  OE2 . GLU A 1 124 ? 11.612  3.666   5.752   1.00 23.32 ? 124 GLU A OE2 1 
ATOM   913  N  N   . GLY A 1 125 ? 10.561  0.130   11.044  1.00 10.66 ? 125 GLY A N   1 
ATOM   914  C  CA  . GLY A 1 125 ? 11.012  -1.248  11.119  1.00 10.85 ? 125 GLY A CA  1 
ATOM   915  C  C   . GLY A 1 125 ? 9.813   -2.200  11.268  1.00 11.42 ? 125 GLY A C   1 
ATOM   916  O  O   . GLY A 1 125 ? 9.832   -3.307  10.720  1.00 12.07 ? 125 GLY A O   1 
ATOM   917  N  N   . ALA A 1 126 ? 8.771   -1.782  11.998  1.00 9.89  ? 126 ALA A N   1 
ATOM   918  C  CA  . ALA A 1 126 ? 7.566   -2.559  12.161  1.00 9.78  ? 126 ALA A CA  1 
ATOM   919  C  C   . ALA A 1 126 ? 6.816   -2.688  10.816  1.00 10.41 ? 126 ALA A C   1 
ATOM   920  O  O   . ALA A 1 126 ? 6.381   -3.788  10.464  1.00 10.61 ? 126 ALA A O   1 
ATOM   921  C  CB  . ALA A 1 126 ? 6.611   -2.001  13.214  1.00 10.05 ? 126 ALA A CB  1 
ATOM   922  N  N   . TRP A 1 127 ? 6.639   -1.605  10.085  1.00 9.44  ? 127 TRP A N   1 
ATOM   923  C  CA  . TRP A 1 127 ? 5.996   -1.584  8.792   1.00 7.86  ? 127 TRP A CA  1 
ATOM   924  C  C   . TRP A 1 127 ? 6.867   -2.368  7.787   1.00 9.86  ? 127 TRP A C   1 
ATOM   925  O  O   . TRP A 1 127 ? 6.301   -3.073  6.912   1.00 11.21 ? 127 TRP A O   1 
ATOM   926  C  CB  . TRP A 1 127 ? 5.686   -0.166  8.272   1.00 8.04  ? 127 TRP A CB  1 
ATOM   927  C  CG  . TRP A 1 127 ? 4.449   0.419   8.933   1.00 8.37  ? 127 TRP A CG  1 
ATOM   928  C  CD1 . TRP A 1 127 ? 4.358   1.139   10.101  1.00 8.70  ? 127 TRP A CD1 1 
ATOM   929  C  CD2 . TRP A 1 127 ? 3.121   0.193   8.481   1.00 8.31  ? 127 TRP A CD2 1 
ATOM   930  N  NE1 . TRP A 1 127 ? 3.054   1.400   10.398  1.00 9.22  ? 127 TRP A NE1 1 
ATOM   931  C  CE2 . TRP A 1 127 ? 2.271   0.842   9.387   1.00 9.22  ? 127 TRP A CE2 1 
ATOM   932  C  CE3 . TRP A 1 127 ? 2.610   -0.415  7.324   1.00 9.65  ? 127 TRP A CE3 1 
ATOM   933  C  CZ2 . TRP A 1 127 ? 0.906   0.803   9.263   1.00 10.12 ? 127 TRP A CZ2 1 
ATOM   934  C  CZ3 . TRP A 1 127 ? 1.231   -0.443  7.190   1.00 10.12 ? 127 TRP A CZ3 1 
ATOM   935  C  CH2 . TRP A 1 127 ? 0.399   0.177   8.147   1.00 10.37 ? 127 TRP A CH2 1 
ATOM   936  N  N   . THR A 1 128 ? 8.195   -2.389  7.938   1.00 10.88 ? 128 THR A N   1 
ATOM   937  C  CA  . THR A 1 128 ? 9.018   -3.173  6.994   1.00 11.50 ? 128 THR A CA  1 
ATOM   938  C  C   . THR A 1 128 ? 8.826   -4.669  7.272   1.00 12.41 ? 128 THR A C   1 
ATOM   939  O  O   . THR A 1 128 ? 8.811   -5.453  6.314   1.00 12.43 ? 128 THR A O   1 
ATOM   940  C  CB  . THR A 1 128 ? 10.505  -2.739  7.221   1.00 12.14 ? 128 THR A CB  1 
ATOM   941  O  OG1 . THR A 1 128 ? 10.595  -1.420  6.730   1.00 18.67 ? 128 THR A OG1 1 
ATOM   942  C  CG2 . THR A 1 128 ? 11.449  -3.586  6.364   1.00 18.96 ? 128 THR A CG2 1 
ATOM   943  N  N   . ALA A 1 129 ? 8.662   -5.055  8.538   1.00 13.18 ? 129 ALA A N   1 
ATOM   944  C  CA  . ALA A 1 129 ? 8.490   -6.459  8.950   1.00 13.13 ? 129 ALA A CA  1 
ATOM   945  C  C   . ALA A 1 129 ? 7.151   -6.970  8.406   1.00 14.39 ? 129 ALA A C   1 
ATOM   946  O  O   . ALA A 1 129 ? 7.056   -8.106  7.888   1.00 14.65 ? 129 ALA A O   1 
ATOM   947  C  CB  . ALA A 1 129 ? 8.616   -6.619  10.463  1.00 11.61 ? 129 ALA A CB  1 
ATOM   948  N  N   . VAL A 1 130 ? 6.091   -6.143  8.480   1.00 11.96 ? 130 VAL A N   1 
ATOM   949  C  CA  . VAL A 1 130 ? 4.742   -6.539  8.036   1.00 11.66 ? 130 VAL A CA  1 
ATOM   950  C  C   . VAL A 1 130 ? 4.734   -6.615  6.503   1.00 13.38 ? 130 VAL A C   1 
ATOM   951  O  O   . VAL A 1 130 ? 4.134   -7.583  5.893   1.00 13.38 ? 130 VAL A O   1 
ATOM   952  C  CB  . VAL A 1 130 ? 3.708   -5.556  8.524   1.00 11.54 ? 130 VAL A CB  1 
ATOM   953  C  CG1 . VAL A 1 130 ? 2.460   -5.632  7.637   1.00 17.28 ? 130 VAL A CG1 1 
ATOM   954  C  CG2 . VAL A 1 130 ? 3.363   -5.805  9.987   1.00 16.81 ? 130 VAL A CG2 1 
ATOM   955  N  N   . ALA A 1 131 ? 5.516   -5.714  5.839   1.00 13.18 ? 131 ALA A N   1 
ATOM   956  C  CA  . ALA A 1 131 ? 5.574   -5.754  4.365   1.00 13.21 ? 131 ALA A CA  1 
ATOM   957  C  C   . ALA A 1 131 ? 6.262   -7.064  3.919   1.00 14.67 ? 131 ALA A C   1 
ATOM   958  O  O   . ALA A 1 131 ? 5.845   -7.727  2.947   1.00 14.88 ? 131 ALA A O   1 
ATOM   959  C  CB  . ALA A 1 131 ? 6.294   -4.531  3.798   1.00 11.68 ? 131 ALA A CB  1 
ATOM   960  N  N   . GLY A 1 132 ? 7.297   -7.439  4.665   1.00 12.93 ? 132 GLY A N   1 
ATOM   961  C  CA  . GLY A 1 132 ? 8.057   -8.641  4.376   1.00 13.18 ? 132 GLY A CA  1 
ATOM   962  C  C   . GLY A 1 132 ? 7.176   -9.865  4.532   1.00 14.10 ? 132 GLY A C   1 
ATOM   963  O  O   . GLY A 1 132 ? 7.260   -10.775 3.705   1.00 15.14 ? 132 GLY A O   1 
ATOM   964  N  N   . ALA A 1 133 ? 6.361   -9.950  5.546   1.00 14.26 ? 133 ALA A N   1 
ATOM   965  C  CA  . ALA A 1 133 ? 5.494   -11.114 5.726   1.00 13.93 ? 133 ALA A CA  1 
ATOM   966  C  C   . ALA A 1 133 ? 4.481   -11.156 4.570   1.00 15.07 ? 133 ALA A C   1 
ATOM   967  O  O   . ALA A 1 133 ? 4.170   -12.241 4.067   1.00 16.37 ? 133 ALA A O   1 
ATOM   968  C  CB  . ALA A 1 133 ? 4.714   -11.059 7.045   1.00 12.97 ? 133 ALA A CB  1 
ATOM   969  N  N   . LEU A 1 134 ? 3.859   -10.028 4.182   1.00 12.52 ? 134 LEU A N   1 
ATOM   970  C  CA  . LEU A 1 134 ? 2.864   -10.040 3.130   1.00 11.69 ? 134 LEU A CA  1 
ATOM   971  C  C   . LEU A 1 134 ? 3.563   -10.360 1.797   1.00 12.14 ? 134 LEU A C   1 
ATOM   972  O  O   . LEU A 1 134 ? 2.988   -11.067 0.939   1.00 12.59 ? 134 LEU A O   1 
ATOM   973  C  CB  . LEU A 1 134 ? 2.144   -8.680  3.035   1.00 11.35 ? 134 LEU A CB  1 
ATOM   974  C  CG  . LEU A 1 134 ? 1.301   -8.295  4.246   1.00 13.86 ? 134 LEU A CG  1 
ATOM   975  C  CD1 . LEU A 1 134 ? 0.811   -6.866  4.013   1.00 17.03 ? 134 LEU A CD1 1 
ATOM   976  C  CD2 . LEU A 1 134 ? 0.067   -9.174  4.451   1.00 17.89 ? 134 LEU A CD2 1 
ATOM   977  N  N   . MET A 1 135 ? 4.732   -9.787  1.493   1.00 10.62 ? 135 MET A N   1 
ATOM   978  C  CA  . MET A 1 135 ? 5.384   -10.056 0.221   1.00 11.80 ? 135 MET A CA  1 
ATOM   979  C  C   . MET A 1 135 ? 5.758   -11.512 0.113   1.00 14.23 ? 135 MET A C   1 
ATOM   980  O  O   . MET A 1 135 ? 5.790   -12.069 -0.979  1.00 15.29 ? 135 MET A O   1 
ATOM   981  C  CB  . MET A 1 135 ? 6.663   -9.222  -0.007  1.00 12.50 ? 135 MET A CB  1 
ATOM   982  C  CG  . MET A 1 135 ? 6.400   -7.771  -0.381  1.00 14.79 ? 135 MET A CG  1 
ATOM   983  S  SD  . MET A 1 135 ? 5.394   -7.499  -1.850  1.00 17.16 ? 135 MET A SD  1 
ATOM   984  C  CE  . MET A 1 135 ? 6.274   -8.410  -3.120  1.00 20.15 ? 135 MET A CE  1 
ATOM   985  N  N   . GLY A 1 136 ? 6.054   -12.160 1.206   1.00 15.52 ? 136 GLY A N   1 
ATOM   986  C  CA  . GLY A 1 136 ? 6.347   -13.587 1.147   1.00 17.48 ? 136 GLY A CA  1 
ATOM   987  C  C   . GLY A 1 136 ? 5.118   -14.383 0.693   1.00 18.11 ? 136 GLY A C   1 
ATOM   988  O  O   . GLY A 1 136 ? 5.267   -15.482 0.186   1.00 18.51 ? 136 GLY A O   1 
ATOM   989  N  N   . GLU A 1 137 ? 3.920   -13.858 0.874   1.00 16.98 ? 137 GLU A N   1 
ATOM   990  C  CA  . GLU A 1 137 ? 2.714   -14.497 0.403   1.00 17.73 ? 137 GLU A CA  1 
ATOM   991  C  C   . GLU A 1 137 ? 2.372   -13.997 -1.002  1.00 19.26 ? 137 GLU A C   1 
ATOM   992  O  O   . GLU A 1 137 ? 1.714   -14.736 -1.722  1.00 21.41 ? 137 GLU A O   1 
ATOM   993  C  CB  . GLU A 1 137 ? 1.446   -14.368 1.283   1.00 16.71 ? 137 GLU A CB  1 
ATOM   994  C  CG  . GLU A 1 137 ? 1.490   -14.904 2.717   1.00 17.17 ? 137 GLU A CG  1 
ATOM   995  C  CD  . GLU A 1 137 ? 0.453   -14.283 3.691   1.00 6.46  ? 137 GLU A CD  1 
ATOM   996  O  OE1 . GLU A 1 137 ? -0.366  -13.458 3.327   1.00 37.48 ? 137 GLU A OE1 1 
ATOM   997  O  OE2 . GLU A 1 137 ? 0.668   -14.353 4.908   1.00 37.23 ? 137 GLU A OE2 1 
ATOM   998  N  N   . ILE A 1 138 ? 2.748   -12.802 -1.434  1.00 17.84 ? 138 ILE A N   1 
ATOM   999  C  CA  . ILE A 1 138 ? 2.407   -12.292 -2.761  1.00 18.02 ? 138 ILE A CA  1 
ATOM   1000 C  C   . ILE A 1 138 ? 3.398   -12.733 -3.858  1.00 20.00 ? 138 ILE A C   1 
ATOM   1001 O  O   . ILE A 1 138 ? 3.039   -13.115 -4.984  1.00 19.40 ? 138 ILE A O   1 
ATOM   1002 C  CB  . ILE A 1 138 ? 2.390   -10.752 -2.643  1.00 17.16 ? 138 ILE A CB  1 
ATOM   1003 C  CG1 . ILE A 1 138 ? 1.245   -10.292 -1.711  1.00 16.07 ? 138 ILE A CG1 1 
ATOM   1004 C  CG2 . ILE A 1 138 ? 2.514   -9.980  -3.962  1.00 16.48 ? 138 ILE A CG2 1 
ATOM   1005 C  CD1 . ILE A 1 138 ? 1.435   -8.835  -1.244  1.00 16.37 ? 138 ILE A CD1 1 
ATOM   1006 N  N   . GLU A 1 139 ? 4.693   -12.598 -3.539  1.00 21.91 ? 139 GLU A N   1 
ATOM   1007 C  CA  . GLU A 1 139 ? 5.754   -12.848 -4.493  1.00 23.17 ? 139 GLU A CA  1 
ATOM   1008 C  C   . GLU A 1 139 ? 5.660   -14.145 -5.259  1.00 25.61 ? 139 GLU A C   1 
ATOM   1009 O  O   . GLU A 1 139 ? 5.808   -14.159 -6.481  1.00 26.20 ? 139 GLU A O   1 
ATOM   1010 C  CB  . GLU A 1 139 ? 7.132   -12.501 -3.903  1.00 23.33 ? 139 GLU A CB  1 
ATOM   1011 C  CG  . GLU A 1 139 ? 8.258   -12.690 -4.905  1.00 29.84 ? 139 GLU A CG  1 
ATOM   1012 C  CD  . GLU A 1 139 ? 9.495   -11.872 -4.576  1.00 68.68 ? 139 GLU A CD  1 
ATOM   1013 O  OE1 . GLU A 1 139 ? 9.665   -11.387 -3.458  1.00 62.69 ? 139 GLU A OE1 1 
ATOM   1014 O  OE2 . GLU A 1 139 ? 10.149  -11.566 -5.626  1.00 62.39 ? 139 GLU A OE2 1 
ATOM   1015 N  N   . PRO A 1 140 ? 5.397   -15.247 -4.604  1.00 28.16 ? 140 PRO A N   1 
ATOM   1016 C  CA  . PRO A 1 140 ? 5.304   -16.525 -5.333  1.00 29.43 ? 140 PRO A CA  1 
ATOM   1017 C  C   . PRO A 1 140 ? 4.183   -16.542 -6.377  1.00 28.77 ? 140 PRO A C   1 
ATOM   1018 O  O   . PRO A 1 140 ? 4.203   -17.344 -7.305  1.00 30.09 ? 140 PRO A O   1 
ATOM   1019 C  CB  . PRO A 1 140 ? 5.027   -17.607 -4.274  1.00 30.38 ? 140 PRO A CB  1 
ATOM   1020 C  CG  . PRO A 1 140 ? 4.922   -16.887 -2.939  1.00 30.99 ? 140 PRO A CG  1 
ATOM   1021 C  CD  . PRO A 1 140 ? 5.428   -15.456 -3.128  1.00 29.82 ? 140 PRO A CD  1 
ATOM   1022 N  N   . ASP A 1 141 ? 3.174   -15.669 -6.237  1.00 25.11 ? 141 ASP A N   1 
ATOM   1023 C  CA  . ASP A 1 141 ? 2.074   -15.634 -7.192  1.00 22.45 ? 141 ASP A CA  1 
ATOM   1024 C  C   . ASP A 1 141 ? 2.234   -14.572 -8.277  1.00 23.54 ? 141 ASP A C   1 
ATOM   1025 O  O   . ASP A 1 141 ? 1.318   -14.235 -9.037  1.00 23.91 ? 141 ASP A O   1 
ATOM   1026 C  CB  . ASP A 1 141 ? 0.732   -15.422 -6.511  1.00 21.52 ? 141 ASP A CB  1 
ATOM   1027 C  CG  . ASP A 1 141 ? 0.524   -16.479 -5.466  1.00 60.92 ? 141 ASP A CG  1 
ATOM   1028 O  OD1 . ASP A 1 141 ? 0.260   -17.639 -5.889  1.00 48.34 ? 141 ASP A OD1 1 
ATOM   1029 O  OD2 . ASP A 1 141 ? 0.685   -16.177 -4.258  1.00 48.69 ? 141 ASP A OD2 1 
ATOM   1030 N  N   . MET A 1 142 ? 3.433   -14.009 -8.398  1.00 26.23 ? 142 MET A N   1 
ATOM   1031 C  CA  . MET A 1 142 ? 3.727   -13.021 -9.408  1.00 30.27 ? 142 MET A CA  1 
ATOM   1032 C  C   . MET A 1 142 ? 4.638   -13.494 -10.518 1.00 28.83 ? 142 MET A C   1 
ATOM   1033 O  O   . MET A 1 142 ? 5.194   -12.613 -11.230 1.00 27.63 ? 142 MET A O   1 
ATOM   1034 C  CB  . MET A 1 142 ? 4.080   -11.674 -8.788  1.00 34.78 ? 142 MET A CB  1 
ATOM   1035 C  CG  . MET A 1 142 ? 2.636   -11.412 -8.662  1.00 36.52 ? 142 MET A CG  1 
ATOM   1036 S  SD  . MET A 1 142 ? 2.204   -9.885  -8.080  1.00 33.45 ? 142 MET A SD  1 
ATOM   1037 C  CE  . MET A 1 142 ? 2.648   -8.825  -9.448  1.00 20.63 ? 142 MET A CE  1 
ATOM   1038 O  OXT . MET A 1 142 ? 4.639   -14.715 -10.697 1.00 29.16 ? 142 MET A OXT 1 
HETATM 1039 C  CHA . HEM B 2 .   ? -6.369  -1.311  -8.365  1.00 9.80  ? 143 HEM A CHA 1 
HETATM 1040 C  CHB . HEM B 2 .   ? -4.681  -1.939  -3.839  1.00 13.02 ? 143 HEM A CHB 1 
HETATM 1041 C  CHC . HEM B 2 .   ? -0.199  -1.369  -5.501  1.00 13.09 ? 143 HEM A CHC 1 
HETATM 1042 C  CHD . HEM B 2 .   ? -1.879  -0.276  -9.828  1.00 14.04 ? 143 HEM A CHD 1 
HETATM 1043 C  C1A . HEM B 2 .   ? -6.263  -1.618  -6.993  1.00 8.82  ? 143 HEM A C1A 1 
HETATM 1044 C  C2A . HEM B 2 .   ? -7.383  -2.091  -6.160  1.00 11.96 ? 143 HEM A C2A 1 
HETATM 1045 C  C3A . HEM B 2 .   ? -6.917  -2.232  -4.899  1.00 10.19 ? 143 HEM A C3A 1 
HETATM 1046 C  C4A . HEM B 2 .   ? -5.486  -1.983  -4.988  1.00 9.73  ? 143 HEM A C4A 1 
HETATM 1047 C  CMA . HEM B 2 .   ? -7.733  -2.666  -3.665  1.00 15.20 ? 143 HEM A CMA 1 
HETATM 1048 C  CAA . HEM B 2 .   ? -8.793  -2.428  -6.668  1.00 12.95 ? 143 HEM A CAA 1 
HETATM 1049 C  CBA . HEM B 2 .   ? -8.995  -3.949  -6.919  1.00 12.47 ? 143 HEM A CBA 1 
HETATM 1050 C  CGA . HEM B 2 .   ? -8.384  -4.329  -8.204  1.00 21.21 ? 143 HEM A CGA 1 
HETATM 1051 O  O1A . HEM B 2 .   ? -8.905  -3.900  -9.256  1.00 29.26 ? 143 HEM A O1A 1 
HETATM 1052 O  O2A . HEM B 2 .   ? -7.280  -4.835  -8.187  1.00 20.91 ? 143 HEM A O2A 1 
HETATM 1053 C  C1B . HEM B 2 .   ? -3.316  -1.715  -3.854  1.00 9.72  ? 143 HEM A C1B 1 
HETATM 1054 C  C2B . HEM B 2 .   ? -2.430  -1.869  -2.708  1.00 10.54 ? 143 HEM A C2B 1 
HETATM 1055 C  C3B . HEM B 2 .   ? -1.165  -1.772  -3.173  1.00 9.67  ? 143 HEM A C3B 1 
HETATM 1056 C  C4B . HEM B 2 .   ? -1.245  -1.571  -4.630  1.00 10.26 ? 143 HEM A C4B 1 
HETATM 1057 C  CMB . HEM B 2 .   ? -3.059  -2.063  -1.293  1.00 12.53 ? 143 HEM A CMB 1 
HETATM 1058 C  CAB . HEM B 2 .   ? 0.218   -1.909  -2.574  1.00 16.99 ? 143 HEM A CAB 1 
HETATM 1059 C  CBB . HEM B 2 .   ? 0.545   -2.248  -1.294  1.00 30.70 ? 143 HEM A CBB 1 
HETATM 1060 C  C1C . HEM B 2 .   ? -0.296  -1.000  -6.840  1.00 12.22 ? 143 HEM A C1C 1 
HETATM 1061 C  C2C . HEM B 2 .   ? 0.904   -0.689  -7.640  1.00 10.90 ? 143 HEM A C2C 1 
HETATM 1062 C  C3C . HEM B 2 .   ? 0.401   -0.345  -8.847  1.00 11.95 ? 143 HEM A C3C 1 
HETATM 1063 C  C4C . HEM B 2 .   ? -1.035  -0.490  -8.736  1.00 12.32 ? 143 HEM A C4C 1 
HETATM 1064 C  CMC . HEM B 2 .   ? 2.332   -0.634  -7.144  1.00 14.95 ? 143 HEM A CMC 1 
HETATM 1065 C  CAC . HEM B 2 .   ? 1.086   0.119   -10.157 1.00 16.40 ? 143 HEM A CAC 1 
HETATM 1066 C  CBC . HEM B 2 .   ? 2.371   -0.186  -10.473 1.00 16.30 ? 143 HEM A CBC 1 
HETATM 1067 C  C1D . HEM B 2 .   ? -3.236  -0.446  -9.807  1.00 13.29 ? 143 HEM A C1D 1 
HETATM 1068 C  C2D . HEM B 2 .   ? -4.094  -0.195  -10.955 1.00 11.24 ? 143 HEM A C2D 1 
HETATM 1069 C  C3D . HEM B 2 .   ? -5.342  -0.514  -10.573 1.00 10.59 ? 143 HEM A C3D 1 
HETATM 1070 C  C4D . HEM B 2 .   ? -5.307  -0.876  -9.144  1.00 10.48 ? 143 HEM A C4D 1 
HETATM 1071 C  CMD . HEM B 2 .   ? -3.583  0.389   -12.298 1.00 18.22 ? 143 HEM A CMD 1 
HETATM 1072 C  CAD . HEM B 2 .   ? -6.604  -0.231  -11.404 1.00 11.88 ? 143 HEM A CAD 1 
HETATM 1073 C  CBD . HEM B 2 .   ? -6.953  1.276   -11.422 1.00 24.34 ? 143 HEM A CBD 1 
HETATM 1074 C  CGD . HEM B 2 .   ? -8.198  1.554   -12.218 1.00 58.35 ? 143 HEM A CGD 1 
HETATM 1075 O  O1D . HEM B 2 .   ? -9.289  1.383   -11.663 1.00 30.07 ? 143 HEM A O1D 1 
HETATM 1076 O  O2D . HEM B 2 .   ? -8.099  1.739   -13.438 1.00 39.56 ? 143 HEM A O2D 1 
HETATM 1077 N  NA  . HEM B 2 .   ? -5.050  -1.647  -6.277  1.00 12.70 ? 143 HEM A NA  1 
HETATM 1078 N  NB  . HEM B 2 .   ? -2.555  -1.471  -4.963  1.00 10.32 ? 143 HEM A NB  1 
HETATM 1079 N  NC  . HEM B 2 .   ? -1.528  -0.802  -7.485  1.00 12.37 ? 143 HEM A NC  1 
HETATM 1080 N  ND  . HEM B 2 .   ? -3.986  -0.814  -8.704  1.00 12.67 ? 143 HEM A ND  1 
HETATM 1081 FE FE  . HEM B 2 .   ? -3.292  -1.224  -6.923  1.00 11.98 ? 143 HEM A FE  1 
HETATM 1082 O  O   . HOH C 3 .   ? -3.566  0.964   -6.347  1.00 14.52 ? 202 HOH A O   1 
HETATM 1083 O  O   . HOH C 3 .   ? -19.347 -19.494 -12.845 1.00 18.59 ? 203 HOH A O   1 
HETATM 1084 O  O   . HOH C 3 .   ? -7.999  -23.611 -21.858 1.00 25.25 ? 204 HOH A O   1 
HETATM 1085 O  O   . HOH C 3 .   ? -10.451 -1.986  -1.202  1.00 15.05 ? 205 HOH A O   1 
HETATM 1086 O  O   . HOH C 3 .   ? -9.698  11.920  6.604   1.00 15.83 ? 207 HOH A O   1 
HETATM 1087 O  O   . HOH C 3 .   ? -5.435  1.529   -4.453  1.00 25.69 ? 208 HOH A O   1 
HETATM 1088 O  O   . HOH C 3 .   ? -6.483  -6.197  -6.062  1.00 22.93 ? 210 HOH A O   1 
HETATM 1089 O  O   . HOH C 3 .   ? -11.895 11.711  12.615  1.00 29.85 ? 211 HOH A O   1 
HETATM 1090 O  O   . HOH C 3 .   ? -23.087 -19.696 1.469   1.00 25.78 ? 212 HOH A O   1 
HETATM 1091 O  O   . HOH C 3 .   ? -7.928  -8.956  -2.093  1.00 24.75 ? 213 HOH A O   1 
HETATM 1092 O  O   . HOH C 3 .   ? -20.427 -20.850 -6.765  1.00 19.86 ? 214 HOH A O   1 
HETATM 1093 O  O   . HOH C 3 .   ? -4.681  2.676   -15.110 1.00 26.79 ? 215 HOH A O   1 
HETATM 1094 O  O   . HOH C 3 .   ? -10.393 -4.825  -1.466  1.00 19.06 ? 216 HOH A O   1 
HETATM 1095 O  O   . HOH C 3 .   ? 1.729   20.446  -9.547  1.00 22.51 ? 219 HOH A O   1 
HETATM 1096 O  O   . HOH C 3 .   ? -18.302 13.691  14.863  1.00 21.94 ? 220 HOH A O   1 
HETATM 1097 O  O   . HOH C 3 .   ? -11.609 2.807   -12.726 1.00 80.00 ? 221 HOH A O   1 
HETATM 1098 O  O   . HOH C 3 .   ? -18.056 -17.231 -26.557 1.00 37.19 ? 222 HOH A O   1 
HETATM 1099 O  O   . HOH C 3 .   ? -8.380  -6.664  -4.070  1.00 24.95 ? 226 HOH A O   1 
HETATM 1100 O  O   . HOH C 3 .   ? -18.919 -22.433 -4.949  1.00 26.62 ? 228 HOH A O   1 
HETATM 1101 O  O   . HOH C 3 .   ? 8.423   -10.409 8.677   1.00 22.85 ? 229 HOH A O   1 
HETATM 1102 O  O   . HOH C 3 .   ? -8.437  13.707  -5.101  1.00 31.18 ? 230 HOH A O   1 
HETATM 1103 O  O   . HOH C 3 .   ? -13.109 -21.143 -18.840 1.00 21.16 ? 231 HOH A O   1 
HETATM 1104 O  O   . HOH C 3 .   ? -18.892 -20.442 -10.337 1.00 27.95 ? 232 HOH A O   1 
HETATM 1105 O  O   . HOH C 3 .   ? -13.996 -5.648  -8.170  1.00 28.38 ? 233 HOH A O   1 
HETATM 1106 O  O   . HOH C 3 .   ? 0.604   7.364   -16.355 1.00 37.96 ? 235 HOH A O   1 
HETATM 1107 O  O   . HOH C 3 .   ? -9.867  -2.591  -18.495 1.00 28.36 ? 236 HOH A O   1 
HETATM 1108 O  O   . HOH C 3 .   ? -17.736 3.662   -3.701  1.00 35.54 ? 237 HOH A O   1 
HETATM 1109 O  O   . HOH C 3 .   ? 6.090   0.491   -15.688 1.00 38.96 ? 239 HOH A O   1 
HETATM 1110 O  O   . HOH C 3 .   ? -22.039 -8.766  -14.260 1.00 27.25 ? 240 HOH A O   1 
HETATM 1111 O  O   . HOH C 3 .   ? -5.154  -1.336  -15.302 1.00 24.24 ? 243 HOH A O   1 
HETATM 1112 O  O   . HOH C 3 .   ? -16.395 -8.137  -9.918  1.00 48.97 ? 245 HOH A O   1 
HETATM 1113 O  O   . HOH C 3 .   ? -5.734  -3.407  -17.472 1.00 31.66 ? 247 HOH A O   1 
HETATM 1114 O  O   . HOH C 3 .   ? -20.652 -5.871  10.624  1.00 32.85 ? 248 HOH A O   1 
HETATM 1115 O  O   . HOH C 3 .   ? -21.847 -21.430 -2.704  1.00 21.80 ? 250 HOH A O   1 
HETATM 1116 O  O   . HOH C 3 .   ? -6.637  -10.505 5.122   1.00 38.69 ? 251 HOH A O   1 
HETATM 1117 O  O   . HOH C 3 .   ? -11.310 -6.217  -18.244 1.00 41.02 ? 254 HOH A O   1 
HETATM 1118 O  O   . HOH C 3 .   ? -11.920 11.042  9.774   1.00 35.28 ? 255 HOH A O   1 
HETATM 1119 O  O   . HOH C 3 .   ? -21.615 -24.128 -4.917  1.00 25.17 ? 257 HOH A O   1 
HETATM 1120 O  O   . HOH C 3 .   ? -5.047  15.674  -14.579 1.00 37.11 ? 258 HOH A O   1 
HETATM 1121 O  O   . HOH C 3 .   ? 6.561   -11.204 21.051  1.00 34.33 ? 260 HOH A O   1 
HETATM 1122 O  O   . HOH C 3 .   ? -1.599  16.861  -18.295 1.00 30.58 ? 262 HOH A O   1 
HETATM 1123 O  O   . HOH C 3 .   ? -13.541 -14.457 -9.579  1.00 38.43 ? 263 HOH A O   1 
HETATM 1124 O  O   . HOH C 3 .   ? 10.604  -5.931  4.083   1.00 46.77 ? 265 HOH A O   1 
HETATM 1125 O  O   . HOH C 3 .   ? -6.768  13.039  -14.738 1.00 43.45 ? 266 HOH A O   1 
HETATM 1126 O  O   . HOH C 3 .   ? -23.074 -6.805  11.232  1.00 33.46 ? 267 HOH A O   1 
HETATM 1127 O  O   . HOH C 3 .   ? -15.121 -10.228 -8.974  1.00 74.20 ? 268 HOH A O   1 
HETATM 1128 O  O   . HOH C 3 .   ? -1.971  4.562   -23.740 1.00 40.13 ? 270 HOH A O   1 
HETATM 1129 O  O   . HOH C 3 .   ? -11.936 -2.741  4.713   1.00 27.80 ? 272 HOH A O   1 
HETATM 1130 O  O   . HOH C 3 .   ? -15.310 -12.663 -11.076 1.00 62.80 ? 273 HOH A O   1 
HETATM 1131 O  O   . HOH C 3 .   ? 5.044   -0.535  4.457   1.00 43.93 ? 274 HOH A O   1 
HETATM 1132 O  O   . HOH C 3 .   ? -12.140 -19.960 -21.886 1.00 61.12 ? 275 HOH A O   1 
HETATM 1133 O  O   . HOH C 3 .   ? -25.274 -20.322 3.119   1.00 55.39 ? 276 HOH A O   1 
HETATM 1134 O  O   . HOH C 3 .   ? -10.342 7.394   1.558   1.00 48.63 ? 277 HOH A O   1 
HETATM 1135 O  O   . HOH C 3 .   ? -4.912  16.380  0.017   1.00 39.52 ? 278 HOH A O   1 
HETATM 1136 O  O   . HOH C 3 .   ? -9.199  5.246   12.618  1.00 37.66 ? 280 HOH A O   1 
HETATM 1137 O  O   . HOH C 3 .   ? -9.253  11.904  -0.926  1.00 31.64 ? 281 HOH A O   1 
HETATM 1138 O  O   . HOH C 3 .   ? -14.364 13.329  -5.692  1.00 33.80 ? 284 HOH A O   1 
HETATM 1139 O  O   . HOH C 3 .   ? -8.942  14.109  -2.573  1.00 53.17 ? 286 HOH A O   1 
HETATM 1140 O  O   . HOH C 3 .   ? -34.570 -17.630 -1.205  1.00 19.48 ? 287 HOH A O   1 
HETATM 1141 O  O   . HOH C 3 .   ? 3.882   11.347  5.903   1.00 26.41 ? 292 HOH A O   1 
HETATM 1142 O  O   . HOH C 3 .   ? -20.079 -15.744 -26.442 1.00 32.01 ? 293 HOH A O   1 
HETATM 1143 O  O   . HOH C 3 .   ? -26.428 -23.022 5.151   1.00 34.30 ? 294 HOH A O   1 
HETATM 1144 O  O   . HOH C 3 .   ? -10.437 7.137   -16.312 1.00 41.48 ? 295 HOH A O   1 
HETATM 1145 O  O   . HOH C 3 .   ? -6.854  -7.018  -13.396 1.00 36.03 ? 298 HOH A O   1 
HETATM 1146 O  O   . HOH C 3 .   ? -22.735 -5.381  -13.269 1.00 44.61 ? 299 HOH A O   1 
HETATM 1147 O  O   . HOH C 3 .   ? -9.141  -20.969 -16.966 1.00 75.93 ? 300 HOH A O   1 
HETATM 1148 O  O   . HOH C 3 .   ? -8.158  -22.239 -19.421 1.00 44.80 ? 301 HOH A O   1 
HETATM 1149 O  O   . HOH C 3 .   ? -7.784  -2.575  -14.109 1.00 52.86 ? 302 HOH A O   1 
HETATM 1150 O  O   . HOH C 3 .   ? -20.348 -20.571 2.033   1.00 43.09 ? 307 HOH A O   1 
HETATM 1151 O  O   . HOH C 3 .   ? 4.826   23.268  -3.906  1.00 37.70 ? 308 HOH A O   1 
HETATM 1152 O  O   . HOH C 3 .   ? 3.302   -6.349  23.039  1.00 48.63 ? 310 HOH A O   1 
HETATM 1153 O  O   . HOH C 3 .   ? -15.130 -6.213  -19.460 1.00 52.52 ? 311 HOH A O   1 
HETATM 1154 O  O   . HOH C 3 .   ? -14.324 3.482   1.422   1.00 41.75 ? 312 HOH A O   1 
HETATM 1155 O  O   . HOH C 3 .   ? -12.884 12.178  6.835   1.00 43.04 ? 313 HOH A O   1 
HETATM 1156 O  O   . HOH C 3 .   ? -9.851  1.319   -8.060  1.00 50.23 ? 314 HOH A O   1 
HETATM 1157 O  O   . HOH C 3 .   ? -30.920 -18.126 1.278   1.00 42.28 ? 315 HOH A O   1 
HETATM 1158 O  O   . HOH C 3 .   ? -8.337  9.740   0.407   1.00 56.11 ? 317 HOH A O   1 
HETATM 1159 O  O   . HOH C 3 .   ? -11.961 -13.049 -7.098  1.00 58.60 ? 318 HOH A O   1 
HETATM 1160 O  O   . HOH C 3 .   ? -19.389 -7.738  -13.286 1.00 37.00 ? 319 HOH A O   1 
HETATM 1161 O  O   . HOH C 3 .   ? -23.037 -22.600 0.331   1.00 41.86 ? 320 HOH A O   1 
HETATM 1162 O  O   . HOH C 3 .   ? 5.217   -14.435 4.592   1.00 34.23 ? 321 HOH A O   1 
HETATM 1163 O  O   . HOH C 3 .   ? -11.859 2.911   2.097   1.00 33.84 ? 322 HOH A O   1 
HETATM 1164 O  O   . HOH C 3 .   ? -12.594 11.847  3.042   1.00 65.19 ? 325 HOH A O   1 
HETATM 1165 O  O   . HOH C 3 .   ? -12.238 0.617   -18.818 1.00 41.12 ? 326 HOH A O   1 
HETATM 1166 O  O   . HOH C 3 .   ? -0.390  25.875  -5.519  1.00 74.38 ? 327 HOH A O   1 
HETATM 1167 O  O   . HOH C 3 .   ? -27.501 -22.156 7.472   1.00 49.88 ? 328 HOH A O   1 
HETATM 1168 O  O   . HOH C 3 .   ? -10.580 8.999   -0.936  1.00 42.66 ? 330 HOH A O   1 
HETATM 1169 O  O   . HOH C 3 .   ? -10.724 7.226   19.173  1.00 61.78 ? 332 HOH A O   1 
HETATM 1170 O  O   . HOH C 3 .   ? -19.019 12.538  8.186   1.00 40.36 ? 336 HOH A O   1 
HETATM 1171 O  O   . HOH C 3 .   ? -12.753 -1.961  -8.449  1.00 50.23 ? 337 HOH A O   1 
HETATM 1172 O  O   . HOH C 3 .   ? 9.655   -8.529  -4.699  1.00 51.14 ? 338 HOH A O   1 
HETATM 1173 O  O   . HOH C 3 .   ? -10.911 -14.300 -4.864  1.00 57.62 ? 339 HOH A O   1 
HETATM 1174 O  O   . HOH C 3 .   ? -10.026 13.571  -14.074 1.00 75.62 ? 340 HOH A O   1 
HETATM 1175 O  O   . HOH C 3 .   ? -6.248  10.246  15.562  1.00 55.58 ? 342 HOH A O   1 
HETATM 1176 O  O   . HOH C 3 .   ? -11.007 4.399   20.241  1.00 42.19 ? 345 HOH A O   1 
HETATM 1177 O  O   . HOH C 3 .   ? -19.293 15.087  9.954   1.00 48.28 ? 346 HOH A O   1 
HETATM 1178 O  O   . HOH C 3 .   ? -24.904 -8.733  9.370   1.00 42.75 ? 347 HOH A O   1 
HETATM 1179 O  O   . HOH C 3 .   ? -19.748 12.485  12.077  1.00 69.37 ? 349 HOH A O   1 
HETATM 1180 O  O   . HOH C 3 .   ? 45.798  26.265  8.853   1.00 22.92 ? 350 HOH A O   1 
HETATM 1181 O  O   . HOH C 3 .   ? -0.966  9.816   -17.151 1.00 30.32 ? 351 HOH A O   1 
HETATM 1182 O  O   . HOH C 3 .   ? 36.755  19.875  15.447  1.00 30.80 ? 352 HOH A O   1 
HETATM 1183 O  O   . HOH C 3 .   ? 49.350  25.238  10.424  1.00 42.29 ? 354 HOH A O   1 
HETATM 1184 O  O   . HOH C 3 .   ? -9.517  1.455   8.243   1.00 51.57 ? 355 HOH A O   1 
HETATM 1185 O  O   . HOH C 3 .   ? 14.458  10.747  9.360   1.00 58.28 ? 356 HOH A O   1 
HETATM 1186 O  O   . HOH C 3 .   ? -10.865 8.186   4.067   1.00 36.90 ? 357 HOH A O   1 
HETATM 1187 O  O   . HOH C 3 .   ? -15.111 10.939  -12.177 1.00 62.89 ? 358 HOH A O   1 
HETATM 1188 O  O   . HOH C 3 .   ? 8.918   -3.683  0.710   1.00 47.31 ? 359 HOH A O   1 
HETATM 1189 O  O   . HOH C 3 .   ? 52.211  20.202  17.553  1.00 52.91 ? 360 HOH A O   1 
HETATM 1190 O  O   . HOH C 3 .   ? -11.474 0.947   5.375   1.00 39.31 ? 361 HOH A O   1 
HETATM 1191 O  O   . HOH C 3 .   ? 38.504  21.861  13.398  1.00 48.27 ? 362 HOH A O   1 
HETATM 1192 O  O   . HOH C 3 .   ? -2.247  -1.004  -15.595 1.00 25.82 ? 363 HOH A O   1 
HETATM 1193 O  O   . HOH C 3 .   ? 37.181  17.318  14.920  1.00 33.16 ? 364 HOH A O   1 
HETATM 1194 O  O   . HOH C 3 .   ? 34.563  20.498  14.557  1.00 38.68 ? 365 HOH A O   1 
HETATM 1195 O  O   . HOH C 3 .   ? 9.294   -10.865 1.763   1.00 34.77 ? 366 HOH A O   1 
HETATM 1196 O  O   . HOH C 3 .   ? 13.786  9.162   -6.322  1.00 40.85 ? 367 HOH A O   1 
HETATM 1197 O  O   . HOH C 3 .   ? 13.467  2.037   1.945   1.00 41.88 ? 369 HOH A O   1 
HETATM 1198 O  O   . HOH C 3 .   ? 6.146   3.369   10.007  1.00 60.75 ? 370 HOH A O   1 
HETATM 1199 O  O   . HOH C 3 .   ? -6.486  20.167  -0.243  1.00 38.56 ? 371 HOH A O   1 
HETATM 1200 O  O   . HOH C 3 .   ? -1.933  -19.440 4.518   1.00 42.11 ? 372 HOH A O   1 
HETATM 1201 O  O   . HOH C 3 .   ? -6.536  1.215   -15.134 1.00 36.96 ? 373 HOH A O   1 
HETATM 1202 O  O   . HOH C 3 .   ? -3.509  1.994   -17.104 1.00 36.60 ? 374 HOH A O   1 
HETATM 1203 O  O   . HOH C 3 .   ? 1.750   1.317   -18.796 1.00 42.10 ? 375 HOH A O   1 
HETATM 1204 O  O   . HOH C 3 .   ? -10.571 -6.692  0.194   1.00 46.31 ? 376 HOH A O   1 
HETATM 1205 O  O   . HOH C 3 .   ? 48.778  13.759  -2.023  1.00 49.43 ? 378 HOH A O   1 
HETATM 1206 O  O   . HOH C 3 .   ? 12.792  0.899   13.628  1.00 44.32 ? 379 HOH A O   1 
HETATM 1207 O  O   . HOH C 3 .   ? 42.243  20.429  0.582   1.00 72.59 ? 380 HOH A O   1 
HETATM 1208 O  O   . HOH C 3 .   ? -11.258 -5.790  -10.739 1.00 56.22 ? 381 HOH A O   1 
HETATM 1209 O  O   . HOH C 3 .   ? 42.264  18.525  3.922   1.00 51.34 ? 382 HOH A O   1 
HETATM 1210 O  O   . HOH C 3 .   ? 53.536  17.721  16.627  1.00 50.02 ? 383 HOH A O   1 
HETATM 1211 O  O   . HOH C 3 .   ? 51.049  14.900  -0.806  1.00 48.40 ? 384 HOH A O   1 
HETATM 1212 O  O   . HOH C 3 .   ? -2.766  20.872  -3.414  1.00 43.86 ? 385 HOH A O   1 
# 
